data_2JNE
#
_entry.id   2JNE
#
_cell.length_a   1.000
_cell.length_b   1.000
_cell.length_c   1.000
_cell.angle_alpha   90.00
_cell.angle_beta   90.00
_cell.angle_gamma   90.00
#
_symmetry.space_group_name_H-M   'P 1'
#
loop_
_entity.id
_entity.type
_entity.pdbx_description
1 polymer 'Hypothetical protein yfgJ'
2 non-polymer 'ZINC ION'
#
_entity_poly.entity_id   1
_entity_poly.type   'polypeptide(L)'
_entity_poly.pdbx_seq_one_letter_code
;FCLTLRRRYTMGSSHHHHHHSSGLVPRGSHMELHCPQCQHVLDQDNGHARCRSCGEFIEMKALCPDCHQPLQVLKACGAV
DYFCQHGHGLISKKRVEFVLA
;
_entity_poly.pdbx_strand_id   A
#
# COMPACT_ATOMS: atom_id res chain seq x y z
N MET A 31 18.55 0.27 2.70
CA MET A 31 18.63 -0.51 1.44
C MET A 31 17.30 -0.47 0.71
N GLU A 32 16.23 -0.34 1.49
CA GLU A 32 14.87 -0.21 0.96
C GLU A 32 14.47 -1.46 0.18
N LEU A 33 13.38 -1.37 -0.55
CA LEU A 33 12.90 -2.50 -1.33
C LEU A 33 13.29 -2.33 -2.80
N HIS A 34 13.62 -3.44 -3.44
CA HIS A 34 14.03 -3.41 -4.84
C HIS A 34 13.00 -4.12 -5.70
N CYS A 35 12.99 -3.77 -6.97
CA CYS A 35 12.05 -4.35 -7.93
C CYS A 35 12.45 -5.78 -8.29
N PRO A 36 11.46 -6.67 -8.45
CA PRO A 36 11.70 -8.04 -8.91
C PRO A 36 11.74 -8.15 -10.43
N GLN A 37 12.21 -7.08 -11.07
CA GLN A 37 12.26 -7.01 -12.53
C GLN A 37 13.23 -5.91 -12.95
N CYS A 38 12.81 -4.66 -12.81
CA CYS A 38 13.67 -3.52 -13.07
C CYS A 38 14.39 -3.17 -11.78
N GLN A 39 15.20 -4.12 -11.33
CA GLN A 39 15.86 -4.09 -10.03
C GLN A 39 16.54 -2.75 -9.73
N HIS A 40 15.86 -1.96 -8.90
CA HIS A 40 16.37 -0.71 -8.36
C HIS A 40 15.52 -0.34 -7.16
N VAL A 41 15.71 0.86 -6.62
CA VAL A 41 14.98 1.27 -5.42
C VAL A 41 13.51 1.58 -5.74
N LEU A 42 12.62 1.13 -4.87
CA LEU A 42 11.21 1.46 -4.96
C LEU A 42 10.89 2.66 -4.08
N ASP A 43 10.47 3.75 -4.69
CA ASP A 43 10.10 4.96 -3.96
C ASP A 43 8.67 4.82 -3.46
N GLN A 44 8.52 4.42 -2.21
CA GLN A 44 7.22 4.05 -1.68
C GLN A 44 6.62 5.15 -0.81
N ASP A 45 5.37 5.48 -1.10
CA ASP A 45 4.59 6.41 -0.30
C ASP A 45 3.26 5.73 0.04
N ASN A 46 2.22 6.51 0.27
CA ASN A 46 0.92 5.94 0.66
C ASN A 46 0.31 5.12 -0.49
N GLY A 47 0.43 3.79 -0.36
CA GLY A 47 -0.18 2.88 -1.31
C GLY A 47 0.39 2.98 -2.71
N HIS A 48 1.50 3.69 -2.86
CA HIS A 48 2.08 3.93 -4.17
C HIS A 48 3.59 3.75 -4.15
N ALA A 49 4.12 3.14 -5.19
CA ALA A 49 5.55 2.91 -5.28
C ALA A 49 6.06 3.25 -6.67
N ARG A 50 6.69 4.41 -6.81
CA ARG A 50 7.27 4.77 -8.08
C ARG A 50 8.72 4.34 -8.13
N CYS A 51 9.10 3.73 -9.22
CA CYS A 51 10.46 3.29 -9.40
C CYS A 51 11.40 4.47 -9.65
N ARG A 52 12.07 4.91 -8.60
CA ARG A 52 13.13 5.89 -8.75
C ARG A 52 14.33 5.23 -9.42
N SER A 53 14.96 5.96 -10.34
CA SER A 53 16.07 5.45 -11.14
C SER A 53 15.59 4.46 -12.23
N CYS A 54 14.37 3.95 -12.10
CA CYS A 54 13.77 3.14 -13.16
C CYS A 54 12.94 4.03 -14.08
N GLY A 55 12.00 4.77 -13.49
CA GLY A 55 11.05 5.56 -14.26
C GLY A 55 9.66 4.95 -14.21
N GLU A 56 9.60 3.67 -13.87
CA GLU A 56 8.36 2.91 -13.83
C GLU A 56 7.43 3.42 -12.72
N PHE A 57 6.13 3.20 -12.91
CA PHE A 57 5.13 3.57 -11.91
C PHE A 57 4.37 2.33 -11.45
N ILE A 58 4.33 2.11 -10.15
CA ILE A 58 3.63 0.97 -9.59
C ILE A 58 2.65 1.41 -8.50
N GLU A 59 1.46 0.82 -8.49
CA GLU A 59 0.48 1.08 -7.46
C GLU A 59 0.30 -0.19 -6.63
N MET A 60 0.01 -0.04 -5.35
CA MET A 60 -0.05 -1.19 -4.45
C MET A 60 -1.40 -1.25 -3.73
N LYS A 61 -1.84 -2.46 -3.41
CA LYS A 61 -3.12 -2.66 -2.77
C LYS A 61 -2.97 -2.70 -1.26
N ALA A 62 -3.91 -2.09 -0.56
CA ALA A 62 -3.94 -2.10 0.90
C ALA A 62 -4.84 -3.23 1.39
N LEU A 63 -4.22 -4.34 1.80
CA LEU A 63 -4.98 -5.49 2.27
C LEU A 63 -4.88 -5.64 3.78
N CYS A 64 -5.94 -6.13 4.39
CA CYS A 64 -5.92 -6.47 5.81
C CYS A 64 -5.18 -7.78 6.00
N PRO A 65 -4.09 -7.79 6.78
CA PRO A 65 -3.24 -8.98 6.98
C PRO A 65 -4.04 -10.24 7.33
N ASP A 66 -5.05 -10.08 8.17
CA ASP A 66 -5.85 -11.21 8.64
C ASP A 66 -7.01 -11.53 7.69
N CYS A 67 -7.11 -10.81 6.59
CA CYS A 67 -8.18 -11.03 5.63
C CYS A 67 -7.65 -11.34 4.23
N HIS A 68 -6.62 -10.58 3.83
CA HIS A 68 -6.09 -10.61 2.46
C HIS A 68 -7.11 -10.03 1.50
N GLN A 69 -8.12 -9.36 2.05
CA GLN A 69 -9.09 -8.62 1.27
C GLN A 69 -8.78 -7.13 1.39
N PRO A 70 -9.18 -6.32 0.40
CA PRO A 70 -8.90 -4.88 0.38
C PRO A 70 -9.54 -4.13 1.55
N LEU A 71 -8.86 -3.09 2.00
CA LEU A 71 -9.38 -2.23 3.05
C LEU A 71 -10.27 -1.15 2.46
N GLN A 72 -11.24 -0.71 3.24
CA GLN A 72 -12.14 0.36 2.82
C GLN A 72 -11.46 1.72 3.02
N VAL A 73 -11.17 2.38 1.92
CA VAL A 73 -10.49 3.67 1.96
C VAL A 73 -11.48 4.76 2.38
N LEU A 74 -11.41 5.14 3.65
CA LEU A 74 -12.27 6.18 4.20
C LEU A 74 -11.65 7.55 3.93
N LYS A 75 -12.22 8.28 2.99
CA LYS A 75 -11.66 9.56 2.59
C LYS A 75 -12.37 10.71 3.30
N ALA A 76 -11.64 11.40 4.15
CA ALA A 76 -12.16 12.57 4.84
C ALA A 76 -11.48 13.83 4.31
N CYS A 77 -11.13 13.78 3.01
CA CYS A 77 -10.43 14.88 2.33
C CYS A 77 -8.99 15.02 2.81
N GLY A 78 -8.81 15.48 4.03
CA GLY A 78 -7.47 15.64 4.57
C GLY A 78 -6.92 14.35 5.14
N ALA A 79 -7.74 13.65 5.92
CA ALA A 79 -7.34 12.40 6.50
C ALA A 79 -7.96 11.23 5.77
N VAL A 80 -7.24 10.11 5.72
CA VAL A 80 -7.75 8.90 5.10
C VAL A 80 -7.57 7.72 6.05
N ASP A 81 -8.68 7.06 6.39
CA ASP A 81 -8.63 5.91 7.28
C ASP A 81 -8.75 4.63 6.47
N TYR A 82 -8.15 3.56 6.96
CA TYR A 82 -8.24 2.28 6.31
C TYR A 82 -9.06 1.33 7.19
N PHE A 83 -10.27 1.04 6.76
CA PHE A 83 -11.20 0.25 7.56
C PHE A 83 -11.25 -1.19 7.05
N CYS A 84 -11.13 -2.14 7.97
CA CYS A 84 -11.23 -3.54 7.63
C CYS A 84 -12.67 -3.93 7.37
N GLN A 85 -13.09 -3.85 6.12
CA GLN A 85 -14.43 -4.25 5.74
C GLN A 85 -14.54 -5.77 5.82
N HIS A 86 -15.02 -6.24 6.97
CA HIS A 86 -15.13 -7.66 7.29
C HIS A 86 -15.47 -7.83 8.76
N GLY A 87 -14.94 -6.91 9.57
CA GLY A 87 -15.23 -6.94 10.99
C GLY A 87 -14.00 -7.11 11.85
N HIS A 88 -13.05 -6.20 11.73
CA HIS A 88 -11.84 -6.23 12.57
C HIS A 88 -11.54 -4.87 13.17
N GLY A 89 -11.97 -3.81 12.49
CA GLY A 89 -11.73 -2.48 12.99
C GLY A 89 -10.91 -1.64 12.01
N LEU A 90 -10.20 -0.66 12.53
CA LEU A 90 -9.39 0.22 11.70
C LEU A 90 -7.95 -0.26 11.64
N ILE A 91 -7.36 -0.18 10.46
CA ILE A 91 -5.97 -0.60 10.26
C ILE A 91 -5.14 0.59 9.76
N SER A 92 -4.02 0.83 10.41
CA SER A 92 -3.14 1.91 9.99
C SER A 92 -2.26 1.46 8.83
N LYS A 93 -1.72 2.41 8.10
CA LYS A 93 -0.87 2.12 6.94
C LYS A 93 0.48 1.56 7.36
N LYS A 94 0.73 1.51 8.66
CA LYS A 94 1.95 0.89 9.17
C LYS A 94 1.67 -0.55 9.62
N ARG A 95 0.43 -0.99 9.47
CA ARG A 95 0.05 -2.34 9.85
C ARG A 95 -0.51 -3.09 8.65
N VAL A 96 -0.98 -2.32 7.66
CA VAL A 96 -1.57 -2.88 6.46
C VAL A 96 -0.55 -3.69 5.65
N GLU A 97 -1.04 -4.64 4.86
CA GLU A 97 -0.19 -5.42 3.98
C GLU A 97 -0.36 -4.93 2.54
N PHE A 98 0.71 -4.35 2.00
CA PHE A 98 0.67 -3.82 0.64
C PHE A 98 1.18 -4.87 -0.35
N VAL A 99 0.34 -5.22 -1.30
CA VAL A 99 0.71 -6.17 -2.34
C VAL A 99 0.79 -5.48 -3.69
N LEU A 100 1.44 -6.14 -4.65
CA LEU A 100 1.62 -5.58 -5.99
C LEU A 100 0.28 -5.61 -6.74
N ALA A 101 -0.16 -4.44 -7.19
CA ALA A 101 -1.42 -4.33 -7.93
C ALA A 101 -1.16 -4.39 -9.43
N MET A 31 17.04 -3.12 4.34
CA MET A 31 17.59 -1.81 3.90
C MET A 31 16.81 -1.27 2.72
N GLU A 32 16.99 -1.89 1.56
CA GLU A 32 16.32 -1.44 0.34
C GLU A 32 15.23 -2.42 -0.09
N LEU A 33 14.27 -1.91 -0.82
CA LEU A 33 13.29 -2.75 -1.48
C LEU A 33 13.48 -2.60 -2.99
N HIS A 34 13.81 -3.70 -3.66
CA HIS A 34 14.14 -3.65 -5.08
C HIS A 34 12.95 -4.06 -5.92
N CYS A 35 12.86 -3.50 -7.12
CA CYS A 35 11.72 -3.76 -7.99
C CYS A 35 11.88 -5.08 -8.74
N PRO A 36 10.95 -6.02 -8.50
CA PRO A 36 11.06 -7.42 -8.96
C PRO A 36 11.51 -7.59 -10.41
N GLN A 37 10.86 -6.89 -11.33
CA GLN A 37 11.11 -7.09 -12.76
C GLN A 37 12.40 -6.43 -13.22
N CYS A 38 12.54 -5.17 -12.89
CA CYS A 38 13.64 -4.35 -13.40
C CYS A 38 14.88 -4.42 -12.51
N GLN A 39 14.65 -4.55 -11.20
CA GLN A 39 15.71 -4.66 -10.20
C GLN A 39 16.59 -3.41 -10.09
N HIS A 40 16.35 -2.65 -9.03
CA HIS A 40 17.21 -1.53 -8.65
C HIS A 40 16.78 -1.00 -7.30
N VAL A 41 15.63 -0.34 -7.27
CA VAL A 41 15.08 0.20 -6.03
C VAL A 41 13.64 0.67 -6.25
N LEU A 42 12.84 0.55 -5.20
CA LEU A 42 11.47 1.04 -5.21
C LEU A 42 11.35 2.27 -4.34
N ASP A 43 10.77 3.33 -4.88
CA ASP A 43 10.57 4.57 -4.15
C ASP A 43 9.10 4.72 -3.77
N GLN A 44 8.74 4.16 -2.62
CA GLN A 44 7.38 4.26 -2.12
C GLN A 44 7.32 5.27 -0.98
N ASP A 45 6.50 6.29 -1.18
CA ASP A 45 6.36 7.36 -0.19
C ASP A 45 4.98 7.99 -0.29
N ASN A 46 4.54 8.21 -1.51
CA ASN A 46 3.22 8.76 -1.79
C ASN A 46 2.12 7.75 -1.52
N GLY A 47 2.36 6.52 -1.92
CA GLY A 47 1.35 5.48 -1.82
C GLY A 47 1.47 4.49 -2.96
N HIS A 48 2.16 4.93 -4.00
CA HIS A 48 2.50 4.05 -5.11
C HIS A 48 3.99 3.73 -5.05
N ALA A 49 4.37 2.62 -5.64
CA ALA A 49 5.77 2.22 -5.69
C ALA A 49 6.40 2.76 -6.97
N ARG A 50 7.14 3.85 -6.82
CA ARG A 50 7.71 4.53 -7.97
C ARG A 50 9.12 4.06 -8.23
N CYS A 51 9.33 3.42 -9.36
CA CYS A 51 10.66 3.07 -9.78
C CYS A 51 11.36 4.28 -10.38
N ARG A 52 12.09 5.02 -9.54
CA ARG A 52 12.76 6.23 -9.97
C ARG A 52 13.67 5.96 -11.18
N SER A 53 14.54 4.97 -11.04
CA SER A 53 15.51 4.65 -12.08
C SER A 53 14.84 4.09 -13.33
N CYS A 54 13.82 3.27 -13.12
CA CYS A 54 13.17 2.57 -14.23
C CYS A 54 12.21 3.50 -14.97
N GLY A 55 11.54 4.38 -14.23
CA GLY A 55 10.56 5.27 -14.82
C GLY A 55 9.18 4.64 -14.87
N GLU A 56 8.99 3.58 -14.11
CA GLU A 56 7.73 2.86 -14.09
C GLU A 56 6.95 3.21 -12.82
N PHE A 57 5.64 3.02 -12.87
CA PHE A 57 4.80 3.28 -11.71
C PHE A 57 4.05 2.01 -11.31
N ILE A 58 4.30 1.53 -10.11
CA ILE A 58 3.65 0.32 -9.61
C ILE A 58 2.62 0.69 -8.56
N GLU A 59 1.44 0.09 -8.65
CA GLU A 59 0.39 0.32 -7.69
C GLU A 59 0.61 -0.52 -6.43
N MET A 60 0.25 0.03 -5.29
CA MET A 60 0.38 -0.70 -4.04
C MET A 60 -1.00 -0.95 -3.45
N LYS A 61 -1.37 -2.21 -3.38
CA LYS A 61 -2.69 -2.61 -2.94
C LYS A 61 -2.72 -2.77 -1.43
N ALA A 62 -3.51 -1.93 -0.78
CA ALA A 62 -3.65 -1.97 0.68
C ALA A 62 -4.47 -3.17 1.11
N LEU A 63 -3.79 -4.19 1.61
CA LEU A 63 -4.45 -5.39 2.09
C LEU A 63 -4.47 -5.43 3.61
N CYS A 64 -5.57 -5.95 4.15
CA CYS A 64 -5.69 -6.15 5.58
C CYS A 64 -5.06 -7.50 5.95
N PRO A 65 -3.90 -7.48 6.62
CA PRO A 65 -3.09 -8.69 6.88
C PRO A 65 -3.89 -9.88 7.42
N ASP A 66 -4.88 -9.60 8.28
CA ASP A 66 -5.65 -10.66 8.92
C ASP A 66 -6.49 -11.47 7.92
N CYS A 67 -6.80 -10.87 6.77
CA CYS A 67 -7.64 -11.53 5.79
C CYS A 67 -7.01 -11.52 4.39
N HIS A 68 -6.00 -10.66 4.20
CA HIS A 68 -5.34 -10.47 2.90
C HIS A 68 -6.34 -9.96 1.87
N GLN A 69 -7.39 -9.29 2.36
CA GLN A 69 -8.41 -8.73 1.51
C GLN A 69 -8.27 -7.20 1.51
N PRO A 70 -8.59 -6.53 0.39
CA PRO A 70 -8.44 -5.07 0.25
C PRO A 70 -9.16 -4.27 1.33
N LEU A 71 -8.52 -3.20 1.76
CA LEU A 71 -9.09 -2.29 2.75
C LEU A 71 -9.87 -1.16 2.09
N GLN A 72 -10.86 -0.65 2.78
CA GLN A 72 -11.62 0.49 2.29
C GLN A 72 -10.95 1.79 2.75
N VAL A 73 -10.63 2.64 1.79
CA VAL A 73 -9.96 3.90 2.08
C VAL A 73 -10.98 4.96 2.49
N LEU A 74 -11.04 5.24 3.78
CA LEU A 74 -11.92 6.27 4.29
C LEU A 74 -11.21 7.62 4.29
N LYS A 75 -11.32 8.35 3.19
CA LYS A 75 -10.76 9.68 3.13
C LYS A 75 -11.70 10.65 3.85
N ALA A 76 -11.47 10.79 5.14
CA ALA A 76 -12.37 11.56 6.00
C ALA A 76 -11.97 13.03 6.05
N CYS A 77 -12.26 13.73 4.96
CA CYS A 77 -12.13 15.19 4.89
C CYS A 77 -10.69 15.66 5.13
N GLY A 78 -9.74 14.76 4.98
CA GLY A 78 -8.34 15.11 5.19
C GLY A 78 -7.59 13.99 5.88
N ALA A 79 -8.29 13.23 6.70
CA ALA A 79 -7.71 12.06 7.34
C ALA A 79 -8.01 10.83 6.50
N VAL A 80 -7.28 9.75 6.75
CA VAL A 80 -7.49 8.51 6.01
C VAL A 80 -7.55 7.33 6.96
N ASP A 81 -8.72 6.72 7.07
CA ASP A 81 -8.89 5.53 7.89
C ASP A 81 -8.99 4.31 7.00
N TYR A 82 -8.35 3.23 7.40
CA TYR A 82 -8.43 1.98 6.65
C TYR A 82 -9.45 1.06 7.30
N PHE A 83 -10.60 0.95 6.68
CA PHE A 83 -11.69 0.18 7.25
C PHE A 83 -11.80 -1.17 6.56
N CYS A 84 -11.72 -2.23 7.35
CA CYS A 84 -11.83 -3.58 6.80
C CYS A 84 -13.28 -4.01 6.77
N GLN A 85 -13.96 -3.73 5.67
CA GLN A 85 -15.34 -4.16 5.48
C GLN A 85 -15.40 -5.67 5.40
N HIS A 86 -15.66 -6.28 6.55
CA HIS A 86 -15.63 -7.72 6.76
C HIS A 86 -15.86 -8.01 8.23
N GLY A 87 -15.56 -7.03 9.07
CA GLY A 87 -15.72 -7.18 10.50
C GLY A 87 -14.39 -7.29 11.21
N HIS A 88 -13.47 -6.36 10.93
CA HIS A 88 -12.19 -6.33 11.61
C HIS A 88 -11.93 -4.95 12.21
N GLY A 89 -12.75 -3.98 11.84
CA GLY A 89 -12.62 -2.65 12.37
C GLY A 89 -11.68 -1.78 11.55
N LEU A 90 -11.03 -0.83 12.23
CA LEU A 90 -10.12 0.10 11.58
C LEU A 90 -8.68 -0.39 11.69
N ILE A 91 -8.02 -0.46 10.56
CA ILE A 91 -6.63 -0.88 10.51
C ILE A 91 -5.71 0.33 10.43
N SER A 92 -4.85 0.46 11.42
CA SER A 92 -3.91 1.57 11.47
C SER A 92 -2.91 1.47 10.31
N LYS A 93 -2.38 2.63 9.88
CA LYS A 93 -1.49 2.69 8.73
C LYS A 93 -0.24 1.83 8.92
N LYS A 94 0.17 1.64 10.17
CA LYS A 94 1.34 0.82 10.47
C LYS A 94 1.01 -0.67 10.43
N ARG A 95 -0.25 -1.00 10.15
CA ARG A 95 -0.67 -2.39 10.07
C ARG A 95 -1.24 -2.72 8.70
N VAL A 96 -1.04 -1.84 7.73
CA VAL A 96 -1.53 -2.07 6.38
C VAL A 96 -0.45 -2.74 5.54
N GLU A 97 -0.78 -3.86 4.93
CA GLU A 97 0.16 -4.56 4.08
C GLU A 97 -0.03 -4.13 2.63
N PHE A 98 0.87 -3.28 2.16
CA PHE A 98 0.82 -2.82 0.78
C PHE A 98 1.56 -3.77 -0.13
N VAL A 99 0.83 -4.46 -0.99
CA VAL A 99 1.43 -5.39 -1.93
C VAL A 99 1.55 -4.75 -3.30
N LEU A 100 2.42 -5.28 -4.14
CA LEU A 100 2.62 -4.74 -5.48
C LEU A 100 1.53 -5.22 -6.42
N ALA A 101 0.78 -4.29 -6.99
CA ALA A 101 -0.29 -4.61 -7.91
C ALA A 101 0.11 -4.33 -9.35
N MET A 31 12.49 0.10 4.98
CA MET A 31 13.86 0.66 5.08
C MET A 31 14.34 1.18 3.73
N GLU A 32 14.67 0.26 2.82
CA GLU A 32 15.23 0.62 1.53
C GLU A 32 15.04 -0.55 0.56
N LEU A 33 14.03 -0.44 -0.30
CA LEU A 33 13.66 -1.56 -1.15
C LEU A 33 14.16 -1.36 -2.58
N HIS A 34 14.34 -2.47 -3.28
CA HIS A 34 14.76 -2.44 -4.67
C HIS A 34 13.82 -3.27 -5.53
N CYS A 35 13.83 -3.02 -6.83
CA CYS A 35 13.00 -3.75 -7.77
C CYS A 35 13.56 -5.15 -7.99
N PRO A 36 12.71 -6.18 -7.91
CA PRO A 36 13.14 -7.58 -8.08
C PRO A 36 13.84 -7.82 -9.41
N GLN A 37 13.22 -7.37 -10.50
CA GLN A 37 13.79 -7.56 -11.83
C GLN A 37 14.56 -6.32 -12.27
N CYS A 38 13.88 -5.18 -12.38
CA CYS A 38 14.50 -3.94 -12.83
C CYS A 38 15.21 -3.27 -11.66
N GLN A 39 16.19 -4.00 -11.12
CA GLN A 39 16.98 -3.57 -9.96
C GLN A 39 17.28 -2.08 -9.95
N HIS A 40 16.70 -1.42 -8.98
CA HIS A 40 16.85 0.02 -8.75
C HIS A 40 16.10 0.37 -7.48
N VAL A 41 16.14 1.63 -7.08
CA VAL A 41 15.47 2.08 -5.87
C VAL A 41 13.95 2.03 -6.01
N LEU A 42 13.29 1.47 -5.00
CA LEU A 42 11.84 1.47 -4.92
C LEU A 42 11.37 2.20 -3.68
N ASP A 43 11.07 3.48 -3.84
CA ASP A 43 10.62 4.30 -2.73
C ASP A 43 9.10 4.42 -2.76
N GLN A 44 8.50 4.45 -1.58
CA GLN A 44 7.06 4.49 -1.43
C GLN A 44 6.61 5.79 -0.79
N ASP A 45 5.69 6.48 -1.45
CA ASP A 45 5.18 7.74 -0.93
C ASP A 45 3.73 7.58 -0.47
N ASN A 46 2.89 7.17 -1.40
CA ASN A 46 1.47 6.97 -1.14
C ASN A 46 1.04 5.63 -1.71
N GLY A 47 -0.23 5.51 -2.09
CA GLY A 47 -0.72 4.30 -2.72
C GLY A 47 0.04 3.98 -3.99
N HIS A 48 0.66 5.00 -4.56
CA HIS A 48 1.53 4.84 -5.72
C HIS A 48 2.98 4.79 -5.28
N ALA A 49 3.62 3.65 -5.49
CA ALA A 49 5.04 3.53 -5.24
C ALA A 49 5.80 3.85 -6.51
N ARG A 50 6.82 4.68 -6.40
CA ARG A 50 7.52 5.14 -7.59
C ARG A 50 8.69 4.21 -7.89
N CYS A 51 8.63 3.55 -9.04
CA CYS A 51 9.76 2.76 -9.49
C CYS A 51 10.78 3.72 -10.09
N ARG A 52 11.67 4.20 -9.24
CA ARG A 52 12.51 5.34 -9.59
C ARG A 52 13.73 4.90 -10.37
N SER A 53 14.16 5.77 -11.30
CA SER A 53 15.29 5.51 -12.20
C SER A 53 14.90 4.50 -13.27
N CYS A 54 13.77 3.82 -13.07
CA CYS A 54 13.25 2.88 -14.05
C CYS A 54 12.23 3.58 -14.97
N GLY A 55 11.62 4.64 -14.46
CA GLY A 55 10.68 5.41 -15.26
C GLY A 55 9.24 4.93 -15.08
N GLU A 56 9.09 3.79 -14.43
CA GLU A 56 7.78 3.18 -14.22
C GLU A 56 7.24 3.51 -12.83
N PHE A 57 6.02 3.09 -12.56
CA PHE A 57 5.43 3.26 -11.23
C PHE A 57 4.63 2.00 -10.89
N ILE A 58 4.52 1.72 -9.60
CA ILE A 58 3.78 0.54 -9.14
C ILE A 58 2.76 0.95 -8.09
N GLU A 59 1.48 0.77 -8.40
CA GLU A 59 0.45 1.06 -7.43
C GLU A 59 0.32 -0.12 -6.47
N MET A 60 0.11 0.18 -5.20
CA MET A 60 0.04 -0.86 -4.20
C MET A 60 -1.41 -1.14 -3.82
N LYS A 61 -1.73 -2.41 -3.68
CA LYS A 61 -3.09 -2.83 -3.36
C LYS A 61 -3.24 -3.01 -1.86
N ALA A 62 -4.26 -2.38 -1.28
CA ALA A 62 -4.42 -2.36 0.17
C ALA A 62 -5.29 -3.51 0.66
N LEU A 63 -4.68 -4.45 1.37
CA LEU A 63 -5.40 -5.58 1.94
C LEU A 63 -5.26 -5.60 3.46
N CYS A 64 -6.15 -6.33 4.12
CA CYS A 64 -6.05 -6.55 5.55
C CYS A 64 -5.44 -7.92 5.82
N PRO A 65 -4.24 -7.97 6.41
CA PRO A 65 -3.46 -9.21 6.57
C PRO A 65 -4.23 -10.34 7.26
N ASP A 66 -5.18 -9.98 8.12
CA ASP A 66 -5.87 -10.98 8.93
C ASP A 66 -6.92 -11.74 8.11
N CYS A 67 -7.35 -11.15 7.00
CA CYS A 67 -8.42 -11.76 6.19
C CYS A 67 -8.09 -11.77 4.69
N HIS A 68 -7.11 -10.96 4.30
CA HIS A 68 -6.67 -10.84 2.90
C HIS A 68 -7.70 -10.11 2.03
N GLN A 69 -8.80 -9.67 2.63
CA GLN A 69 -9.77 -8.87 1.89
C GLN A 69 -9.24 -7.45 1.72
N PRO A 70 -9.76 -6.71 0.73
CA PRO A 70 -9.39 -5.31 0.50
C PRO A 70 -9.84 -4.40 1.63
N LEU A 71 -9.11 -3.31 1.83
CA LEU A 71 -9.48 -2.32 2.83
C LEU A 71 -10.32 -1.22 2.23
N GLN A 72 -11.29 -0.74 2.98
CA GLN A 72 -12.11 0.36 2.55
C GLN A 72 -11.42 1.67 2.90
N VAL A 73 -10.88 2.33 1.88
CA VAL A 73 -10.10 3.54 2.07
C VAL A 73 -11.03 4.74 2.28
N LEU A 74 -11.02 5.27 3.50
CA LEU A 74 -11.86 6.40 3.83
C LEU A 74 -11.10 7.70 3.60
N LYS A 75 -11.75 8.66 2.99
CA LYS A 75 -11.16 9.96 2.77
C LYS A 75 -11.83 11.01 3.66
N ALA A 76 -11.20 11.29 4.78
CA ALA A 76 -11.77 12.20 5.77
C ALA A 76 -11.09 13.55 5.72
N CYS A 77 -11.24 14.34 6.78
CA CYS A 77 -10.69 15.68 6.82
C CYS A 77 -9.17 15.62 7.01
N GLY A 78 -8.45 15.53 5.90
CA GLY A 78 -7.00 15.47 5.94
C GLY A 78 -6.48 14.13 6.41
N ALA A 79 -7.39 13.17 6.54
CA ALA A 79 -7.03 11.86 7.06
C ALA A 79 -7.48 10.76 6.12
N VAL A 80 -6.62 9.76 5.93
CA VAL A 80 -6.96 8.58 5.17
C VAL A 80 -7.12 7.41 6.14
N ASP A 81 -8.34 6.92 6.28
CA ASP A 81 -8.63 5.92 7.30
C ASP A 81 -8.90 4.57 6.65
N TYR A 82 -8.14 3.56 7.04
CA TYR A 82 -8.27 2.23 6.47
C TYR A 82 -9.22 1.41 7.32
N PHE A 83 -10.44 1.24 6.82
CA PHE A 83 -11.47 0.57 7.59
C PHE A 83 -11.73 -0.83 7.03
N CYS A 84 -11.45 -1.84 7.84
CA CYS A 84 -11.74 -3.20 7.46
C CYS A 84 -13.13 -3.58 7.95
N GLN A 85 -14.13 -3.33 7.11
CA GLN A 85 -15.50 -3.61 7.47
C GLN A 85 -15.78 -5.10 7.31
N HIS A 86 -15.66 -5.80 8.43
CA HIS A 86 -15.78 -7.25 8.46
C HIS A 86 -15.63 -7.72 9.90
N GLY A 87 -15.93 -6.81 10.82
CA GLY A 87 -15.76 -7.09 12.25
C GLY A 87 -14.31 -7.19 12.65
N HIS A 88 -13.48 -6.26 12.18
CA HIS A 88 -12.06 -6.27 12.52
C HIS A 88 -11.65 -4.96 13.19
N GLY A 89 -11.70 -3.87 12.44
CA GLY A 89 -11.37 -2.57 13.00
C GLY A 89 -10.58 -1.72 12.04
N LEU A 90 -9.89 -0.72 12.56
CA LEU A 90 -9.11 0.20 11.74
C LEU A 90 -7.68 -0.28 11.58
N ILE A 91 -7.15 -0.10 10.37
CA ILE A 91 -5.80 -0.55 10.05
C ILE A 91 -4.90 0.65 9.78
N SER A 92 -3.74 0.70 10.40
CA SER A 92 -2.79 1.77 10.15
C SER A 92 -1.95 1.47 8.91
N LYS A 93 -1.33 2.49 8.35
CA LYS A 93 -0.56 2.40 7.10
C LYS A 93 0.42 1.22 7.12
N LYS A 94 1.13 1.06 8.23
CA LYS A 94 2.18 0.04 8.32
C LYS A 94 1.61 -1.37 8.46
N ARG A 95 0.38 -1.46 8.94
CA ARG A 95 -0.24 -2.76 9.15
C ARG A 95 -0.89 -3.27 7.86
N VAL A 96 -1.16 -2.35 6.94
CA VAL A 96 -1.83 -2.69 5.68
C VAL A 96 -0.98 -3.68 4.87
N GLU A 97 -1.63 -4.70 4.34
CA GLU A 97 -0.96 -5.67 3.49
C GLU A 97 -0.94 -5.15 2.05
N PHE A 98 0.22 -4.70 1.61
CA PHE A 98 0.35 -4.14 0.28
C PHE A 98 0.91 -5.15 -0.71
N VAL A 99 0.12 -5.49 -1.70
CA VAL A 99 0.60 -6.33 -2.80
C VAL A 99 0.72 -5.49 -4.07
N LEU A 100 1.39 -6.02 -5.07
CA LEU A 100 1.65 -5.27 -6.29
C LEU A 100 0.46 -5.31 -7.22
N ALA A 101 -0.06 -4.15 -7.60
CA ALA A 101 -1.17 -4.06 -8.53
C ALA A 101 -0.68 -4.19 -9.97
N MET A 31 17.88 -1.80 4.79
CA MET A 31 18.48 -1.87 3.45
C MET A 31 17.71 -0.97 2.48
N GLU A 32 18.42 -0.41 1.51
CA GLU A 32 17.81 0.45 0.52
C GLU A 32 16.74 -0.31 -0.27
N LEU A 33 15.64 0.37 -0.55
CA LEU A 33 14.50 -0.26 -1.21
C LEU A 33 14.76 -0.41 -2.70
N HIS A 34 14.59 -1.62 -3.21
CA HIS A 34 14.81 -1.90 -4.61
C HIS A 34 13.59 -2.56 -5.23
N CYS A 35 13.49 -2.50 -6.55
CA CYS A 35 12.43 -3.17 -7.27
C CYS A 35 12.71 -4.67 -7.31
N PRO A 36 11.72 -5.50 -6.93
CA PRO A 36 11.87 -6.96 -6.95
C PRO A 36 12.05 -7.50 -8.37
N GLN A 37 11.44 -6.80 -9.33
CA GLN A 37 11.49 -7.22 -10.73
C GLN A 37 12.49 -6.37 -11.51
N CYS A 38 12.17 -5.10 -11.69
CA CYS A 38 13.02 -4.17 -12.42
C CYS A 38 14.03 -3.55 -11.47
N GLN A 39 14.88 -4.41 -10.93
CA GLN A 39 15.88 -4.08 -9.91
C GLN A 39 16.51 -2.70 -10.09
N HIS A 40 16.12 -1.79 -9.19
CA HIS A 40 16.63 -0.43 -9.14
C HIS A 40 16.02 0.21 -7.89
N VAL A 41 16.09 1.53 -7.75
CA VAL A 41 15.63 2.21 -6.54
C VAL A 41 14.11 2.37 -6.52
N LEU A 42 13.52 2.09 -5.36
CA LEU A 42 12.08 2.25 -5.15
C LEU A 42 11.78 3.18 -3.98
N ASP A 43 10.77 4.03 -4.16
CA ASP A 43 10.25 4.85 -3.08
C ASP A 43 8.77 4.52 -2.88
N GLN A 44 8.48 3.78 -1.82
CA GLN A 44 7.14 3.24 -1.62
C GLN A 44 6.50 3.76 -0.34
N ASP A 45 5.22 4.09 -0.46
CA ASP A 45 4.38 4.53 0.66
C ASP A 45 3.04 4.99 0.09
N ASN A 46 2.23 5.64 0.94
CA ASN A 46 0.95 6.30 0.58
C ASN A 46 -0.12 5.34 0.01
N GLY A 47 0.25 4.47 -0.92
CA GLY A 47 -0.73 3.58 -1.53
C GLY A 47 -0.28 3.09 -2.89
N HIS A 48 0.50 3.91 -3.59
CA HIS A 48 1.08 3.51 -4.86
C HIS A 48 2.54 3.95 -4.92
N ALA A 49 3.40 3.09 -5.46
CA ALA A 49 4.82 3.35 -5.48
C ALA A 49 5.33 3.49 -6.91
N ARG A 50 5.97 4.61 -7.21
CA ARG A 50 6.58 4.79 -8.50
C ARG A 50 8.08 4.66 -8.38
N CYS A 51 8.67 3.91 -9.30
CA CYS A 51 10.11 3.72 -9.30
C CYS A 51 10.83 5.03 -9.51
N ARG A 52 11.70 5.38 -8.57
CA ARG A 52 12.42 6.64 -8.61
C ARG A 52 13.33 6.74 -9.83
N SER A 53 14.13 5.71 -10.05
CA SER A 53 15.13 5.74 -11.12
C SER A 53 14.76 4.85 -12.30
N CYS A 54 13.62 4.19 -12.23
CA CYS A 54 13.16 3.38 -13.35
C CYS A 54 12.21 4.18 -14.25
N GLY A 55 10.99 4.35 -13.78
CA GLY A 55 9.95 4.97 -14.57
C GLY A 55 8.60 4.31 -14.34
N GLU A 56 8.61 3.04 -13.89
CA GLU A 56 7.38 2.29 -13.65
C GLU A 56 6.58 2.92 -12.50
N PHE A 57 5.28 2.87 -12.63
CA PHE A 57 4.38 3.26 -11.55
C PHE A 57 3.53 2.06 -11.16
N ILE A 58 3.68 1.62 -9.92
CA ILE A 58 3.00 0.42 -9.46
C ILE A 58 2.07 0.74 -8.30
N GLU A 59 0.78 0.52 -8.51
CA GLU A 59 -0.19 0.67 -7.45
C GLU A 59 -0.11 -0.52 -6.52
N MET A 60 -0.39 -0.31 -5.24
CA MET A 60 -0.37 -1.39 -4.28
C MET A 60 -1.77 -1.73 -3.82
N LYS A 61 -2.04 -3.01 -3.70
CA LYS A 61 -3.33 -3.48 -3.24
C LYS A 61 -3.32 -3.55 -1.72
N ALA A 62 -4.07 -2.65 -1.09
CA ALA A 62 -4.12 -2.60 0.37
C ALA A 62 -5.00 -3.71 0.91
N LEU A 63 -4.37 -4.74 1.47
CA LEU A 63 -5.09 -5.88 2.02
C LEU A 63 -4.92 -5.94 3.53
N CYS A 64 -5.94 -6.45 4.22
CA CYS A 64 -5.81 -6.74 5.64
C CYS A 64 -5.14 -8.09 5.80
N PRO A 65 -4.02 -8.16 6.53
CA PRO A 65 -3.24 -9.40 6.69
C PRO A 65 -4.10 -10.59 7.16
N ASP A 66 -5.11 -10.30 7.96
CA ASP A 66 -5.94 -11.35 8.55
C ASP A 66 -7.11 -11.72 7.64
N CYS A 67 -7.33 -10.92 6.60
CA CYS A 67 -8.44 -11.17 5.68
C CYS A 67 -7.93 -11.53 4.29
N HIS A 68 -6.89 -10.81 3.87
CA HIS A 68 -6.38 -10.85 2.50
C HIS A 68 -7.45 -10.37 1.53
N GLN A 69 -8.39 -9.61 2.07
CA GLN A 69 -9.39 -8.93 1.28
C GLN A 69 -9.10 -7.44 1.29
N PRO A 70 -9.50 -6.72 0.23
CA PRO A 70 -9.19 -5.29 0.06
C PRO A 70 -9.70 -4.42 1.20
N LEU A 71 -8.88 -3.47 1.61
CA LEU A 71 -9.27 -2.48 2.62
C LEU A 71 -10.06 -1.36 1.97
N GLN A 72 -10.83 -0.66 2.79
CA GLN A 72 -11.60 0.47 2.32
C GLN A 72 -10.82 1.75 2.56
N VAL A 73 -10.37 2.38 1.47
CA VAL A 73 -9.60 3.60 1.56
C VAL A 73 -10.52 4.78 1.85
N LEU A 74 -10.50 5.25 3.09
CA LEU A 74 -11.37 6.34 3.50
C LEU A 74 -10.66 7.67 3.39
N LYS A 75 -11.29 8.61 2.69
CA LYS A 75 -10.81 9.97 2.65
C LYS A 75 -11.59 10.81 3.65
N ALA A 76 -10.96 11.10 4.78
CA ALA A 76 -11.61 11.88 5.82
C ALA A 76 -11.33 13.36 5.62
N CYS A 77 -11.13 13.74 4.36
CA CYS A 77 -10.73 15.10 3.97
C CYS A 77 -9.67 15.66 4.91
N GLY A 78 -8.43 15.25 4.65
CA GLY A 78 -7.34 15.60 5.54
C GLY A 78 -6.48 14.39 5.85
N ALA A 79 -7.12 13.38 6.43
CA ALA A 79 -6.45 12.12 6.71
C ALA A 79 -7.06 11.00 5.88
N VAL A 80 -6.31 9.93 5.72
CA VAL A 80 -6.79 8.75 5.00
C VAL A 80 -6.83 7.55 5.94
N ASP A 81 -7.98 6.91 6.05
CA ASP A 81 -8.13 5.79 6.97
C ASP A 81 -8.20 4.47 6.21
N TYR A 82 -7.32 3.56 6.57
CA TYR A 82 -7.37 2.21 6.03
C TYR A 82 -8.35 1.38 6.86
N PHE A 83 -9.56 1.23 6.37
CA PHE A 83 -10.62 0.61 7.14
C PHE A 83 -10.83 -0.83 6.70
N CYS A 84 -10.80 -1.75 7.66
CA CYS A 84 -11.08 -3.14 7.38
C CYS A 84 -12.58 -3.38 7.51
N GLN A 85 -13.30 -3.19 6.40
CA GLN A 85 -14.74 -3.36 6.40
C GLN A 85 -15.08 -4.84 6.40
N HIS A 86 -15.31 -5.35 7.61
CA HIS A 86 -15.61 -6.76 7.85
C HIS A 86 -15.85 -6.98 9.35
N GLY A 87 -16.09 -5.89 10.06
CA GLY A 87 -16.27 -5.97 11.50
C GLY A 87 -14.95 -6.05 12.23
N HIS A 88 -13.87 -5.61 11.59
CA HIS A 88 -12.55 -5.68 12.19
C HIS A 88 -12.13 -4.35 12.81
N GLY A 89 -12.22 -3.28 12.03
CA GLY A 89 -11.86 -1.96 12.54
C GLY A 89 -10.92 -1.23 11.61
N LEU A 90 -10.25 -0.21 12.13
CA LEU A 90 -9.31 0.57 11.34
C LEU A 90 -7.91 -0.01 11.47
N ILE A 91 -7.23 -0.16 10.35
CA ILE A 91 -5.92 -0.80 10.33
C ILE A 91 -4.81 0.24 10.39
N SER A 92 -3.80 -0.03 11.21
CA SER A 92 -2.61 0.80 11.28
C SER A 92 -1.86 0.76 9.95
N LYS A 93 -1.22 1.87 9.58
CA LYS A 93 -0.60 1.98 8.26
C LYS A 93 0.44 0.90 8.02
N LYS A 94 1.31 0.67 9.00
CA LYS A 94 2.38 -0.33 8.85
C LYS A 94 1.86 -1.73 9.12
N ARG A 95 0.55 -1.85 9.32
CA ARG A 95 -0.08 -3.14 9.50
C ARG A 95 -0.79 -3.55 8.21
N VAL A 96 -0.92 -2.61 7.28
CA VAL A 96 -1.55 -2.88 6.01
C VAL A 96 -0.63 -3.70 5.12
N GLU A 97 -1.17 -4.77 4.55
CA GLU A 97 -0.38 -5.61 3.65
C GLU A 97 -0.46 -5.06 2.24
N PHE A 98 0.64 -4.47 1.78
CA PHE A 98 0.69 -3.90 0.45
C PHE A 98 1.30 -4.89 -0.53
N VAL A 99 0.51 -5.32 -1.51
CA VAL A 99 0.99 -6.21 -2.55
C VAL A 99 0.93 -5.53 -3.91
N LEU A 100 1.59 -6.13 -4.90
CA LEU A 100 1.66 -5.56 -6.23
C LEU A 100 0.32 -5.68 -6.96
N ALA A 101 -0.18 -4.57 -7.45
CA ALA A 101 -1.45 -4.55 -8.16
C ALA A 101 -1.23 -4.27 -9.65
N MET A 31 13.02 4.55 1.99
CA MET A 31 13.14 3.07 1.93
C MET A 31 13.30 2.61 0.49
N GLU A 32 14.50 2.16 0.16
CA GLU A 32 14.79 1.66 -1.17
C GLU A 32 14.30 0.22 -1.29
N LEU A 33 13.21 0.03 -2.02
CA LEU A 33 12.66 -1.29 -2.27
C LEU A 33 13.14 -1.76 -3.64
N HIS A 34 12.82 -3.00 -4.01
CA HIS A 34 13.20 -3.51 -5.32
C HIS A 34 12.00 -4.12 -6.01
N CYS A 35 11.98 -4.04 -7.33
CA CYS A 35 10.88 -4.59 -8.11
C CYS A 35 11.11 -6.08 -8.35
N PRO A 36 10.10 -6.93 -8.05
CA PRO A 36 10.14 -8.34 -8.42
C PRO A 36 10.12 -8.52 -9.93
N GLN A 37 9.56 -7.53 -10.63
CA GLN A 37 9.51 -7.51 -12.08
C GLN A 37 10.81 -6.93 -12.64
N CYS A 38 10.86 -5.61 -12.67
CA CYS A 38 11.98 -4.87 -13.24
C CYS A 38 12.95 -4.50 -12.13
N GLN A 39 13.60 -5.54 -11.61
CA GLN A 39 14.55 -5.47 -10.51
C GLN A 39 15.43 -4.22 -10.57
N HIS A 40 15.11 -3.26 -9.71
CA HIS A 40 15.85 -2.02 -9.56
C HIS A 40 15.31 -1.31 -8.33
N VAL A 41 15.87 -0.16 -7.99
CA VAL A 41 15.46 0.57 -6.79
C VAL A 41 14.06 1.19 -6.96
N LEU A 42 13.26 1.06 -5.90
CA LEU A 42 11.96 1.69 -5.82
C LEU A 42 11.98 2.76 -4.75
N ASP A 43 11.65 3.98 -5.15
CA ASP A 43 11.54 5.07 -4.19
C ASP A 43 10.07 5.32 -3.91
N GLN A 44 9.67 5.04 -2.69
CA GLN A 44 8.26 5.11 -2.33
C GLN A 44 8.05 5.99 -1.10
N ASP A 45 7.53 7.18 -1.32
CA ASP A 45 7.24 8.09 -0.22
C ASP A 45 5.76 8.02 0.16
N ASN A 46 4.90 8.61 -0.67
CA ASN A 46 3.49 8.72 -0.36
C ASN A 46 2.63 7.97 -1.38
N GLY A 47 2.13 6.82 -0.98
CA GLY A 47 1.11 6.13 -1.76
C GLY A 47 1.66 5.26 -2.87
N HIS A 48 2.52 5.82 -3.70
CA HIS A 48 3.01 5.10 -4.88
C HIS A 48 4.47 4.75 -4.77
N ALA A 49 4.85 3.67 -5.44
CA ALA A 49 6.23 3.25 -5.53
C ALA A 49 6.74 3.46 -6.95
N ARG A 50 7.59 4.44 -7.13
CA ARG A 50 8.09 4.75 -8.45
C ARG A 50 9.47 4.13 -8.67
N CYS A 51 9.62 3.42 -9.78
CA CYS A 51 10.90 2.90 -10.20
C CYS A 51 11.84 4.04 -10.55
N ARG A 52 12.70 4.42 -9.62
CA ARG A 52 13.57 5.58 -9.80
C ARG A 52 14.51 5.36 -10.99
N SER A 53 15.00 4.14 -11.14
CA SER A 53 15.90 3.82 -12.25
C SER A 53 15.13 3.36 -13.48
N CYS A 54 14.12 2.50 -13.27
CA CYS A 54 13.39 1.89 -14.38
C CYS A 54 12.60 2.95 -15.16
N GLY A 55 11.97 3.86 -14.44
CA GLY A 55 11.12 4.85 -15.08
C GLY A 55 9.65 4.46 -15.02
N GLU A 56 9.38 3.32 -14.41
CA GLU A 56 8.01 2.80 -14.30
C GLU A 56 7.36 3.28 -13.01
N PHE A 57 6.05 3.13 -12.92
CA PHE A 57 5.31 3.49 -11.72
C PHE A 57 4.50 2.30 -11.24
N ILE A 58 4.68 1.94 -9.97
CA ILE A 58 3.99 0.79 -9.40
C ILE A 58 2.89 1.23 -8.45
N GLU A 59 1.74 0.59 -8.56
CA GLU A 59 0.60 0.90 -7.72
C GLU A 59 0.60 -0.02 -6.48
N MET A 60 0.07 0.48 -5.37
CA MET A 60 0.03 -0.30 -4.15
C MET A 60 -1.36 -0.87 -3.90
N LYS A 61 -1.40 -1.91 -3.07
CA LYS A 61 -2.63 -2.60 -2.75
C LYS A 61 -2.73 -2.75 -1.23
N ALA A 62 -3.66 -2.03 -0.63
CA ALA A 62 -3.84 -2.05 0.81
C ALA A 62 -4.62 -3.28 1.24
N LEU A 63 -3.90 -4.30 1.70
CA LEU A 63 -4.53 -5.53 2.14
C LEU A 63 -4.38 -5.70 3.64
N CYS A 64 -5.38 -6.31 4.25
CA CYS A 64 -5.33 -6.64 5.66
C CYS A 64 -4.48 -7.89 5.87
N PRO A 65 -3.59 -7.89 6.87
CA PRO A 65 -2.68 -9.02 7.13
C PRO A 65 -3.41 -10.31 7.51
N ASP A 66 -4.55 -10.19 8.19
CA ASP A 66 -5.24 -11.36 8.73
C ASP A 66 -6.25 -11.99 7.76
N CYS A 67 -6.66 -11.27 6.73
CA CYS A 67 -7.64 -11.81 5.78
C CYS A 67 -7.35 -11.42 4.33
N HIS A 68 -6.24 -10.68 4.13
CA HIS A 68 -5.80 -10.15 2.83
C HIS A 68 -6.95 -9.66 1.94
N GLN A 69 -7.99 -9.11 2.55
CA GLN A 69 -9.05 -8.47 1.79
C GLN A 69 -8.76 -6.99 1.68
N PRO A 70 -9.12 -6.39 0.53
CA PRO A 70 -8.86 -4.97 0.26
C PRO A 70 -9.48 -4.04 1.30
N LEU A 71 -8.65 -3.17 1.86
CA LEU A 71 -9.11 -2.22 2.85
C LEU A 71 -9.83 -1.06 2.18
N GLN A 72 -10.92 -0.62 2.80
CA GLN A 72 -11.71 0.47 2.28
C GLN A 72 -11.05 1.80 2.60
N VAL A 73 -10.73 2.56 1.58
CA VAL A 73 -10.10 3.86 1.75
C VAL A 73 -11.10 4.88 2.26
N LEU A 74 -11.02 5.19 3.54
CA LEU A 74 -11.91 6.16 4.16
C LEU A 74 -11.36 7.56 3.99
N LYS A 75 -11.99 8.35 3.13
CA LYS A 75 -11.56 9.72 2.92
C LYS A 75 -12.45 10.68 3.69
N ALA A 76 -12.07 10.98 4.93
CA ALA A 76 -12.85 11.84 5.78
C ALA A 76 -12.31 13.27 5.80
N CYS A 77 -12.75 14.06 4.83
CA CYS A 77 -12.37 15.47 4.69
C CYS A 77 -10.87 15.71 4.87
N GLY A 78 -10.05 14.77 4.39
CA GLY A 78 -8.61 14.91 4.51
C GLY A 78 -8.00 13.79 5.33
N ALA A 79 -8.75 13.29 6.31
CA ALA A 79 -8.28 12.21 7.15
C ALA A 79 -8.57 10.87 6.48
N VAL A 80 -7.52 10.18 6.06
CA VAL A 80 -7.68 8.91 5.38
C VAL A 80 -7.26 7.75 6.29
N ASP A 81 -8.16 6.81 6.46
CA ASP A 81 -7.87 5.63 7.25
C ASP A 81 -8.34 4.38 6.52
N TYR A 82 -7.99 3.21 7.03
CA TYR A 82 -8.26 1.98 6.32
C TYR A 82 -9.22 1.09 7.09
N PHE A 83 -10.34 0.78 6.47
CA PHE A 83 -11.37 -0.04 7.07
C PHE A 83 -11.30 -1.46 6.54
N CYS A 84 -11.31 -2.44 7.43
CA CYS A 84 -11.20 -3.84 7.05
C CYS A 84 -12.58 -4.42 6.75
N GLN A 85 -12.88 -4.57 5.46
CA GLN A 85 -14.17 -5.11 5.04
C GLN A 85 -14.24 -6.59 5.31
N HIS A 86 -14.81 -6.91 6.46
CA HIS A 86 -14.93 -8.29 6.93
C HIS A 86 -15.41 -8.29 8.38
N GLY A 87 -15.56 -7.11 8.95
CA GLY A 87 -15.97 -7.01 10.34
C GLY A 87 -14.78 -6.96 11.28
N HIS A 88 -13.66 -6.45 10.78
CA HIS A 88 -12.46 -6.30 11.61
C HIS A 88 -12.32 -4.85 12.08
N GLY A 89 -13.15 -3.97 11.55
CA GLY A 89 -13.12 -2.58 11.95
C GLY A 89 -11.98 -1.82 11.30
N LEU A 90 -11.45 -0.84 12.01
CA LEU A 90 -10.36 -0.02 11.50
C LEU A 90 -9.03 -0.71 11.74
N ILE A 91 -8.12 -0.56 10.79
CA ILE A 91 -6.79 -1.16 10.89
C ILE A 91 -5.74 -0.07 11.08
N SER A 92 -4.81 -0.28 12.00
CA SER A 92 -3.73 0.66 12.22
C SER A 92 -2.92 0.84 10.93
N LYS A 93 -2.48 2.06 10.69
CA LYS A 93 -1.80 2.40 9.43
C LYS A 93 -0.52 1.59 9.24
N LYS A 94 0.13 1.22 10.33
CA LYS A 94 1.35 0.42 10.25
C LYS A 94 1.05 -1.07 10.28
N ARG A 95 -0.23 -1.42 10.35
CA ARG A 95 -0.63 -2.82 10.35
C ARG A 95 -1.08 -3.22 8.96
N VAL A 96 -1.32 -2.22 8.12
CA VAL A 96 -1.72 -2.45 6.74
C VAL A 96 -0.55 -3.00 5.94
N GLU A 97 -0.75 -4.14 5.30
CA GLU A 97 0.28 -4.70 4.46
C GLU A 97 0.15 -4.13 3.05
N PHE A 98 1.01 -3.18 2.73
CA PHE A 98 1.01 -2.56 1.42
C PHE A 98 1.77 -3.43 0.44
N VAL A 99 1.05 -4.18 -0.35
CA VAL A 99 1.67 -5.01 -1.36
C VAL A 99 1.56 -4.35 -2.73
N LEU A 100 2.15 -4.96 -3.74
CA LEU A 100 2.13 -4.38 -5.06
C LEU A 100 0.88 -4.81 -5.82
N ALA A 101 0.19 -3.83 -6.39
CA ALA A 101 -1.06 -4.09 -7.09
C ALA A 101 -0.82 -4.93 -8.34
N MET A 31 13.81 4.87 1.68
CA MET A 31 13.31 3.49 1.45
C MET A 31 14.33 2.69 0.65
N GLU A 32 14.57 1.45 1.06
CA GLU A 32 15.52 0.60 0.38
C GLU A 32 14.83 -0.63 -0.19
N LEU A 33 13.56 -0.48 -0.52
CA LEU A 33 12.82 -1.53 -1.20
C LEU A 33 13.27 -1.60 -2.65
N HIS A 34 13.23 -2.78 -3.23
CA HIS A 34 13.67 -2.94 -4.60
C HIS A 34 12.58 -3.64 -5.40
N CYS A 35 12.58 -3.44 -6.72
CA CYS A 35 11.57 -4.05 -7.56
C CYS A 35 11.87 -5.54 -7.74
N PRO A 36 10.92 -6.40 -7.38
CA PRO A 36 11.10 -7.86 -7.47
C PRO A 36 11.26 -8.31 -8.93
N GLN A 37 10.78 -7.49 -9.84
CA GLN A 37 10.90 -7.78 -11.27
C GLN A 37 11.97 -6.90 -11.90
N CYS A 38 11.65 -5.62 -12.05
CA CYS A 38 12.49 -4.68 -12.80
C CYS A 38 13.68 -4.16 -11.99
N GLN A 39 13.96 -4.79 -10.85
CA GLN A 39 15.13 -4.47 -10.03
C GLN A 39 15.25 -2.96 -9.73
N HIS A 40 16.48 -2.51 -9.51
CA HIS A 40 16.78 -1.10 -9.21
C HIS A 40 16.29 -0.72 -7.81
N VAL A 41 15.11 -0.10 -7.72
CA VAL A 41 14.62 0.36 -6.43
C VAL A 41 13.12 0.70 -6.48
N LEU A 42 12.45 0.49 -5.36
CA LEU A 42 11.06 0.90 -5.20
C LEU A 42 10.96 2.02 -4.18
N ASP A 43 11.24 3.23 -4.64
CA ASP A 43 11.16 4.40 -3.78
C ASP A 43 9.80 5.04 -3.94
N GLN A 44 8.92 4.77 -2.99
CA GLN A 44 7.52 5.14 -3.12
C GLN A 44 7.25 6.54 -2.60
N ASP A 45 6.31 7.22 -3.25
CA ASP A 45 5.80 8.48 -2.74
C ASP A 45 5.02 8.21 -1.47
N ASN A 46 3.94 7.45 -1.62
CA ASN A 46 3.12 7.01 -0.50
C ASN A 46 2.02 6.09 -1.03
N GLY A 47 2.18 4.79 -0.81
CA GLY A 47 1.21 3.83 -1.31
C GLY A 47 1.46 3.49 -2.77
N HIS A 48 1.36 4.50 -3.62
CA HIS A 48 1.66 4.33 -5.04
C HIS A 48 3.16 4.32 -5.24
N ALA A 49 3.67 3.20 -5.73
CA ALA A 49 5.11 3.01 -5.86
C ALA A 49 5.60 3.40 -7.23
N ARG A 50 6.27 4.54 -7.33
CA ARG A 50 6.90 4.92 -8.57
C ARG A 50 8.32 4.41 -8.60
N CYS A 51 8.64 3.60 -9.61
CA CYS A 51 10.00 3.14 -9.80
C CYS A 51 10.86 4.30 -10.26
N ARG A 52 11.47 5.03 -9.33
CA ARG A 52 12.28 6.18 -9.68
C ARG A 52 13.43 5.81 -10.63
N SER A 53 14.30 4.91 -10.18
CA SER A 53 15.46 4.53 -10.98
C SER A 53 15.08 3.68 -12.19
N CYS A 54 13.83 3.24 -12.26
CA CYS A 54 13.35 2.51 -13.42
C CYS A 54 12.69 3.46 -14.43
N GLY A 55 11.77 4.27 -13.94
CA GLY A 55 10.95 5.12 -14.80
C GLY A 55 9.53 4.57 -14.94
N GLU A 56 9.18 3.64 -14.04
CA GLU A 56 7.90 2.94 -14.10
C GLU A 56 6.93 3.49 -13.05
N PHE A 57 5.69 3.01 -13.11
CA PHE A 57 4.66 3.34 -12.13
C PHE A 57 3.95 2.07 -11.67
N ILE A 58 4.08 1.74 -10.39
CA ILE A 58 3.46 0.54 -9.85
C ILE A 58 2.35 0.90 -8.86
N GLU A 59 1.23 0.21 -9.00
CA GLU A 59 0.11 0.36 -8.08
C GLU A 59 0.19 -0.69 -6.97
N MET A 60 -0.24 -0.32 -5.78
CA MET A 60 -0.28 -1.27 -4.67
C MET A 60 -1.67 -1.34 -4.06
N LYS A 61 -1.96 -2.48 -3.47
CA LYS A 61 -3.25 -2.72 -2.84
C LYS A 61 -3.11 -2.78 -1.33
N ALA A 62 -3.92 -2.00 -0.63
CA ALA A 62 -3.92 -2.01 0.82
C ALA A 62 -4.80 -3.14 1.34
N LEU A 63 -4.17 -4.16 1.90
CA LEU A 63 -4.89 -5.32 2.38
C LEU A 63 -4.71 -5.49 3.89
N CYS A 64 -5.65 -6.20 4.51
CA CYS A 64 -5.54 -6.53 5.92
C CYS A 64 -4.61 -7.73 6.07
N PRO A 65 -3.56 -7.61 6.89
CA PRO A 65 -2.46 -8.59 6.98
C PRO A 65 -2.90 -10.02 7.30
N ASP A 66 -4.02 -10.18 7.99
CA ASP A 66 -4.45 -11.50 8.45
C ASP A 66 -5.49 -12.12 7.52
N CYS A 67 -6.55 -11.38 7.22
CA CYS A 67 -7.65 -11.89 6.44
C CYS A 67 -7.46 -11.62 4.95
N HIS A 68 -6.47 -10.78 4.65
CA HIS A 68 -6.05 -10.49 3.28
C HIS A 68 -7.14 -9.75 2.49
N GLN A 69 -8.25 -9.43 3.16
CA GLN A 69 -9.31 -8.65 2.54
C GLN A 69 -8.86 -7.21 2.31
N PRO A 70 -9.35 -6.59 1.22
CA PRO A 70 -8.98 -5.22 0.83
C PRO A 70 -9.48 -4.15 1.80
N LEU A 71 -8.70 -3.10 1.97
CA LEU A 71 -9.07 -2.01 2.86
C LEU A 71 -9.67 -0.86 2.09
N GLN A 72 -10.72 -0.27 2.62
CA GLN A 72 -11.37 0.88 2.01
C GLN A 72 -10.69 2.15 2.51
N VAL A 73 -10.30 3.01 1.59
CA VAL A 73 -9.62 4.25 1.93
C VAL A 73 -10.60 5.26 2.52
N LEU A 74 -10.44 5.54 3.79
CA LEU A 74 -11.29 6.49 4.48
C LEU A 74 -10.72 7.90 4.36
N LYS A 75 -11.04 8.57 3.27
CA LYS A 75 -10.57 9.92 3.04
C LYS A 75 -11.56 10.94 3.60
N ALA A 76 -11.23 11.48 4.77
CA ALA A 76 -12.04 12.53 5.37
C ALA A 76 -11.24 13.83 5.40
N CYS A 77 -11.93 14.95 5.56
CA CYS A 77 -11.25 16.23 5.66
C CYS A 77 -10.58 16.37 7.02
N GLY A 78 -9.43 15.75 7.16
CA GLY A 78 -8.72 15.76 8.42
C GLY A 78 -7.84 14.54 8.57
N ALA A 79 -8.45 13.37 8.57
CA ALA A 79 -7.72 12.12 8.72
C ALA A 79 -8.07 11.15 7.60
N VAL A 80 -7.05 10.50 7.05
CA VAL A 80 -7.24 9.47 6.06
C VAL A 80 -6.71 8.13 6.59
N ASP A 81 -7.59 7.17 6.74
CA ASP A 81 -7.19 5.87 7.29
C ASP A 81 -7.71 4.73 6.42
N TYR A 82 -7.56 3.51 6.89
CA TYR A 82 -8.00 2.34 6.13
C TYR A 82 -9.02 1.52 6.91
N PHE A 83 -10.12 1.17 6.25
CA PHE A 83 -11.16 0.35 6.84
C PHE A 83 -11.13 -1.05 6.25
N CYS A 84 -10.98 -2.04 7.10
CA CYS A 84 -10.98 -3.44 6.66
C CYS A 84 -12.34 -3.85 6.17
N GLN A 85 -12.53 -3.82 4.87
CA GLN A 85 -13.75 -4.33 4.29
C GLN A 85 -13.77 -5.83 4.43
N HIS A 86 -14.75 -6.32 5.19
CA HIS A 86 -14.95 -7.75 5.46
C HIS A 86 -14.13 -8.17 6.66
N GLY A 87 -14.73 -8.01 7.84
CA GLY A 87 -14.16 -8.53 9.07
C GLY A 87 -13.00 -7.72 9.61
N HIS A 88 -13.32 -6.72 10.45
CA HIS A 88 -12.36 -6.02 11.35
C HIS A 88 -12.84 -4.63 11.71
N GLY A 89 -12.75 -3.72 10.74
CA GLY A 89 -12.93 -2.31 11.02
C GLY A 89 -11.67 -1.55 10.65
N LEU A 90 -11.46 -0.38 11.23
CA LEU A 90 -10.28 0.42 10.92
C LEU A 90 -9.00 -0.30 11.33
N ILE A 91 -8.05 -0.36 10.41
CA ILE A 91 -6.77 -1.02 10.65
C ILE A 91 -5.67 0.01 10.77
N SER A 92 -4.78 -0.18 11.73
CA SER A 92 -3.63 0.70 11.90
C SER A 92 -2.81 0.76 10.61
N LYS A 93 -2.59 1.98 10.12
CA LYS A 93 -1.98 2.21 8.82
C LYS A 93 -0.60 1.56 8.69
N LYS A 94 0.10 1.43 9.80
CA LYS A 94 1.44 0.85 9.81
C LYS A 94 1.39 -0.69 9.84
N ARG A 95 0.20 -1.23 10.07
CA ARG A 95 0.00 -2.67 10.12
C ARG A 95 -0.51 -3.19 8.78
N VAL A 96 -0.99 -2.26 7.95
CA VAL A 96 -1.55 -2.58 6.64
C VAL A 96 -0.55 -3.36 5.78
N GLU A 97 -1.06 -4.38 5.09
CA GLU A 97 -0.25 -5.17 4.18
C GLU A 97 -0.35 -4.59 2.77
N PHE A 98 0.77 -4.09 2.27
CA PHE A 98 0.81 -3.51 0.95
C PHE A 98 1.41 -4.49 -0.06
N VAL A 99 0.59 -4.92 -1.00
CA VAL A 99 1.04 -5.82 -2.06
C VAL A 99 0.98 -5.11 -3.40
N LEU A 100 1.82 -5.55 -4.33
CA LEU A 100 1.84 -4.95 -5.67
C LEU A 100 0.64 -5.44 -6.48
N ALA A 101 0.11 -4.56 -7.31
CA ALA A 101 -1.01 -4.91 -8.16
C ALA A 101 -0.53 -5.59 -9.44
N MET A 31 16.50 0.18 3.34
CA MET A 31 15.66 1.39 3.47
C MET A 31 14.88 1.62 2.18
N GLU A 32 15.61 1.63 1.07
CA GLU A 32 15.01 1.80 -0.25
C GLU A 32 14.67 0.44 -0.84
N LEU A 33 13.39 0.17 -0.98
CA LEU A 33 12.94 -1.09 -1.54
C LEU A 33 13.21 -1.11 -3.03
N HIS A 34 13.92 -2.13 -3.47
CA HIS A 34 14.25 -2.29 -4.87
C HIS A 34 13.09 -2.96 -5.58
N CYS A 35 12.92 -2.71 -6.88
CA CYS A 35 11.75 -3.22 -7.59
C CYS A 35 11.94 -4.70 -7.98
N PRO A 36 11.27 -5.61 -7.25
CA PRO A 36 11.46 -7.05 -7.40
C PRO A 36 10.76 -7.63 -8.62
N GLN A 37 11.32 -7.31 -9.77
CA GLN A 37 10.79 -7.77 -11.06
C GLN A 37 11.78 -7.35 -12.16
N CYS A 38 12.24 -6.12 -12.07
CA CYS A 38 13.22 -5.59 -13.01
C CYS A 38 14.50 -5.20 -12.28
N GLN A 39 14.36 -4.90 -10.99
CA GLN A 39 15.46 -4.53 -10.10
C GLN A 39 16.03 -3.14 -10.39
N HIS A 40 16.02 -2.32 -9.34
CA HIS A 40 16.61 -0.97 -9.34
C HIS A 40 16.28 -0.29 -8.01
N VAL A 41 15.14 0.39 -7.95
CA VAL A 41 14.72 1.07 -6.73
C VAL A 41 13.27 1.59 -6.85
N LEU A 42 12.54 1.50 -5.75
CA LEU A 42 11.19 2.04 -5.65
C LEU A 42 11.14 3.11 -4.58
N ASP A 43 11.25 4.37 -4.97
CA ASP A 43 11.15 5.46 -4.01
C ASP A 43 9.69 5.86 -3.88
N GLN A 44 9.09 5.48 -2.76
CA GLN A 44 7.65 5.55 -2.60
C GLN A 44 7.19 6.93 -2.13
N ASP A 45 6.03 7.35 -2.64
CA ASP A 45 5.37 8.55 -2.14
C ASP A 45 5.02 8.36 -0.67
N ASN A 46 4.23 7.32 -0.41
CA ASN A 46 3.79 6.96 0.93
C ASN A 46 3.03 5.64 0.88
N GLY A 47 2.01 5.60 0.03
CA GLY A 47 1.25 4.38 -0.15
C GLY A 47 1.61 3.69 -1.45
N HIS A 48 1.31 4.34 -2.57
CA HIS A 48 1.66 3.79 -3.87
C HIS A 48 3.13 4.11 -4.20
N ALA A 49 3.70 3.33 -5.11
CA ALA A 49 5.12 3.49 -5.43
C ALA A 49 5.33 3.57 -6.94
N ARG A 50 6.56 3.91 -7.31
CA ARG A 50 6.95 3.96 -8.71
C ARG A 50 8.43 3.66 -8.81
N CYS A 51 8.84 2.96 -9.87
CA CYS A 51 10.25 2.71 -10.11
C CYS A 51 10.96 4.04 -10.33
N ARG A 52 11.78 4.43 -9.35
CA ARG A 52 12.42 5.74 -9.37
C ARG A 52 13.34 5.91 -10.57
N SER A 53 14.28 4.98 -10.72
CA SER A 53 15.22 5.01 -11.83
C SER A 53 14.56 4.52 -13.11
N CYS A 54 13.78 3.46 -12.99
CA CYS A 54 13.17 2.83 -14.17
C CYS A 54 12.13 3.76 -14.80
N GLY A 55 11.19 4.23 -13.99
CA GLY A 55 10.08 5.01 -14.49
C GLY A 55 8.79 4.22 -14.49
N GLU A 56 8.92 2.90 -14.31
CA GLU A 56 7.78 1.98 -14.31
C GLU A 56 6.83 2.26 -13.16
N PHE A 57 5.56 1.94 -13.34
CA PHE A 57 4.57 2.10 -12.30
C PHE A 57 4.35 0.80 -11.55
N ILE A 58 4.75 0.76 -10.29
CA ILE A 58 4.49 -0.39 -9.44
C ILE A 58 3.84 0.07 -8.14
N GLU A 59 2.52 0.05 -8.11
CA GLU A 59 1.80 0.48 -6.93
C GLU A 59 1.50 -0.71 -6.05
N MET A 60 1.02 -0.46 -4.85
CA MET A 60 0.78 -1.54 -3.90
C MET A 60 -0.68 -1.56 -3.44
N LYS A 61 -1.22 -2.75 -3.35
CA LYS A 61 -2.57 -2.95 -2.84
C LYS A 61 -2.55 -2.85 -1.32
N ALA A 62 -3.47 -2.06 -0.78
CA ALA A 62 -3.59 -1.94 0.66
C ALA A 62 -4.55 -3.01 1.18
N LEU A 63 -4.00 -4.18 1.49
CA LEU A 63 -4.81 -5.30 1.91
C LEU A 63 -4.68 -5.53 3.41
N CYS A 64 -5.76 -6.01 4.01
CA CYS A 64 -5.71 -6.46 5.39
C CYS A 64 -5.03 -7.82 5.45
N PRO A 65 -3.95 -7.93 6.24
CA PRO A 65 -3.08 -9.13 6.25
C PRO A 65 -3.83 -10.42 6.57
N ASP A 66 -4.90 -10.32 7.35
CA ASP A 66 -5.62 -11.50 7.83
C ASP A 66 -6.52 -12.09 6.74
N CYS A 67 -7.12 -11.22 5.94
CA CYS A 67 -8.17 -11.66 5.02
C CYS A 67 -7.81 -11.36 3.57
N HIS A 68 -6.92 -10.40 3.38
CA HIS A 68 -6.46 -9.98 2.05
C HIS A 68 -7.58 -9.28 1.27
N GLN A 69 -8.61 -8.84 1.98
CA GLN A 69 -9.59 -7.95 1.40
C GLN A 69 -9.03 -6.53 1.36
N PRO A 70 -9.30 -5.79 0.28
CA PRO A 70 -8.83 -4.42 0.13
C PRO A 70 -9.38 -3.51 1.21
N LEU A 71 -8.50 -2.75 1.85
CA LEU A 71 -8.90 -1.82 2.90
C LEU A 71 -9.59 -0.62 2.28
N GLN A 72 -10.79 -0.32 2.76
CA GLN A 72 -11.56 0.79 2.25
C GLN A 72 -10.94 2.11 2.71
N VAL A 73 -10.55 2.93 1.74
CA VAL A 73 -9.92 4.20 2.02
C VAL A 73 -10.95 5.24 2.43
N LEU A 74 -11.03 5.47 3.73
CA LEU A 74 -11.96 6.46 4.27
C LEU A 74 -11.37 7.85 4.13
N LYS A 75 -11.78 8.58 3.10
CA LYS A 75 -11.29 9.93 2.89
C LYS A 75 -12.28 10.95 3.43
N ALA A 76 -11.91 11.55 4.56
CA ALA A 76 -12.68 12.62 5.14
C ALA A 76 -11.93 13.94 4.94
N CYS A 77 -12.50 15.03 5.43
CA CYS A 77 -11.86 16.33 5.30
C CYS A 77 -10.77 16.50 6.36
N GLY A 78 -9.59 15.95 6.09
CA GLY A 78 -8.48 16.07 7.00
C GLY A 78 -8.07 14.74 7.61
N ALA A 79 -8.91 13.72 7.43
CA ALA A 79 -8.65 12.40 7.99
C ALA A 79 -8.71 11.32 6.91
N VAL A 80 -7.77 10.38 6.97
CA VAL A 80 -7.75 9.25 6.04
C VAL A 80 -7.44 7.98 6.81
N ASP A 81 -8.36 7.02 6.75
CA ASP A 81 -8.19 5.76 7.47
C ASP A 81 -8.46 4.58 6.56
N TYR A 82 -7.92 3.42 6.94
CA TYR A 82 -8.15 2.20 6.18
C TYR A 82 -9.09 1.27 6.97
N PHE A 83 -10.27 1.05 6.42
CA PHE A 83 -11.30 0.26 7.11
C PHE A 83 -11.40 -1.14 6.51
N CYS A 84 -11.41 -2.15 7.36
CA CYS A 84 -11.54 -3.53 6.91
C CYS A 84 -12.96 -4.02 7.14
N GLN A 85 -13.77 -4.01 6.07
CA GLN A 85 -15.13 -4.54 6.16
C GLN A 85 -15.09 -6.05 6.31
N HIS A 86 -15.15 -6.46 7.56
CA HIS A 86 -15.11 -7.88 7.95
C HIS A 86 -15.11 -7.97 9.46
N GLY A 87 -15.59 -6.92 10.11
CA GLY A 87 -15.57 -6.85 11.56
C GLY A 87 -14.18 -6.68 12.12
N HIS A 88 -13.31 -5.99 11.39
CA HIS A 88 -11.93 -5.78 11.84
C HIS A 88 -11.68 -4.32 12.14
N GLY A 89 -12.60 -3.46 11.74
CA GLY A 89 -12.51 -2.05 12.05
C GLY A 89 -11.42 -1.35 11.27
N LEU A 90 -10.74 -0.42 11.92
CA LEU A 90 -9.70 0.38 11.28
C LEU A 90 -8.33 -0.26 11.48
N ILE A 91 -7.55 -0.34 10.42
CA ILE A 91 -6.23 -0.92 10.47
C ILE A 91 -5.16 0.17 10.37
N SER A 92 -4.32 0.26 11.39
CA SER A 92 -3.20 1.19 11.38
C SER A 92 -2.25 0.86 10.23
N LYS A 93 -1.61 1.88 9.68
CA LYS A 93 -0.80 1.73 8.47
C LYS A 93 0.49 0.94 8.73
N LYS A 94 0.71 0.51 9.96
CA LYS A 94 1.82 -0.39 10.26
C LYS A 94 1.42 -1.82 9.96
N ARG A 95 0.13 -2.10 10.12
CA ARG A 95 -0.39 -3.44 10.03
C ARG A 95 -1.08 -3.68 8.69
N VAL A 96 -0.87 -2.76 7.76
CA VAL A 96 -1.38 -2.90 6.40
C VAL A 96 -0.41 -3.70 5.55
N GLU A 97 -0.89 -4.74 4.89
CA GLU A 97 -0.03 -5.57 4.07
C GLU A 97 -0.04 -5.06 2.63
N PHE A 98 1.06 -4.42 2.25
CA PHE A 98 1.18 -3.86 0.91
C PHE A 98 1.76 -4.89 -0.06
N VAL A 99 0.96 -5.27 -1.04
CA VAL A 99 1.41 -6.22 -2.05
C VAL A 99 1.49 -5.53 -3.41
N LEU A 100 2.34 -6.02 -4.29
CA LEU A 100 2.53 -5.41 -5.60
C LEU A 100 1.26 -5.58 -6.45
N ALA A 101 0.79 -4.47 -7.00
CA ALA A 101 -0.44 -4.47 -7.78
C ALA A 101 -0.16 -4.82 -9.23
N MET A 31 12.91 1.55 3.42
CA MET A 31 13.92 0.52 3.09
C MET A 31 13.87 0.18 1.62
N GLU A 32 14.99 -0.29 1.09
CA GLU A 32 15.09 -0.55 -0.34
C GLU A 32 14.37 -1.83 -0.74
N LEU A 33 13.37 -1.68 -1.58
CA LEU A 33 12.77 -2.81 -2.25
C LEU A 33 13.38 -2.90 -3.64
N HIS A 34 13.24 -4.02 -4.31
CA HIS A 34 13.86 -4.17 -5.62
C HIS A 34 12.80 -4.35 -6.71
N CYS A 35 13.03 -3.70 -7.84
CA CYS A 35 12.14 -3.74 -8.99
C CYS A 35 12.45 -4.97 -9.81
N PRO A 36 11.58 -5.99 -9.81
CA PRO A 36 11.83 -7.29 -10.49
C PRO A 36 12.24 -7.13 -11.96
N GLN A 37 11.99 -5.94 -12.50
CA GLN A 37 12.29 -5.63 -13.88
C GLN A 37 13.78 -5.25 -14.08
N CYS A 38 14.35 -4.50 -13.15
CA CYS A 38 15.74 -4.04 -13.29
C CYS A 38 16.55 -4.28 -12.03
N GLN A 39 15.89 -4.88 -11.04
CA GLN A 39 16.49 -5.24 -9.75
C GLN A 39 17.14 -4.06 -9.05
N HIS A 40 16.68 -2.86 -9.37
CA HIS A 40 17.16 -1.66 -8.71
C HIS A 40 16.18 -1.21 -7.63
N VAL A 41 16.58 -0.23 -6.84
CA VAL A 41 15.84 0.21 -5.67
C VAL A 41 14.47 0.80 -6.02
N LEU A 42 13.46 0.36 -5.27
CA LEU A 42 12.16 1.00 -5.24
C LEU A 42 12.08 1.87 -4.00
N ASP A 43 12.14 3.17 -4.19
CA ASP A 43 12.15 4.11 -3.06
C ASP A 43 10.76 4.65 -2.81
N GLN A 44 10.39 4.70 -1.54
CA GLN A 44 9.06 5.14 -1.14
C GLN A 44 9.07 6.62 -0.80
N ASP A 45 8.69 7.44 -1.76
CA ASP A 45 8.51 8.87 -1.51
C ASP A 45 7.23 9.08 -0.72
N ASN A 46 6.30 8.17 -0.93
CA ASN A 46 5.01 8.17 -0.25
C ASN A 46 4.42 6.77 -0.38
N GLY A 47 3.09 6.67 -0.44
CA GLY A 47 2.46 5.37 -0.63
C GLY A 47 2.59 4.85 -2.05
N HIS A 48 3.61 5.30 -2.75
CA HIS A 48 3.89 4.87 -4.11
C HIS A 48 5.36 4.54 -4.25
N ALA A 49 5.66 3.43 -4.92
CA ALA A 49 7.04 3.06 -5.18
C ALA A 49 7.37 3.39 -6.64
N ARG A 50 8.10 4.48 -6.82
CA ARG A 50 8.49 4.91 -8.15
C ARG A 50 9.94 4.51 -8.42
N CYS A 51 10.12 3.56 -9.31
CA CYS A 51 11.43 3.00 -9.60
C CYS A 51 12.30 4.00 -10.37
N ARG A 52 13.24 4.61 -9.66
CA ARG A 52 14.17 5.56 -10.26
C ARG A 52 15.17 4.84 -11.16
N SER A 53 14.77 4.65 -12.41
CA SER A 53 15.57 3.98 -13.42
C SER A 53 14.74 3.81 -14.69
N CYS A 54 13.72 2.98 -14.59
CA CYS A 54 12.81 2.73 -15.69
C CYS A 54 11.59 3.65 -15.62
N GLY A 55 11.36 4.21 -14.45
CA GLY A 55 10.19 5.05 -14.25
C GLY A 55 8.95 4.23 -14.00
N GLU A 56 9.16 2.95 -13.71
CA GLU A 56 8.07 2.02 -13.47
C GLU A 56 7.26 2.47 -12.26
N PHE A 57 5.95 2.52 -12.43
CA PHE A 57 5.06 2.96 -11.38
C PHE A 57 4.46 1.76 -10.65
N ILE A 58 4.96 1.51 -9.45
CA ILE A 58 4.48 0.41 -8.65
C ILE A 58 3.77 0.95 -7.41
N GLU A 59 2.46 0.89 -7.41
CA GLU A 59 1.68 1.35 -6.28
C GLU A 59 1.49 0.22 -5.29
N MET A 60 0.96 0.53 -4.12
CA MET A 60 0.71 -0.47 -3.12
C MET A 60 -0.77 -0.59 -2.82
N LYS A 61 -1.29 -1.80 -2.99
CA LYS A 61 -2.70 -2.06 -2.77
C LYS A 61 -2.93 -2.43 -1.30
N ALA A 62 -3.74 -1.64 -0.61
CA ALA A 62 -3.98 -1.84 0.81
C ALA A 62 -4.96 -2.99 1.07
N LEU A 63 -4.43 -4.09 1.56
CA LEU A 63 -5.26 -5.23 1.92
C LEU A 63 -5.22 -5.46 3.42
N CYS A 64 -6.23 -6.14 3.94
CA CYS A 64 -6.29 -6.44 5.35
C CYS A 64 -5.51 -7.72 5.66
N PRO A 65 -4.42 -7.62 6.45
CA PRO A 65 -3.50 -8.74 6.67
C PRO A 65 -4.14 -9.94 7.37
N ASP A 66 -5.27 -9.72 8.04
CA ASP A 66 -5.90 -10.78 8.83
C ASP A 66 -6.84 -11.65 7.98
N CYS A 67 -7.54 -11.05 7.03
CA CYS A 67 -8.50 -11.79 6.21
C CYS A 67 -8.13 -11.77 4.74
N HIS A 68 -7.09 -10.99 4.43
CA HIS A 68 -6.54 -10.87 3.08
C HIS A 68 -7.59 -10.37 2.08
N GLN A 69 -8.62 -9.71 2.58
CA GLN A 69 -9.65 -9.15 1.74
C GLN A 69 -9.55 -7.64 1.73
N PRO A 70 -10.08 -6.98 0.68
CA PRO A 70 -9.96 -5.52 0.49
C PRO A 70 -10.50 -4.71 1.66
N LEU A 71 -9.88 -3.56 1.89
CA LEU A 71 -10.30 -2.64 2.94
C LEU A 71 -11.26 -1.60 2.38
N GLN A 72 -12.02 -0.99 3.26
CA GLN A 72 -12.89 0.10 2.87
C GLN A 72 -12.15 1.41 3.10
N VAL A 73 -11.79 2.07 2.01
CA VAL A 73 -11.11 3.34 2.08
C VAL A 73 -12.10 4.45 2.41
N LEU A 74 -12.10 4.87 3.66
CA LEU A 74 -12.99 5.93 4.12
C LEU A 74 -12.44 7.27 3.67
N LYS A 75 -12.82 7.68 2.47
CA LYS A 75 -12.35 8.93 1.91
C LYS A 75 -13.36 10.03 2.15
N ALA A 76 -13.22 10.72 3.28
CA ALA A 76 -14.08 11.84 3.60
C ALA A 76 -13.43 13.15 3.21
N CYS A 77 -12.33 13.04 2.45
CA CYS A 77 -11.52 14.19 2.02
C CYS A 77 -10.74 14.80 3.19
N GLY A 78 -11.43 15.01 4.30
CA GLY A 78 -10.76 15.50 5.50
C GLY A 78 -9.81 14.46 6.06
N ALA A 79 -10.33 13.27 6.33
CA ALA A 79 -9.51 12.17 6.79
C ALA A 79 -9.74 10.93 5.93
N VAL A 80 -8.66 10.27 5.56
CA VAL A 80 -8.74 9.02 4.81
C VAL A 80 -8.34 7.84 5.69
N ASP A 81 -9.32 7.03 6.05
CA ASP A 81 -9.09 5.93 6.97
C ASP A 81 -9.24 4.58 6.27
N TYR A 82 -8.54 3.58 6.79
CA TYR A 82 -8.63 2.23 6.24
C TYR A 82 -9.38 1.33 7.21
N PHE A 83 -10.61 0.99 6.84
CA PHE A 83 -11.49 0.23 7.71
C PHE A 83 -11.77 -1.14 7.12
N CYS A 84 -11.62 -2.18 7.93
CA CYS A 84 -11.93 -3.54 7.49
C CYS A 84 -13.43 -3.78 7.60
N GLN A 85 -14.14 -3.47 6.53
CA GLN A 85 -15.57 -3.71 6.49
C GLN A 85 -15.82 -5.20 6.38
N HIS A 86 -16.02 -5.80 7.55
CA HIS A 86 -16.07 -7.25 7.75
C HIS A 86 -16.12 -7.49 9.25
N GLY A 87 -15.43 -6.63 9.98
CA GLY A 87 -15.41 -6.73 11.42
C GLY A 87 -14.01 -6.85 11.99
N HIS A 88 -13.14 -5.88 11.70
CA HIS A 88 -11.80 -5.84 12.28
C HIS A 88 -11.43 -4.43 12.72
N GLY A 89 -12.30 -3.47 12.43
CA GLY A 89 -12.01 -2.09 12.79
C GLY A 89 -11.02 -1.45 11.85
N LEU A 90 -10.21 -0.53 12.36
CA LEU A 90 -9.21 0.15 11.55
C LEU A 90 -7.85 -0.48 11.78
N ILE A 91 -7.03 -0.49 10.73
CA ILE A 91 -5.69 -1.06 10.81
C ILE A 91 -4.65 0.06 10.82
N SER A 92 -3.57 -0.16 11.56
CA SER A 92 -2.46 0.77 11.58
C SER A 92 -1.91 0.97 10.17
N LYS A 93 -1.74 2.22 9.77
CA LYS A 93 -1.35 2.56 8.40
C LYS A 93 -0.08 1.80 7.96
N LYS A 94 0.86 1.67 8.87
CA LYS A 94 2.15 1.03 8.55
C LYS A 94 2.10 -0.48 8.80
N ARG A 95 0.92 -1.00 9.11
CA ARG A 95 0.78 -2.43 9.39
C ARG A 95 -0.14 -3.08 8.35
N VAL A 96 -0.73 -2.26 7.49
CA VAL A 96 -1.60 -2.74 6.43
C VAL A 96 -0.80 -3.59 5.43
N GLU A 97 -1.43 -4.61 4.87
CA GLU A 97 -0.74 -5.46 3.90
C GLU A 97 -0.70 -4.75 2.55
N PHE A 98 0.48 -4.26 2.19
CA PHE A 98 0.65 -3.55 0.95
C PHE A 98 1.28 -4.46 -0.10
N VAL A 99 0.49 -4.83 -1.10
CA VAL A 99 1.00 -5.63 -2.20
C VAL A 99 1.27 -4.74 -3.40
N LEU A 100 2.19 -5.16 -4.24
CA LEU A 100 2.57 -4.39 -5.42
C LEU A 100 1.45 -4.38 -6.45
N ALA A 101 0.93 -3.19 -6.73
CA ALA A 101 -0.17 -3.05 -7.68
C ALA A 101 0.33 -3.13 -9.12
N MET A 31 16.29 -5.26 4.74
CA MET A 31 15.41 -4.38 3.94
C MET A 31 15.67 -4.61 2.46
N GLU A 32 14.61 -4.89 1.72
CA GLU A 32 14.73 -5.23 0.31
C GLU A 32 13.56 -4.68 -0.50
N LEU A 33 13.80 -3.55 -1.14
CA LEU A 33 12.79 -2.93 -2.00
C LEU A 33 13.40 -2.64 -3.36
N HIS A 34 13.22 -3.55 -4.30
CA HIS A 34 13.83 -3.42 -5.62
C HIS A 34 12.78 -3.48 -6.71
N CYS A 35 13.16 -3.02 -7.89
CA CYS A 35 12.27 -3.00 -9.04
C CYS A 35 12.22 -4.37 -9.70
N PRO A 36 11.08 -4.72 -10.33
CA PRO A 36 10.95 -5.95 -11.09
C PRO A 36 11.40 -5.79 -12.54
N GLN A 37 12.08 -4.68 -12.82
CA GLN A 37 12.58 -4.40 -14.15
C GLN A 37 13.87 -3.57 -14.09
N CYS A 38 13.74 -2.31 -13.67
CA CYS A 38 14.89 -1.42 -13.61
C CYS A 38 15.40 -1.36 -12.19
N GLN A 39 16.03 -2.46 -11.81
CA GLN A 39 16.65 -2.66 -10.49
C GLN A 39 17.28 -1.38 -9.93
N HIS A 40 16.63 -0.83 -8.92
CA HIS A 40 17.16 0.32 -8.20
C HIS A 40 16.58 0.36 -6.79
N VAL A 41 15.35 0.85 -6.66
CA VAL A 41 14.66 0.91 -5.38
C VAL A 41 13.22 1.36 -5.55
N LEU A 42 12.33 0.83 -4.71
CA LEU A 42 10.93 1.26 -4.69
C LEU A 42 10.72 2.34 -3.63
N ASP A 43 10.48 3.56 -4.07
CA ASP A 43 10.28 4.69 -3.16
C ASP A 43 8.80 5.06 -3.12
N GLN A 44 8.06 4.39 -2.24
CA GLN A 44 6.62 4.55 -2.19
C GLN A 44 6.24 5.90 -1.60
N ASP A 45 5.34 6.59 -2.29
CA ASP A 45 4.90 7.92 -1.89
C ASP A 45 3.64 7.84 -1.06
N ASN A 46 2.59 7.25 -1.61
CA ASN A 46 1.33 7.08 -0.91
C ASN A 46 0.42 6.13 -1.67
N GLY A 47 0.26 4.91 -1.15
CA GLY A 47 -0.64 3.97 -1.75
C GLY A 47 0.02 3.09 -2.80
N HIS A 48 0.87 3.69 -3.63
CA HIS A 48 1.52 2.95 -4.69
C HIS A 48 3.04 3.08 -4.59
N ALA A 49 3.75 2.29 -5.39
CA ALA A 49 5.21 2.25 -5.33
C ALA A 49 5.82 2.98 -6.51
N ARG A 50 6.43 4.11 -6.22
CA ARG A 50 7.14 4.88 -7.23
C ARG A 50 8.63 4.59 -7.15
N CYS A 51 9.15 3.78 -8.06
CA CYS A 51 10.56 3.44 -7.99
C CYS A 51 11.41 4.66 -8.30
N ARG A 52 12.14 5.11 -7.30
CA ARG A 52 12.80 6.40 -7.31
C ARG A 52 13.82 6.51 -8.44
N SER A 53 13.69 7.59 -9.21
CA SER A 53 14.62 7.94 -10.27
C SER A 53 14.48 7.06 -11.52
N CYS A 54 14.13 5.78 -11.35
CA CYS A 54 14.09 4.87 -12.49
C CYS A 54 12.70 4.75 -13.13
N GLY A 55 11.72 5.51 -12.65
CA GLY A 55 10.53 5.78 -13.47
C GLY A 55 9.26 5.00 -13.10
N GLU A 56 9.33 3.67 -13.10
CA GLU A 56 8.15 2.80 -12.97
C GLU A 56 7.17 3.28 -11.90
N PHE A 57 5.93 3.50 -12.31
CA PHE A 57 4.85 3.75 -11.36
C PHE A 57 4.07 2.47 -11.11
N ILE A 58 4.44 1.78 -10.06
CA ILE A 58 3.81 0.52 -9.70
C ILE A 58 2.75 0.78 -8.64
N GLU A 59 1.67 0.02 -8.68
CA GLU A 59 0.61 0.19 -7.69
C GLU A 59 0.66 -0.93 -6.66
N MET A 60 0.27 -0.61 -5.45
CA MET A 60 0.28 -1.57 -4.35
C MET A 60 -1.13 -1.85 -3.91
N LYS A 61 -1.36 -3.05 -3.39
CA LYS A 61 -2.69 -3.47 -3.02
C LYS A 61 -2.74 -3.77 -1.52
N ALA A 62 -3.55 -2.98 -0.81
CA ALA A 62 -3.62 -3.06 0.64
C ALA A 62 -4.61 -4.12 1.11
N LEU A 63 -4.10 -5.11 1.82
CA LEU A 63 -4.95 -6.17 2.37
C LEU A 63 -4.85 -6.19 3.89
N CYS A 64 -5.94 -6.57 4.55
CA CYS A 64 -5.92 -6.75 5.99
C CYS A 64 -5.27 -8.08 6.32
N PRO A 65 -4.24 -8.09 7.18
CA PRO A 65 -3.43 -9.28 7.44
C PRO A 65 -4.23 -10.50 7.92
N ASP A 66 -5.29 -10.26 8.68
CA ASP A 66 -6.03 -11.35 9.31
C ASP A 66 -6.97 -12.07 8.33
N CYS A 67 -7.53 -11.31 7.39
CA CYS A 67 -8.59 -11.84 6.54
C CYS A 67 -8.26 -11.69 5.06
N HIS A 68 -7.26 -10.86 4.77
CA HIS A 68 -6.84 -10.58 3.39
C HIS A 68 -7.96 -9.96 2.58
N GLN A 69 -8.92 -9.36 3.26
CA GLN A 69 -9.93 -8.53 2.61
C GLN A 69 -9.27 -7.26 2.10
N PRO A 70 -9.60 -6.85 0.86
CA PRO A 70 -9.09 -5.60 0.30
C PRO A 70 -9.51 -4.40 1.13
N LEU A 71 -8.53 -3.68 1.65
CA LEU A 71 -8.81 -2.55 2.52
C LEU A 71 -9.41 -1.38 1.76
N GLN A 72 -10.39 -0.75 2.36
CA GLN A 72 -11.02 0.42 1.78
C GLN A 72 -10.20 1.66 2.06
N VAL A 73 -9.86 2.39 1.00
CA VAL A 73 -9.12 3.63 1.13
C VAL A 73 -10.08 4.74 1.51
N LEU A 74 -10.10 5.07 2.80
CA LEU A 74 -11.05 6.04 3.32
C LEU A 74 -10.59 7.46 3.12
N LYS A 75 -11.40 8.26 2.44
CA LYS A 75 -11.22 9.69 2.43
C LYS A 75 -12.25 10.33 3.34
N ALA A 76 -11.92 10.43 4.61
CA ALA A 76 -12.83 10.99 5.59
C ALA A 76 -12.59 12.48 5.75
N CYS A 77 -13.33 13.26 4.96
CA CYS A 77 -13.24 14.72 4.95
C CYS A 77 -11.90 15.17 4.35
N GLY A 78 -10.81 14.93 5.06
CA GLY A 78 -9.50 15.29 4.56
C GLY A 78 -8.43 14.31 5.00
N ALA A 79 -8.85 13.21 5.60
CA ALA A 79 -7.92 12.20 6.07
C ALA A 79 -8.08 10.90 5.29
N VAL A 80 -6.96 10.27 4.98
CA VAL A 80 -6.97 9.03 4.22
C VAL A 80 -6.45 7.88 5.07
N ASP A 81 -7.33 6.93 5.37
CA ASP A 81 -6.99 5.80 6.21
C ASP A 81 -7.44 4.50 5.56
N TYR A 82 -7.34 3.38 6.28
CA TYR A 82 -7.70 2.08 5.72
C TYR A 82 -8.73 1.38 6.58
N PHE A 83 -9.77 0.86 5.94
CA PHE A 83 -10.89 0.27 6.65
C PHE A 83 -11.05 -1.21 6.30
N CYS A 84 -11.18 -2.03 7.34
CA CYS A 84 -11.48 -3.45 7.18
C CYS A 84 -12.89 -3.73 7.65
N GLN A 85 -13.81 -3.89 6.71
CA GLN A 85 -15.17 -4.22 7.06
C GLN A 85 -15.26 -5.69 7.43
N HIS A 86 -15.33 -5.91 8.74
CA HIS A 86 -15.34 -7.26 9.32
C HIS A 86 -15.23 -7.13 10.83
N GLY A 87 -15.73 -6.02 11.37
CA GLY A 87 -15.61 -5.75 12.78
C GLY A 87 -14.20 -5.38 13.19
N HIS A 88 -13.41 -4.92 12.23
CA HIS A 88 -12.03 -4.50 12.51
C HIS A 88 -11.90 -3.00 12.42
N GLY A 89 -12.68 -2.40 11.52
CA GLY A 89 -12.66 -0.96 11.38
C GLY A 89 -11.36 -0.45 10.84
N LEU A 90 -10.85 0.63 11.42
CA LEU A 90 -9.62 1.25 10.98
C LEU A 90 -8.42 0.35 11.25
N ILE A 91 -7.70 0.02 10.19
CA ILE A 91 -6.49 -0.78 10.30
C ILE A 91 -5.28 0.14 10.28
N SER A 92 -4.37 -0.05 11.24
CA SER A 92 -3.17 0.76 11.33
C SER A 92 -2.39 0.70 10.02
N LYS A 93 -2.06 1.87 9.49
CA LYS A 93 -1.43 1.97 8.18
C LYS A 93 -0.04 1.33 8.17
N LYS A 94 0.57 1.22 9.34
CA LYS A 94 1.86 0.57 9.47
C LYS A 94 1.72 -0.94 9.63
N ARG A 95 0.48 -1.40 9.71
CA ARG A 95 0.18 -2.81 9.90
C ARG A 95 -0.54 -3.39 8.69
N VAL A 96 -0.67 -2.57 7.66
CA VAL A 96 -1.33 -3.00 6.42
C VAL A 96 -0.42 -3.93 5.63
N GLU A 97 -0.99 -4.99 5.09
CA GLU A 97 -0.23 -5.91 4.27
C GLU A 97 -0.28 -5.44 2.82
N PHE A 98 0.81 -4.83 2.37
CA PHE A 98 0.89 -4.29 1.03
C PHE A 98 1.46 -5.31 0.06
N VAL A 99 0.62 -5.79 -0.84
CA VAL A 99 1.08 -6.67 -1.91
C VAL A 99 1.11 -5.87 -3.21
N LEU A 100 1.39 -6.53 -4.32
CA LEU A 100 1.41 -5.86 -5.61
C LEU A 100 0.01 -5.82 -6.21
N ALA A 101 -0.31 -4.74 -6.89
CA ALA A 101 -1.61 -4.59 -7.54
C ALA A 101 -1.79 -5.61 -8.64
N MET A 31 16.96 0.54 3.76
CA MET A 31 16.70 -0.58 2.83
C MET A 31 15.82 -0.11 1.68
N GLU A 32 16.34 -0.16 0.47
CA GLU A 32 15.60 0.27 -0.70
C GLU A 32 14.83 -0.91 -1.29
N LEU A 33 13.59 -0.67 -1.68
CA LEU A 33 12.78 -1.70 -2.27
C LEU A 33 13.20 -1.91 -3.72
N HIS A 34 13.02 -3.12 -4.24
CA HIS A 34 13.41 -3.43 -5.60
C HIS A 34 12.18 -3.82 -6.41
N CYS A 35 12.16 -3.43 -7.68
CA CYS A 35 11.09 -3.84 -8.58
C CYS A 35 11.28 -5.31 -8.96
N PRO A 36 10.18 -6.08 -9.06
CA PRO A 36 10.26 -7.48 -9.48
C PRO A 36 10.64 -7.62 -10.97
N GLN A 37 10.02 -6.78 -11.80
CA GLN A 37 10.28 -6.80 -13.24
C GLN A 37 11.40 -5.85 -13.60
N CYS A 38 11.15 -4.55 -13.45
CA CYS A 38 12.14 -3.53 -13.75
C CYS A 38 13.04 -3.33 -12.53
N GLN A 39 13.67 -4.41 -12.09
CA GLN A 39 14.43 -4.45 -10.84
C GLN A 39 15.42 -3.30 -10.69
N HIS A 40 15.01 -2.31 -9.90
CA HIS A 40 15.83 -1.17 -9.51
C HIS A 40 15.25 -0.58 -8.23
N VAL A 41 15.75 0.57 -7.79
CA VAL A 41 15.31 1.18 -6.54
C VAL A 41 13.87 1.68 -6.64
N LEU A 42 13.07 1.31 -5.65
CA LEU A 42 11.69 1.78 -5.51
C LEU A 42 11.57 2.70 -4.29
N ASP A 43 10.88 3.82 -4.46
CA ASP A 43 10.62 4.72 -3.34
C ASP A 43 9.15 4.64 -2.95
N GLN A 44 8.88 3.97 -1.85
CA GLN A 44 7.52 3.80 -1.36
C GLN A 44 7.20 4.93 -0.39
N ASP A 45 6.43 5.90 -0.86
CA ASP A 45 6.19 7.11 -0.07
C ASP A 45 4.81 7.08 0.59
N ASN A 46 3.79 7.53 -0.13
CA ASN A 46 2.45 7.63 0.44
C ASN A 46 1.45 6.89 -0.44
N GLY A 47 1.32 5.60 -0.19
CA GLY A 47 0.35 4.80 -0.93
C GLY A 47 0.87 4.33 -2.29
N HIS A 48 1.65 5.18 -2.94
CA HIS A 48 2.17 4.86 -4.26
C HIS A 48 3.67 4.67 -4.21
N ALA A 49 4.17 3.66 -4.92
CA ALA A 49 5.60 3.41 -4.96
C ALA A 49 6.14 3.70 -6.36
N ARG A 50 6.95 4.73 -6.47
CA ARG A 50 7.55 5.05 -7.75
C ARG A 50 9.02 4.70 -7.76
N CYS A 51 9.44 4.04 -8.82
CA CYS A 51 10.82 3.68 -9.03
C CYS A 51 11.69 4.93 -9.11
N ARG A 52 12.86 4.88 -8.50
CA ARG A 52 13.80 6.00 -8.57
C ARG A 52 14.69 5.84 -9.79
N SER A 53 15.46 4.75 -9.80
CA SER A 53 16.45 4.51 -10.84
C SER A 53 15.78 4.32 -12.21
N CYS A 54 14.76 3.48 -12.27
CA CYS A 54 14.11 3.17 -13.54
C CYS A 54 12.97 4.15 -13.85
N GLY A 55 12.28 4.64 -12.83
CA GLY A 55 11.35 5.74 -13.01
C GLY A 55 9.87 5.35 -13.05
N GLU A 56 9.57 4.08 -13.28
CA GLU A 56 8.17 3.63 -13.37
C GLU A 56 7.41 3.91 -12.08
N PHE A 57 6.09 3.97 -12.17
CA PHE A 57 5.26 4.12 -10.99
C PHE A 57 4.40 2.88 -10.80
N ILE A 58 4.41 2.33 -9.60
CA ILE A 58 3.70 1.10 -9.30
C ILE A 58 2.60 1.36 -8.26
N GLU A 59 1.40 0.91 -8.58
CA GLU A 59 0.29 1.00 -7.64
C GLU A 59 0.30 -0.24 -6.75
N MET A 60 -0.07 -0.07 -5.49
CA MET A 60 -0.05 -1.18 -4.55
C MET A 60 -1.40 -1.34 -3.87
N LYS A 61 -1.72 -2.57 -3.51
CA LYS A 61 -3.00 -2.91 -2.93
C LYS A 61 -2.85 -3.26 -1.46
N ALA A 62 -3.67 -2.66 -0.61
CA ALA A 62 -3.58 -2.86 0.83
C ALA A 62 -4.50 -3.99 1.28
N LEU A 63 -3.90 -5.02 1.86
CA LEU A 63 -4.66 -6.16 2.37
C LEU A 63 -4.57 -6.23 3.89
N CYS A 64 -5.68 -6.56 4.52
CA CYS A 64 -5.74 -6.71 5.97
C CYS A 64 -5.09 -8.04 6.36
N PRO A 65 -4.00 -8.01 7.16
CA PRO A 65 -3.19 -9.20 7.46
C PRO A 65 -4.00 -10.41 7.92
N ASP A 66 -4.97 -10.17 8.79
CA ASP A 66 -5.81 -11.23 9.36
C ASP A 66 -6.67 -11.93 8.29
N CYS A 67 -7.69 -11.23 7.80
CA CYS A 67 -8.61 -11.82 6.82
C CYS A 67 -7.97 -11.91 5.44
N HIS A 68 -6.86 -11.20 5.27
CA HIS A 68 -6.07 -11.19 4.03
C HIS A 68 -6.87 -10.62 2.86
N GLN A 69 -7.94 -9.90 3.17
CA GLN A 69 -8.75 -9.25 2.16
C GLN A 69 -8.49 -7.74 2.18
N PRO A 70 -8.76 -7.05 1.05
CA PRO A 70 -8.45 -5.62 0.89
C PRO A 70 -9.15 -4.72 1.91
N LEU A 71 -8.57 -3.56 2.14
CA LEU A 71 -9.13 -2.59 3.07
C LEU A 71 -9.91 -1.50 2.33
N GLN A 72 -10.91 -0.96 3.00
CA GLN A 72 -11.70 0.13 2.48
C GLN A 72 -10.94 1.44 2.65
N VAL A 73 -10.54 2.03 1.53
CA VAL A 73 -9.81 3.29 1.55
C VAL A 73 -10.76 4.44 1.90
N LEU A 74 -10.59 4.98 3.09
CA LEU A 74 -11.44 6.05 3.56
C LEU A 74 -10.91 7.41 3.10
N LYS A 75 -11.38 7.86 1.94
CA LYS A 75 -11.05 9.18 1.45
C LYS A 75 -11.99 10.20 2.08
N ALA A 76 -11.62 10.68 3.25
CA ALA A 76 -12.45 11.61 4.00
C ALA A 76 -11.97 13.04 3.80
N CYS A 77 -12.52 13.96 4.59
CA CYS A 77 -12.18 15.37 4.45
C CYS A 77 -10.80 15.67 5.05
N GLY A 78 -9.78 15.50 4.23
CA GLY A 78 -8.43 15.81 4.65
C GLY A 78 -7.73 14.63 5.29
N ALA A 79 -8.47 13.55 5.50
CA ALA A 79 -7.92 12.36 6.14
C ALA A 79 -8.17 11.13 5.28
N VAL A 80 -7.14 10.35 5.07
CA VAL A 80 -7.24 9.11 4.32
C VAL A 80 -6.74 7.95 5.18
N ASP A 81 -7.63 7.04 5.50
CA ASP A 81 -7.28 5.92 6.36
C ASP A 81 -7.80 4.61 5.78
N TYR A 82 -7.67 3.52 6.53
CA TYR A 82 -8.03 2.20 6.03
C TYR A 82 -8.95 1.47 7.00
N PHE A 83 -10.15 1.17 6.53
CA PHE A 83 -11.14 0.46 7.33
C PHE A 83 -11.29 -0.97 6.83
N CYS A 84 -11.27 -1.93 7.73
CA CYS A 84 -11.45 -3.32 7.36
C CYS A 84 -12.92 -3.61 7.19
N GLN A 85 -13.41 -3.41 5.97
CA GLN A 85 -14.82 -3.65 5.67
C GLN A 85 -15.04 -5.14 5.56
N HIS A 86 -15.59 -5.67 6.64
CA HIS A 86 -15.72 -7.11 6.84
C HIS A 86 -16.04 -7.34 8.32
N GLY A 87 -15.57 -6.41 9.15
CA GLY A 87 -15.88 -6.46 10.57
C GLY A 87 -14.64 -6.55 11.44
N HIS A 88 -13.68 -5.64 11.23
CA HIS A 88 -12.48 -5.58 12.08
C HIS A 88 -12.20 -4.15 12.54
N GLY A 89 -12.92 -3.19 11.99
CA GLY A 89 -12.68 -1.80 12.33
C GLY A 89 -11.55 -1.23 11.51
N LEU A 90 -10.98 -0.12 11.95
CA LEU A 90 -9.88 0.50 11.22
C LEU A 90 -8.57 -0.20 11.53
N ILE A 91 -7.66 -0.18 10.57
CA ILE A 91 -6.37 -0.83 10.72
C ILE A 91 -5.25 0.19 10.58
N SER A 92 -4.18 0.03 11.35
CA SER A 92 -3.02 0.91 11.23
C SER A 92 -2.38 0.74 9.86
N LYS A 93 -2.31 1.83 9.11
CA LYS A 93 -1.87 1.78 7.72
C LYS A 93 -0.36 1.55 7.59
N LYS A 94 0.36 1.54 8.71
CA LYS A 94 1.76 1.14 8.70
C LYS A 94 1.89 -0.30 9.19
N ARG A 95 0.77 -0.95 9.39
CA ARG A 95 0.75 -2.31 9.89
C ARG A 95 -0.02 -3.21 8.92
N VAL A 96 -0.24 -2.68 7.73
CA VAL A 96 -1.02 -3.36 6.70
C VAL A 96 -0.08 -4.07 5.71
N GLU A 97 -0.58 -5.12 5.05
CA GLU A 97 0.21 -5.85 4.07
C GLU A 97 -0.04 -5.29 2.68
N PHE A 98 1.00 -4.75 2.06
CA PHE A 98 0.88 -4.19 0.72
C PHE A 98 1.33 -5.19 -0.34
N VAL A 99 0.50 -5.38 -1.34
CA VAL A 99 0.85 -6.22 -2.48
C VAL A 99 0.80 -5.41 -3.76
N LEU A 100 1.10 -6.02 -4.89
CA LEU A 100 1.08 -5.31 -6.17
C LEU A 100 -0.34 -5.12 -6.68
N ALA A 101 -0.59 -3.98 -7.31
CA ALA A 101 -1.89 -3.72 -7.91
C ALA A 101 -1.79 -3.80 -9.42
N MET A 31 17.14 -2.54 4.21
CA MET A 31 16.08 -3.43 3.69
C MET A 31 14.95 -2.60 3.09
N GLU A 32 14.82 -2.62 1.79
CA GLU A 32 13.83 -1.81 1.10
C GLU A 32 13.07 -2.66 0.10
N LEU A 33 11.99 -2.12 -0.42
CA LEU A 33 11.29 -2.77 -1.52
C LEU A 33 12.09 -2.56 -2.80
N HIS A 34 12.42 -3.65 -3.47
CA HIS A 34 13.16 -3.57 -4.72
C HIS A 34 12.31 -4.13 -5.85
N CYS A 35 12.59 -3.72 -7.08
CA CYS A 35 11.75 -4.11 -8.20
C CYS A 35 12.30 -5.36 -8.88
N PRO A 36 11.57 -6.48 -8.81
CA PRO A 36 12.04 -7.78 -9.35
C PRO A 36 12.32 -7.75 -10.85
N GLN A 37 11.78 -6.75 -11.53
CA GLN A 37 11.90 -6.66 -12.98
C GLN A 37 13.21 -5.99 -13.41
N CYS A 38 13.65 -5.00 -12.66
CA CYS A 38 14.81 -4.20 -13.04
C CYS A 38 15.78 -3.98 -11.88
N GLN A 39 15.43 -4.58 -10.74
CA GLN A 39 16.25 -4.57 -9.51
C GLN A 39 16.80 -3.20 -9.15
N HIS A 40 15.97 -2.42 -8.47
CA HIS A 40 16.38 -1.15 -7.89
C HIS A 40 15.34 -0.75 -6.84
N VAL A 41 15.52 0.41 -6.23
CA VAL A 41 14.67 0.82 -5.11
C VAL A 41 13.25 1.20 -5.57
N LEU A 42 12.27 0.71 -4.82
CA LEU A 42 10.87 1.06 -5.02
C LEU A 42 10.41 2.02 -3.92
N ASP A 43 11.19 3.08 -3.71
CA ASP A 43 10.87 4.04 -2.67
C ASP A 43 9.59 4.80 -3.02
N GLN A 44 8.50 4.39 -2.39
CA GLN A 44 7.20 4.97 -2.70
C GLN A 44 6.94 6.21 -1.87
N ASP A 45 6.24 7.18 -2.46
CA ASP A 45 5.95 8.43 -1.79
C ASP A 45 4.80 8.26 -0.81
N ASN A 46 3.70 7.70 -1.30
CA ASN A 46 2.53 7.42 -0.47
C ASN A 46 1.54 6.56 -1.23
N GLY A 47 1.52 5.27 -0.94
CA GLY A 47 0.60 4.36 -1.59
C GLY A 47 1.09 3.90 -2.95
N HIS A 48 1.43 4.85 -3.80
CA HIS A 48 1.96 4.55 -5.12
C HIS A 48 3.47 4.41 -5.08
N ALA A 49 3.96 3.27 -5.55
CA ALA A 49 5.39 3.02 -5.59
C ALA A 49 5.93 3.34 -6.97
N ARG A 50 7.20 3.70 -7.03
CA ARG A 50 7.84 3.97 -8.30
C ARG A 50 9.27 3.47 -8.26
N CYS A 51 9.70 2.90 -9.38
CA CYS A 51 11.10 2.56 -9.55
C CYS A 51 11.90 3.83 -9.69
N ARG A 52 12.42 4.33 -8.58
CA ARG A 52 13.07 5.63 -8.55
C ARG A 52 14.27 5.68 -9.49
N SER A 53 15.11 4.66 -9.40
CA SER A 53 16.32 4.59 -10.23
C SER A 53 15.96 4.29 -11.68
N CYS A 54 14.94 3.45 -11.88
CA CYS A 54 14.59 2.99 -13.22
C CYS A 54 13.78 4.05 -13.98
N GLY A 55 12.75 4.58 -13.32
CA GLY A 55 11.89 5.55 -13.95
C GLY A 55 10.44 5.08 -14.05
N GLU A 56 10.25 3.77 -14.17
CA GLU A 56 8.92 3.21 -14.39
C GLU A 56 8.09 3.23 -13.11
N PHE A 57 6.77 3.20 -13.27
CA PHE A 57 5.84 3.19 -12.13
C PHE A 57 5.35 1.78 -11.85
N ILE A 58 5.01 1.50 -10.60
CA ILE A 58 4.45 0.21 -10.22
C ILE A 58 3.28 0.40 -9.26
N GLU A 59 2.12 -0.07 -9.66
CA GLU A 59 0.92 0.03 -8.84
C GLU A 59 0.96 -0.96 -7.69
N MET A 60 0.53 -0.53 -6.51
CA MET A 60 0.47 -1.41 -5.34
C MET A 60 -0.92 -1.36 -4.72
N LYS A 61 -1.29 -2.42 -4.02
CA LYS A 61 -2.63 -2.55 -3.46
C LYS A 61 -2.59 -2.65 -1.93
N ALA A 62 -3.50 -1.95 -1.28
CA ALA A 62 -3.59 -1.96 0.17
C ALA A 62 -4.56 -3.04 0.65
N LEU A 63 -4.06 -4.00 1.43
CA LEU A 63 -4.89 -5.09 1.94
C LEU A 63 -4.77 -5.20 3.45
N CYS A 64 -5.75 -5.85 4.05
CA CYS A 64 -5.69 -6.18 5.47
C CYS A 64 -4.76 -7.38 5.66
N PRO A 65 -3.72 -7.25 6.50
CA PRO A 65 -2.69 -8.28 6.68
C PRO A 65 -3.26 -9.67 6.97
N ASP A 66 -4.30 -9.72 7.79
CA ASP A 66 -4.91 -11.00 8.19
C ASP A 66 -5.75 -11.61 7.07
N CYS A 67 -6.96 -11.10 6.88
CA CYS A 67 -7.92 -11.67 5.94
C CYS A 67 -7.52 -11.42 4.48
N HIS A 68 -6.58 -10.51 4.26
CA HIS A 68 -6.12 -10.15 2.92
C HIS A 68 -7.25 -9.64 2.05
N GLN A 69 -8.28 -9.11 2.69
CA GLN A 69 -9.39 -8.48 1.99
C GLN A 69 -9.10 -7.01 1.79
N PRO A 70 -9.68 -6.41 0.74
CA PRO A 70 -9.53 -4.98 0.45
C PRO A 70 -10.07 -4.11 1.58
N LEU A 71 -9.25 -3.16 2.01
CA LEU A 71 -9.64 -2.25 3.07
C LEU A 71 -10.53 -1.14 2.50
N GLN A 72 -11.52 -0.74 3.28
CA GLN A 72 -12.40 0.35 2.88
C GLN A 72 -11.76 1.69 3.22
N VAL A 73 -11.58 2.52 2.20
CA VAL A 73 -10.98 3.83 2.38
C VAL A 73 -11.97 4.78 3.05
N LEU A 74 -11.69 5.14 4.29
CA LEU A 74 -12.55 6.07 5.02
C LEU A 74 -12.12 7.50 4.74
N LYS A 75 -12.93 8.19 3.95
CA LYS A 75 -12.65 9.57 3.59
C LYS A 75 -13.38 10.52 4.53
N ALA A 76 -12.68 10.94 5.57
CA ALA A 76 -13.25 11.87 6.53
C ALA A 76 -12.82 13.29 6.21
N CYS A 77 -13.21 14.24 7.06
CA CYS A 77 -12.84 15.62 6.85
C CYS A 77 -11.44 15.90 7.40
N GLY A 78 -10.43 15.57 6.61
CA GLY A 78 -9.07 15.84 7.00
C GLY A 78 -8.19 14.60 7.01
N ALA A 79 -8.76 13.48 7.44
CA ALA A 79 -7.96 12.27 7.62
C ALA A 79 -8.58 11.09 6.87
N VAL A 80 -7.71 10.22 6.38
CA VAL A 80 -8.12 9.01 5.68
C VAL A 80 -7.65 7.77 6.46
N ASP A 81 -8.57 6.86 6.73
CA ASP A 81 -8.23 5.64 7.46
C ASP A 81 -8.66 4.41 6.68
N TYR A 82 -8.18 3.26 7.12
CA TYR A 82 -8.43 2.01 6.42
C TYR A 82 -9.29 1.09 7.29
N PHE A 83 -10.51 0.83 6.82
CA PHE A 83 -11.46 0.03 7.57
C PHE A 83 -11.50 -1.40 7.05
N CYS A 84 -11.41 -2.36 7.95
CA CYS A 84 -11.50 -3.77 7.57
C CYS A 84 -12.95 -4.19 7.56
N GLN A 85 -13.60 -4.02 6.41
CA GLN A 85 -14.99 -4.41 6.26
C GLN A 85 -15.13 -5.92 6.33
N HIS A 86 -15.43 -6.39 7.55
CA HIS A 86 -15.51 -7.80 7.86
C HIS A 86 -15.69 -7.95 9.36
N GLY A 87 -14.97 -7.12 10.10
CA GLY A 87 -15.06 -7.12 11.55
C GLY A 87 -13.70 -7.00 12.22
N HIS A 88 -12.88 -6.08 11.76
CA HIS A 88 -11.57 -5.85 12.39
C HIS A 88 -11.39 -4.37 12.74
N GLY A 89 -12.40 -3.57 12.40
CA GLY A 89 -12.34 -2.15 12.72
C GLY A 89 -11.35 -1.41 11.84
N LEU A 90 -10.56 -0.55 12.45
CA LEU A 90 -9.58 0.24 11.72
C LEU A 90 -8.21 -0.40 11.78
N ILE A 91 -7.59 -0.49 10.61
CA ILE A 91 -6.23 -1.00 10.50
C ILE A 91 -5.26 0.17 10.50
N SER A 92 -4.26 0.09 11.36
CA SER A 92 -3.26 1.15 11.46
C SER A 92 -2.59 1.36 10.10
N LYS A 93 -2.29 2.61 9.79
CA LYS A 93 -1.79 3.00 8.47
C LYS A 93 -0.53 2.24 8.08
N LYS A 94 0.35 2.02 9.05
CA LYS A 94 1.62 1.35 8.78
C LYS A 94 1.44 -0.18 8.84
N ARG A 95 0.28 -0.61 9.29
CA ARG A 95 -0.01 -2.03 9.45
C ARG A 95 -0.60 -2.60 8.17
N VAL A 96 -1.07 -1.71 7.29
CA VAL A 96 -1.64 -2.11 6.01
C VAL A 96 -0.61 -2.90 5.21
N GLU A 97 -1.02 -4.05 4.70
CA GLU A 97 -0.14 -4.88 3.91
C GLU A 97 -0.23 -4.45 2.44
N PHE A 98 0.82 -3.84 1.94
CA PHE A 98 0.86 -3.36 0.58
C PHE A 98 1.43 -4.43 -0.35
N VAL A 99 0.59 -4.95 -1.22
CA VAL A 99 0.99 -5.99 -2.15
C VAL A 99 1.15 -5.41 -3.55
N LEU A 100 1.73 -6.21 -4.44
CA LEU A 100 1.94 -5.78 -5.82
C LEU A 100 0.67 -5.96 -6.64
N ALA A 101 0.47 -5.09 -7.63
CA ALA A 101 -0.67 -5.21 -8.52
C ALA A 101 -0.28 -5.89 -9.82
N MET A 31 15.66 4.16 2.78
CA MET A 31 14.93 2.93 2.37
C MET A 31 14.94 2.79 0.86
N GLU A 32 15.73 1.84 0.37
CA GLU A 32 15.89 1.64 -1.05
C GLU A 32 15.38 0.27 -1.44
N LEU A 33 14.07 0.16 -1.63
CA LEU A 33 13.47 -1.09 -2.04
C LEU A 33 13.81 -1.35 -3.51
N HIS A 34 14.39 -2.50 -3.79
CA HIS A 34 14.79 -2.83 -5.13
C HIS A 34 13.59 -3.34 -5.95
N CYS A 35 13.64 -3.12 -7.25
CA CYS A 35 12.58 -3.54 -8.13
C CYS A 35 12.65 -5.05 -8.34
N PRO A 36 11.55 -5.78 -8.07
CA PRO A 36 11.50 -7.23 -8.28
C PRO A 36 11.88 -7.62 -9.71
N GLN A 37 11.39 -6.87 -10.68
CA GLN A 37 11.71 -7.13 -12.07
C GLN A 37 12.92 -6.30 -12.51
N CYS A 38 12.73 -4.99 -12.59
CA CYS A 38 13.72 -4.08 -13.17
C CYS A 38 14.87 -3.74 -12.22
N GLN A 39 15.00 -4.50 -11.14
CA GLN A 39 16.18 -4.47 -10.25
C GLN A 39 16.35 -3.17 -9.45
N HIS A 40 16.69 -2.08 -10.15
CA HIS A 40 17.30 -0.88 -9.51
C HIS A 40 16.62 -0.40 -8.22
N VAL A 41 15.73 0.58 -8.31
CA VAL A 41 15.20 1.23 -7.10
C VAL A 41 13.72 1.60 -7.27
N LEU A 42 12.96 1.41 -6.20
CA LEU A 42 11.57 1.83 -6.13
C LEU A 42 11.43 3.06 -5.22
N ASP A 43 10.29 3.74 -5.33
CA ASP A 43 10.03 4.92 -4.52
C ASP A 43 8.58 4.93 -4.05
N GLN A 44 8.39 4.69 -2.76
CA GLN A 44 7.04 4.61 -2.18
C GLN A 44 6.70 5.88 -1.42
N ASP A 45 5.54 6.43 -1.72
CA ASP A 45 4.99 7.54 -0.94
C ASP A 45 3.51 7.33 -0.67
N ASN A 46 2.70 7.61 -1.68
CA ASN A 46 1.25 7.50 -1.55
C ASN A 46 0.75 6.13 -1.99
N GLY A 47 1.38 5.08 -1.47
CA GLY A 47 0.97 3.73 -1.79
C GLY A 47 1.51 3.26 -3.13
N HIS A 48 1.54 4.17 -4.09
CA HIS A 48 2.09 3.87 -5.40
C HIS A 48 3.61 3.94 -5.37
N ALA A 49 4.25 3.04 -6.12
CA ALA A 49 5.69 2.99 -6.17
C ALA A 49 6.19 3.36 -7.56
N ARG A 50 6.78 4.53 -7.66
CA ARG A 50 7.33 4.99 -8.93
C ARG A 50 8.82 4.67 -8.98
N CYS A 51 9.25 4.02 -10.03
CA CYS A 51 10.66 3.75 -10.21
C CYS A 51 11.38 5.03 -10.62
N ARG A 52 11.87 5.80 -9.64
CA ARG A 52 12.64 7.00 -9.94
C ARG A 52 14.09 6.64 -10.21
N SER A 53 14.25 5.77 -11.21
CA SER A 53 15.55 5.29 -11.64
C SER A 53 15.37 4.63 -13.00
N CYS A 54 14.46 3.67 -13.05
CA CYS A 54 14.16 2.95 -14.27
C CYS A 54 12.98 3.60 -15.01
N GLY A 55 11.86 3.82 -14.31
CA GLY A 55 10.75 4.55 -14.90
C GLY A 55 9.37 3.95 -14.64
N GLU A 56 9.34 2.66 -14.34
CA GLU A 56 8.07 1.90 -14.23
C GLU A 56 7.10 2.51 -13.22
N PHE A 57 5.82 2.21 -13.41
CA PHE A 57 4.79 2.54 -12.46
C PHE A 57 4.26 1.27 -11.80
N ILE A 58 4.51 1.13 -10.51
CA ILE A 58 4.06 -0.03 -9.77
C ILE A 58 3.05 0.39 -8.70
N GLU A 59 2.01 -0.40 -8.52
CA GLU A 59 1.01 -0.13 -7.51
C GLU A 59 1.02 -1.22 -6.46
N MET A 60 0.97 -0.81 -5.20
CA MET A 60 0.91 -1.76 -4.10
C MET A 60 -0.44 -1.63 -3.40
N LYS A 61 -1.19 -2.71 -3.38
CA LYS A 61 -2.52 -2.71 -2.79
C LYS A 61 -2.43 -2.72 -1.27
N ALA A 62 -3.20 -1.83 -0.65
CA ALA A 62 -3.29 -1.79 0.80
C ALA A 62 -4.43 -2.69 1.28
N LEU A 63 -4.08 -3.87 1.75
CA LEU A 63 -5.07 -4.85 2.17
C LEU A 63 -5.03 -5.04 3.69
N CYS A 64 -6.10 -5.60 4.23
CA CYS A 64 -6.16 -5.93 5.66
C CYS A 64 -5.37 -7.21 5.92
N PRO A 65 -4.24 -7.11 6.62
CA PRO A 65 -3.30 -8.23 6.80
C PRO A 65 -3.91 -9.48 7.42
N ASP A 66 -5.01 -9.31 8.14
CA ASP A 66 -5.64 -10.44 8.83
C ASP A 66 -6.40 -11.32 7.85
N CYS A 67 -6.81 -10.77 6.71
CA CYS A 67 -7.63 -11.50 5.75
C CYS A 67 -7.17 -11.32 4.31
N HIS A 68 -6.27 -10.37 4.09
CA HIS A 68 -5.78 -10.03 2.75
C HIS A 68 -6.92 -9.58 1.84
N GLN A 69 -8.00 -9.09 2.44
CA GLN A 69 -9.12 -8.55 1.70
C GLN A 69 -8.98 -7.03 1.61
N PRO A 70 -9.51 -6.43 0.53
CA PRO A 70 -9.40 -4.98 0.29
C PRO A 70 -9.96 -4.13 1.42
N LEU A 71 -9.26 -3.05 1.73
CA LEU A 71 -9.67 -2.11 2.76
C LEU A 71 -10.52 -0.99 2.17
N GLN A 72 -11.39 -0.44 3.00
CA GLN A 72 -12.19 0.72 2.61
C GLN A 72 -11.49 1.98 3.11
N VAL A 73 -11.03 2.80 2.17
CA VAL A 73 -10.26 3.98 2.50
C VAL A 73 -11.15 5.10 3.02
N LEU A 74 -11.16 5.27 4.33
CA LEU A 74 -11.90 6.35 4.96
C LEU A 74 -11.05 7.61 5.02
N LYS A 75 -11.13 8.41 3.97
CA LYS A 75 -10.33 9.62 3.89
C LYS A 75 -11.22 10.86 3.97
N ALA A 76 -11.09 11.60 5.06
CA ALA A 76 -11.88 12.81 5.26
C ALA A 76 -11.18 14.01 4.64
N CYS A 77 -9.90 14.17 4.96
CA CYS A 77 -9.09 15.24 4.41
C CYS A 77 -7.61 14.92 4.60
N GLY A 78 -7.14 15.06 5.84
CA GLY A 78 -5.78 14.73 6.16
C GLY A 78 -5.70 13.43 6.92
N ALA A 79 -6.82 13.04 7.49
CA ALA A 79 -6.92 11.78 8.21
C ALA A 79 -7.46 10.68 7.29
N VAL A 80 -6.88 9.50 7.40
CA VAL A 80 -7.29 8.37 6.59
C VAL A 80 -7.32 7.10 7.44
N ASP A 81 -8.46 6.43 7.45
CA ASP A 81 -8.62 5.23 8.25
C ASP A 81 -8.81 4.02 7.35
N TYR A 82 -8.11 2.94 7.67
CA TYR A 82 -8.24 1.70 6.92
C TYR A 82 -9.36 0.86 7.52
N PHE A 83 -10.51 0.86 6.89
CA PHE A 83 -11.64 0.12 7.41
C PHE A 83 -11.80 -1.20 6.66
N CYS A 84 -11.65 -2.31 7.36
CA CYS A 84 -11.85 -3.60 6.75
C CYS A 84 -13.34 -3.87 6.62
N GLN A 85 -13.92 -3.45 5.52
CA GLN A 85 -15.35 -3.63 5.28
C GLN A 85 -15.62 -5.09 4.99
N HIS A 86 -15.99 -5.79 6.04
CA HIS A 86 -16.19 -7.23 6.05
C HIS A 86 -16.55 -7.65 7.48
N GLY A 87 -16.01 -6.90 8.43
CA GLY A 87 -16.29 -7.16 9.83
C GLY A 87 -15.04 -7.35 10.64
N HIS A 88 -14.09 -6.43 10.52
CA HIS A 88 -12.85 -6.49 11.30
C HIS A 88 -12.57 -5.17 12.00
N GLY A 89 -13.06 -4.07 11.42
CA GLY A 89 -12.88 -2.77 12.03
C GLY A 89 -11.78 -1.96 11.38
N LEU A 90 -11.21 -1.03 12.13
CA LEU A 90 -10.19 -0.12 11.61
C LEU A 90 -8.79 -0.68 11.80
N ILE A 91 -7.96 -0.52 10.78
CA ILE A 91 -6.59 -0.97 10.81
C ILE A 91 -5.64 0.24 10.76
N SER A 92 -4.56 0.17 11.52
CA SER A 92 -3.58 1.24 11.57
C SER A 92 -2.81 1.34 10.25
N LYS A 93 -2.17 2.48 10.01
CA LYS A 93 -1.43 2.71 8.78
C LYS A 93 -0.09 1.98 8.83
N LYS A 94 0.39 1.73 10.04
CA LYS A 94 1.61 0.96 10.24
C LYS A 94 1.32 -0.54 10.21
N ARG A 95 0.03 -0.87 10.17
CA ARG A 95 -0.41 -2.25 10.34
C ARG A 95 -1.14 -2.73 9.08
N VAL A 96 -0.82 -2.12 7.95
CA VAL A 96 -1.46 -2.44 6.70
C VAL A 96 -0.60 -3.40 5.87
N GLU A 97 -1.24 -4.18 5.01
CA GLU A 97 -0.53 -5.10 4.12
C GLU A 97 -0.36 -4.48 2.75
N PHE A 98 0.87 -4.38 2.29
CA PHE A 98 1.14 -3.87 0.94
C PHE A 98 1.57 -5.01 0.01
N VAL A 99 0.72 -5.32 -0.95
CA VAL A 99 1.02 -6.37 -1.91
C VAL A 99 1.21 -5.80 -3.31
N LEU A 100 2.15 -6.38 -4.05
CA LEU A 100 2.45 -5.92 -5.40
C LEU A 100 1.34 -6.34 -6.37
N ALA A 101 0.94 -5.42 -7.23
CA ALA A 101 -0.05 -5.71 -8.26
C ALA A 101 0.64 -6.23 -9.52
N MET A 31 12.85 -5.60 4.45
CA MET A 31 11.52 -5.04 4.12
C MET A 31 11.52 -4.34 2.77
N GLU A 32 12.48 -3.45 2.53
CA GLU A 32 12.53 -2.67 1.30
C GLU A 32 12.54 -3.56 0.06
N LEU A 33 11.47 -3.51 -0.71
CA LEU A 33 11.41 -4.19 -1.98
C LEU A 33 12.12 -3.37 -3.05
N HIS A 34 12.62 -4.05 -4.07
CA HIS A 34 13.30 -3.38 -5.16
C HIS A 34 12.48 -3.55 -6.44
N CYS A 35 12.77 -2.73 -7.43
CA CYS A 35 12.01 -2.75 -8.67
C CYS A 35 12.57 -3.86 -9.56
N PRO A 36 11.87 -4.99 -9.65
CA PRO A 36 12.41 -6.26 -10.21
C PRO A 36 13.18 -6.10 -11.50
N GLN A 37 12.67 -5.29 -12.41
CA GLN A 37 13.25 -5.18 -13.75
C GLN A 37 14.55 -4.37 -13.76
N CYS A 38 14.54 -3.23 -13.09
CA CYS A 38 15.68 -2.31 -13.14
C CYS A 38 16.52 -2.35 -11.86
N GLN A 39 16.03 -3.11 -10.88
CA GLN A 39 16.65 -3.24 -9.56
C GLN A 39 17.02 -1.88 -8.97
N HIS A 40 16.00 -1.17 -8.55
CA HIS A 40 16.18 0.10 -7.87
C HIS A 40 15.21 0.17 -6.71
N VAL A 41 15.41 1.12 -5.81
CA VAL A 41 14.59 1.23 -4.62
C VAL A 41 13.13 1.58 -4.97
N LEU A 42 12.21 0.82 -4.38
CA LEU A 42 10.80 1.16 -4.43
C LEU A 42 10.45 1.88 -3.14
N ASP A 43 10.34 3.20 -3.21
CA ASP A 43 10.06 3.99 -2.02
C ASP A 43 8.68 3.71 -1.47
N GLN A 44 8.63 3.05 -0.31
CA GLN A 44 7.37 2.88 0.40
C GLN A 44 7.01 4.18 1.11
N ASP A 45 6.19 4.98 0.47
CA ASP A 45 5.81 6.27 1.04
C ASP A 45 4.38 6.22 1.55
N ASN A 46 3.43 6.54 0.69
CA ASN A 46 2.03 6.53 1.05
C ASN A 46 1.20 5.89 -0.06
N GLY A 47 0.58 4.76 0.26
CA GLY A 47 -0.33 4.14 -0.69
C GLY A 47 0.35 3.17 -1.62
N HIS A 48 1.20 3.66 -2.50
CA HIS A 48 1.84 2.82 -3.51
C HIS A 48 3.35 2.98 -3.51
N ALA A 49 4.05 2.13 -4.25
CA ALA A 49 5.50 2.18 -4.32
C ALA A 49 5.94 2.93 -5.57
N ARG A 50 7.07 3.62 -5.47
CA ARG A 50 7.57 4.43 -6.57
C ARG A 50 9.04 4.14 -6.83
N CYS A 51 9.39 3.89 -8.09
CA CYS A 51 10.78 3.67 -8.47
C CYS A 51 11.33 4.91 -9.14
N ARG A 52 11.99 5.75 -8.36
CA ARG A 52 12.58 6.99 -8.87
C ARG A 52 13.76 6.70 -9.81
N SER A 53 13.46 6.54 -11.09
CA SER A 53 14.47 6.29 -12.12
C SER A 53 13.81 5.93 -13.45
N CYS A 54 13.00 4.87 -13.43
CA CYS A 54 12.49 4.28 -14.67
C CYS A 54 11.12 4.81 -15.07
N GLY A 55 10.44 5.49 -14.16
CA GLY A 55 9.05 5.88 -14.42
C GLY A 55 8.12 4.69 -14.31
N GLU A 56 8.72 3.56 -13.95
CA GLU A 56 8.05 2.30 -13.80
C GLU A 56 7.69 2.11 -12.32
N PHE A 57 6.41 2.30 -12.02
CA PHE A 57 5.94 2.27 -10.65
C PHE A 57 5.11 1.02 -10.40
N ILE A 58 5.29 0.43 -9.23
CA ILE A 58 4.52 -0.73 -8.84
C ILE A 58 3.50 -0.32 -7.78
N GLU A 59 2.22 -0.35 -8.13
CA GLU A 59 1.20 0.06 -7.20
C GLU A 59 1.04 -0.99 -6.10
N MET A 60 1.28 -0.57 -4.87
CA MET A 60 1.05 -1.43 -3.73
C MET A 60 -0.41 -1.33 -3.31
N LYS A 61 -1.12 -2.43 -3.47
CA LYS A 61 -2.53 -2.46 -3.15
C LYS A 61 -2.71 -2.80 -1.67
N ALA A 62 -3.53 -2.00 -0.99
CA ALA A 62 -3.72 -2.13 0.44
C ALA A 62 -4.70 -3.24 0.78
N LEU A 63 -4.19 -4.37 1.21
CA LEU A 63 -5.02 -5.48 1.64
C LEU A 63 -4.91 -5.66 3.15
N CYS A 64 -5.95 -6.25 3.74
CA CYS A 64 -5.91 -6.54 5.16
C CYS A 64 -5.05 -7.78 5.39
N PRO A 65 -4.11 -7.71 6.36
CA PRO A 65 -3.15 -8.79 6.63
C PRO A 65 -3.82 -10.16 6.84
N ASP A 66 -5.00 -10.15 7.44
CA ASP A 66 -5.72 -11.40 7.72
C ASP A 66 -6.59 -11.85 6.54
N CYS A 67 -7.78 -11.28 6.42
CA CYS A 67 -8.75 -11.68 5.40
C CYS A 67 -8.26 -11.40 3.98
N HIS A 68 -7.28 -10.50 3.87
CA HIS A 68 -6.67 -10.15 2.59
C HIS A 68 -7.65 -9.48 1.63
N GLN A 69 -8.75 -8.99 2.16
CA GLN A 69 -9.66 -8.17 1.36
C GLN A 69 -9.12 -6.75 1.28
N PRO A 70 -9.36 -6.08 0.14
CA PRO A 70 -8.97 -4.68 -0.03
C PRO A 70 -9.64 -3.79 1.00
N LEU A 71 -8.82 -3.03 1.74
CA LEU A 71 -9.32 -2.17 2.79
C LEU A 71 -10.15 -1.04 2.23
N GLN A 72 -11.20 -0.69 2.94
CA GLN A 72 -12.10 0.37 2.51
C GLN A 72 -11.44 1.72 2.70
N VAL A 73 -11.20 2.41 1.60
CA VAL A 73 -10.55 3.72 1.63
C VAL A 73 -11.52 4.77 2.14
N LEU A 74 -11.43 5.08 3.41
CA LEU A 74 -12.30 6.06 4.04
C LEU A 74 -11.77 7.47 3.80
N LYS A 75 -12.30 8.12 2.77
CA LYS A 75 -11.94 9.50 2.49
C LYS A 75 -12.88 10.44 3.23
N ALA A 76 -12.49 10.82 4.43
CA ALA A 76 -13.29 11.72 5.24
C ALA A 76 -12.85 13.15 5.03
N CYS A 77 -13.39 13.77 3.98
CA CYS A 77 -13.09 15.16 3.62
C CYS A 77 -11.63 15.32 3.20
N GLY A 78 -10.73 15.36 4.16
CA GLY A 78 -9.32 15.53 3.86
C GLY A 78 -8.47 14.42 4.44
N ALA A 79 -9.09 13.55 5.23
CA ALA A 79 -8.38 12.46 5.88
C ALA A 79 -8.68 11.13 5.18
N VAL A 80 -7.72 10.23 5.18
CA VAL A 80 -7.88 8.93 4.53
C VAL A 80 -7.54 7.80 5.49
N ASP A 81 -8.54 6.99 5.82
CA ASP A 81 -8.33 5.84 6.71
C ASP A 81 -8.56 4.55 5.96
N TYR A 82 -8.05 3.46 6.49
CA TYR A 82 -8.26 2.14 5.90
C TYR A 82 -9.02 1.26 6.89
N PHE A 83 -10.27 0.98 6.58
CA PHE A 83 -11.13 0.21 7.48
C PHE A 83 -11.36 -1.20 6.98
N CYS A 84 -11.25 -2.17 7.87
CA CYS A 84 -11.54 -3.55 7.53
C CYS A 84 -12.98 -3.87 7.90
N GLN A 85 -13.88 -3.71 6.93
CA GLN A 85 -15.29 -3.99 7.16
C GLN A 85 -15.49 -5.48 7.35
N HIS A 86 -15.50 -5.87 8.61
CA HIS A 86 -15.57 -7.26 9.05
C HIS A 86 -15.47 -7.29 10.57
N GLY A 87 -14.78 -6.28 11.10
CA GLY A 87 -14.65 -6.15 12.54
C GLY A 87 -13.21 -6.18 12.99
N HIS A 88 -12.31 -5.64 12.18
CA HIS A 88 -10.89 -5.62 12.54
C HIS A 88 -10.42 -4.20 12.84
N GLY A 89 -11.33 -3.24 12.68
CA GLY A 89 -11.03 -1.88 13.03
C GLY A 89 -10.36 -1.11 11.91
N LEU A 90 -9.78 0.03 12.26
CA LEU A 90 -9.09 0.88 11.30
C LEU A 90 -7.60 0.53 11.28
N ILE A 91 -7.11 0.13 10.12
CA ILE A 91 -5.74 -0.29 9.98
C ILE A 91 -4.85 0.86 9.56
N SER A 92 -3.81 1.10 10.35
CA SER A 92 -2.87 2.18 10.10
C SER A 92 -2.02 1.88 8.85
N LYS A 93 -1.42 2.93 8.29
CA LYS A 93 -0.66 2.81 7.03
C LYS A 93 0.55 1.89 7.16
N LYS A 94 1.01 1.67 8.38
CA LYS A 94 2.16 0.80 8.61
C LYS A 94 1.70 -0.61 8.99
N ARG A 95 0.41 -0.75 9.22
CA ARG A 95 -0.14 -2.00 9.74
C ARG A 95 -0.84 -2.77 8.63
N VAL A 96 -0.92 -2.14 7.46
CA VAL A 96 -1.60 -2.73 6.31
C VAL A 96 -0.64 -3.61 5.50
N GLU A 97 -1.17 -4.62 4.84
CA GLU A 97 -0.36 -5.47 3.98
C GLU A 97 -0.39 -4.94 2.55
N PHE A 98 0.76 -4.51 2.08
CA PHE A 98 0.88 -4.01 0.72
C PHE A 98 1.30 -5.12 -0.23
N VAL A 99 0.49 -5.35 -1.25
CA VAL A 99 0.83 -6.33 -2.28
C VAL A 99 1.14 -5.63 -3.58
N LEU A 100 1.83 -6.31 -4.48
CA LEU A 100 2.19 -5.73 -5.76
C LEU A 100 1.03 -5.91 -6.75
N ALA A 101 0.18 -4.88 -6.82
CA ALA A 101 -0.99 -4.88 -7.70
C ALA A 101 -1.96 -6.00 -7.36
N MET A 31 15.75 1.82 2.62
CA MET A 31 15.72 0.35 2.52
C MET A 31 15.89 -0.08 1.08
N GLU A 32 16.31 -1.32 0.87
CA GLU A 32 16.53 -1.82 -0.48
C GLU A 32 15.22 -2.23 -1.14
N LEU A 33 14.41 -1.25 -1.51
CA LEU A 33 13.20 -1.51 -2.26
C LEU A 33 13.54 -1.67 -3.73
N HIS A 34 13.54 -2.91 -4.20
CA HIS A 34 13.97 -3.19 -5.56
C HIS A 34 12.80 -3.46 -6.49
N CYS A 35 13.03 -3.33 -7.77
CA CYS A 35 12.02 -3.59 -8.77
C CYS A 35 12.17 -5.00 -9.32
N PRO A 36 11.05 -5.75 -9.44
CA PRO A 36 11.08 -7.10 -10.00
C PRO A 36 11.44 -7.10 -11.50
N GLN A 37 11.06 -6.03 -12.20
CA GLN A 37 11.32 -5.95 -13.64
C GLN A 37 12.57 -5.15 -13.96
N CYS A 38 12.68 -3.97 -13.37
CA CYS A 38 13.82 -3.10 -13.64
C CYS A 38 14.58 -2.82 -12.35
N GLN A 39 15.36 -3.81 -11.93
CA GLN A 39 16.17 -3.75 -10.72
C GLN A 39 16.95 -2.44 -10.59
N HIS A 40 16.58 -1.64 -9.60
CA HIS A 40 17.33 -0.43 -9.24
C HIS A 40 16.85 0.05 -7.88
N VAL A 41 15.70 0.73 -7.85
CA VAL A 41 15.14 1.21 -6.59
C VAL A 41 13.72 1.74 -6.79
N LEU A 42 12.88 1.49 -5.79
CA LEU A 42 11.53 2.05 -5.74
C LEU A 42 11.47 3.17 -4.71
N ASP A 43 10.75 4.24 -5.04
CA ASP A 43 10.57 5.34 -4.10
C ASP A 43 9.27 5.15 -3.32
N GLN A 44 9.29 5.49 -2.04
CA GLN A 44 8.14 5.25 -1.19
C GLN A 44 7.63 6.55 -0.58
N ASP A 45 6.52 7.05 -1.12
CA ASP A 45 5.85 8.22 -0.56
C ASP A 45 4.43 7.85 -0.15
N ASN A 46 3.83 6.96 -0.92
CA ASN A 46 2.50 6.43 -0.62
C ASN A 46 2.53 4.92 -0.75
N GLY A 47 1.36 4.30 -0.83
CA GLY A 47 1.29 2.87 -1.07
C GLY A 47 1.47 2.56 -2.54
N HIS A 48 2.23 3.39 -3.23
CA HIS A 48 2.51 3.21 -4.65
C HIS A 48 4.00 3.37 -4.87
N ALA A 49 4.64 2.35 -5.40
CA ALA A 49 6.08 2.35 -5.57
C ALA A 49 6.44 2.87 -6.95
N ARG A 50 6.84 4.13 -7.01
CA ARG A 50 7.28 4.73 -8.25
C ARG A 50 8.80 4.73 -8.32
N CYS A 51 9.33 4.24 -9.42
CA CYS A 51 10.77 4.19 -9.60
C CYS A 51 11.35 5.59 -9.80
N ARG A 52 12.04 6.08 -8.79
CA ARG A 52 12.71 7.38 -8.87
C ARG A 52 14.05 7.21 -9.60
N SER A 53 14.00 6.50 -10.72
CA SER A 53 15.19 6.20 -11.50
C SER A 53 14.83 5.48 -12.80
N CYS A 54 14.46 4.21 -12.68
CA CYS A 54 14.18 3.38 -13.84
C CYS A 54 12.89 3.79 -14.57
N GLY A 55 12.02 4.52 -13.91
CA GLY A 55 10.83 5.06 -14.56
C GLY A 55 9.70 4.04 -14.72
N GLU A 56 9.63 3.11 -13.79
CA GLU A 56 8.57 2.10 -13.79
C GLU A 56 7.54 2.45 -12.72
N PHE A 57 6.29 2.04 -12.93
CA PHE A 57 5.23 2.31 -11.99
C PHE A 57 4.70 1.02 -11.38
N ILE A 58 4.70 0.96 -10.05
CA ILE A 58 4.15 -0.17 -9.33
C ILE A 58 3.25 0.32 -8.21
N GLU A 59 2.21 -0.42 -7.89
CA GLU A 59 1.37 -0.06 -6.76
C GLU A 59 1.44 -1.15 -5.70
N MET A 60 1.30 -0.74 -4.46
CA MET A 60 1.28 -1.68 -3.35
C MET A 60 -0.13 -1.75 -2.80
N LYS A 61 -0.76 -2.89 -2.98
CA LYS A 61 -2.18 -3.03 -2.68
C LYS A 61 -2.40 -3.10 -1.17
N ALA A 62 -3.16 -2.14 -0.66
CA ALA A 62 -3.42 -2.05 0.77
C ALA A 62 -4.50 -3.03 1.20
N LEU A 63 -4.06 -4.18 1.68
CA LEU A 63 -4.97 -5.23 2.10
C LEU A 63 -4.97 -5.41 3.61
N CYS A 64 -6.01 -6.02 4.13
CA CYS A 64 -6.06 -6.39 5.53
C CYS A 64 -5.42 -7.76 5.71
N PRO A 65 -4.35 -7.85 6.52
CA PRO A 65 -3.53 -9.06 6.65
C PRO A 65 -4.32 -10.31 7.05
N ASP A 66 -5.48 -10.13 7.65
CA ASP A 66 -6.27 -11.25 8.14
C ASP A 66 -7.29 -11.76 7.13
N CYS A 67 -7.54 -11.00 6.07
CA CYS A 67 -8.55 -11.39 5.08
C CYS A 67 -8.15 -11.10 3.64
N HIS A 68 -6.97 -10.50 3.47
CA HIS A 68 -6.42 -10.10 2.16
C HIS A 68 -7.39 -9.28 1.31
N GLN A 69 -8.46 -8.77 1.92
CA GLN A 69 -9.41 -7.95 1.21
C GLN A 69 -8.99 -6.48 1.29
N PRO A 70 -9.27 -5.71 0.23
CA PRO A 70 -8.94 -4.29 0.17
C PRO A 70 -9.59 -3.49 1.30
N LEU A 71 -8.76 -2.75 2.03
CA LEU A 71 -9.25 -1.90 3.10
C LEU A 71 -10.04 -0.73 2.54
N GLN A 72 -11.20 -0.47 3.13
CA GLN A 72 -12.04 0.64 2.73
C GLN A 72 -11.35 1.95 3.04
N VAL A 73 -10.92 2.64 2.00
CA VAL A 73 -10.25 3.92 2.16
C VAL A 73 -11.25 5.00 2.51
N LEU A 74 -11.31 5.36 3.79
CA LEU A 74 -12.21 6.39 4.24
C LEU A 74 -11.62 7.76 3.91
N LYS A 75 -11.91 8.22 2.70
CA LYS A 75 -11.45 9.51 2.23
C LYS A 75 -12.49 10.58 2.56
N ALA A 76 -12.31 11.20 3.72
CA ALA A 76 -13.29 12.15 4.23
C ALA A 76 -12.86 13.59 4.02
N CYS A 77 -11.94 13.80 3.08
CA CYS A 77 -11.39 15.13 2.78
C CYS A 77 -10.57 15.66 3.96
N GLY A 78 -9.29 15.33 3.96
CA GLY A 78 -8.42 15.75 5.03
C GLY A 78 -8.14 14.63 5.99
N ALA A 79 -9.05 13.67 6.03
CA ALA A 79 -8.92 12.50 6.88
C ALA A 79 -8.91 11.24 6.03
N VAL A 80 -8.00 10.33 6.34
CA VAL A 80 -7.90 9.06 5.62
C VAL A 80 -7.71 7.91 6.60
N ASP A 81 -8.70 7.04 6.67
CA ASP A 81 -8.62 5.85 7.53
C ASP A 81 -8.79 4.59 6.69
N TYR A 82 -8.25 3.49 7.17
CA TYR A 82 -8.40 2.20 6.49
C TYR A 82 -9.36 1.31 7.29
N PHE A 83 -10.53 1.08 6.74
CA PHE A 83 -11.56 0.33 7.45
C PHE A 83 -11.73 -1.08 6.87
N CYS A 84 -11.80 -2.07 7.75
CA CYS A 84 -12.02 -3.44 7.33
C CYS A 84 -13.40 -3.92 7.79
N GLN A 85 -14.35 -3.96 6.86
CA GLN A 85 -15.67 -4.49 7.17
C GLN A 85 -15.61 -6.00 7.26
N HIS A 86 -15.44 -6.48 8.49
CA HIS A 86 -15.28 -7.89 8.79
C HIS A 86 -15.11 -8.05 10.30
N GLY A 87 -15.63 -7.07 11.04
CA GLY A 87 -15.46 -7.06 12.49
C GLY A 87 -14.02 -6.83 12.88
N HIS A 88 -13.27 -6.12 12.05
CA HIS A 88 -11.87 -5.86 12.32
C HIS A 88 -11.64 -4.38 12.62
N GLY A 89 -12.57 -3.55 12.17
CA GLY A 89 -12.49 -2.13 12.46
C GLY A 89 -11.48 -1.41 11.59
N LEU A 90 -10.90 -0.35 12.14
CA LEU A 90 -9.90 0.43 11.43
C LEU A 90 -8.51 -0.16 11.59
N ILE A 91 -7.82 -0.34 10.48
CA ILE A 91 -6.48 -0.91 10.48
C ILE A 91 -5.44 0.20 10.32
N SER A 92 -4.49 0.25 11.24
CA SER A 92 -3.41 1.22 11.16
C SER A 92 -2.57 0.99 9.91
N LYS A 93 -2.10 2.07 9.29
CA LYS A 93 -1.45 1.99 7.98
C LYS A 93 -0.17 1.18 8.05
N LYS A 94 0.52 1.22 9.18
CA LYS A 94 1.77 0.48 9.33
C LYS A 94 1.49 -1.01 9.53
N ARG A 95 0.24 -1.34 9.80
CA ARG A 95 -0.17 -2.72 10.01
C ARG A 95 -0.85 -3.27 8.77
N VAL A 96 -0.96 -2.44 7.74
CA VAL A 96 -1.61 -2.83 6.50
C VAL A 96 -0.70 -3.78 5.70
N GLU A 97 -1.30 -4.79 5.10
CA GLU A 97 -0.56 -5.73 4.29
C GLU A 97 -0.44 -5.20 2.87
N PHE A 98 0.73 -4.72 2.52
CA PHE A 98 0.98 -4.17 1.19
C PHE A 98 1.61 -5.23 0.31
N VAL A 99 0.85 -5.71 -0.65
CA VAL A 99 1.34 -6.70 -1.60
C VAL A 99 1.71 -6.02 -2.91
N LEU A 100 2.69 -6.59 -3.61
CA LEU A 100 3.20 -5.98 -4.82
C LEU A 100 2.30 -6.34 -6.00
N ALA A 101 1.54 -5.36 -6.47
CA ALA A 101 0.61 -5.58 -7.57
C ALA A 101 1.26 -5.26 -8.90
N MET A 31 12.84 -2.75 4.97
CA MET A 31 11.71 -2.04 4.31
C MET A 31 12.15 -1.42 2.99
N GLU A 32 13.27 -1.88 2.46
CA GLU A 32 13.76 -1.41 1.18
C GLU A 32 13.47 -2.44 0.09
N LEU A 33 12.38 -2.22 -0.63
CA LEU A 33 11.98 -3.14 -1.69
C LEU A 33 12.70 -2.80 -3.00
N HIS A 34 12.69 -3.74 -3.93
CA HIS A 34 13.29 -3.52 -5.23
C HIS A 34 12.22 -3.48 -6.31
N CYS A 35 12.51 -2.79 -7.40
CA CYS A 35 11.59 -2.68 -8.52
C CYS A 35 11.61 -4.01 -9.29
N PRO A 36 10.48 -4.71 -9.35
CA PRO A 36 10.40 -6.09 -9.88
C PRO A 36 11.14 -6.29 -11.21
N GLN A 37 11.18 -5.27 -12.05
CA GLN A 37 11.82 -5.40 -13.35
C GLN A 37 13.30 -5.01 -13.29
N CYS A 38 13.55 -3.71 -13.17
CA CYS A 38 14.90 -3.16 -13.27
C CYS A 38 15.65 -3.21 -11.94
N GLN A 39 15.01 -3.76 -10.92
CA GLN A 39 15.57 -3.85 -9.57
C GLN A 39 15.84 -2.46 -8.99
N HIS A 40 17.10 -2.05 -8.96
CA HIS A 40 17.52 -0.78 -8.36
C HIS A 40 17.02 -0.66 -6.92
N VAL A 41 15.85 -0.05 -6.75
CA VAL A 41 15.24 0.12 -5.43
C VAL A 41 13.89 0.81 -5.58
N LEU A 42 12.95 0.47 -4.71
CA LEU A 42 11.66 1.13 -4.66
C LEU A 42 11.65 2.19 -3.58
N ASP A 43 11.84 3.44 -3.98
CA ASP A 43 11.76 4.54 -3.04
C ASP A 43 10.33 5.01 -2.96
N GLN A 44 9.59 4.44 -2.03
CA GLN A 44 8.15 4.62 -1.96
C GLN A 44 7.80 6.01 -1.44
N ASP A 45 6.95 6.70 -2.21
CA ASP A 45 6.48 8.03 -1.82
C ASP A 45 5.62 7.94 -0.58
N ASN A 46 4.57 7.15 -0.68
CA ASN A 46 3.63 6.95 0.42
C ASN A 46 2.64 5.86 0.05
N GLY A 47 1.92 6.07 -1.05
CA GLY A 47 0.97 5.09 -1.52
C GLY A 47 1.33 4.53 -2.87
N HIS A 48 2.58 4.75 -3.28
CA HIS A 48 3.06 4.24 -4.56
C HIS A 48 4.45 3.67 -4.42
N ALA A 49 4.69 2.55 -5.09
CA ALA A 49 6.03 1.98 -5.15
C ALA A 49 6.73 2.50 -6.39
N ARG A 50 7.42 3.62 -6.23
CA ARG A 50 8.03 4.31 -7.36
C ARG A 50 9.52 4.02 -7.44
N CYS A 51 9.91 3.40 -8.54
CA CYS A 51 11.31 3.18 -8.82
C CYS A 51 11.89 4.42 -9.48
N ARG A 52 12.40 5.33 -8.65
CA ARG A 52 12.92 6.61 -9.13
C ARG A 52 14.14 6.39 -10.01
N SER A 53 13.88 6.24 -11.30
CA SER A 53 14.91 5.94 -12.29
C SER A 53 14.24 5.59 -13.62
N CYS A 54 13.31 4.64 -13.57
CA CYS A 54 12.69 4.11 -14.77
C CYS A 54 11.40 4.82 -15.09
N GLY A 55 10.84 5.53 -14.12
CA GLY A 55 9.53 6.13 -14.29
C GLY A 55 8.45 5.13 -13.91
N GLU A 56 8.71 3.88 -14.26
CA GLU A 56 7.89 2.73 -13.86
C GLU A 56 7.60 2.76 -12.36
N PHE A 57 6.37 3.08 -12.02
CA PHE A 57 5.93 3.08 -10.63
C PHE A 57 4.68 2.22 -10.49
N ILE A 58 4.64 1.41 -9.47
CA ILE A 58 3.57 0.44 -9.31
C ILE A 58 2.67 0.80 -8.14
N GLU A 59 1.36 0.68 -8.34
CA GLU A 59 0.40 0.86 -7.26
C GLU A 59 0.47 -0.33 -6.33
N MET A 60 0.06 -0.12 -5.09
CA MET A 60 0.10 -1.18 -4.10
C MET A 60 -1.28 -1.43 -3.55
N LYS A 61 -1.64 -2.69 -3.42
CA LYS A 61 -2.97 -3.06 -2.94
C LYS A 61 -2.98 -3.06 -1.42
N ALA A 62 -3.88 -2.26 -0.87
CA ALA A 62 -4.05 -2.19 0.57
C ALA A 62 -4.95 -3.31 1.05
N LEU A 63 -4.35 -4.41 1.46
CA LEU A 63 -5.10 -5.55 1.96
C LEU A 63 -5.03 -5.61 3.48
N CYS A 64 -5.93 -6.37 4.08
CA CYS A 64 -5.92 -6.55 5.52
C CYS A 64 -4.96 -7.68 5.87
N PRO A 65 -4.07 -7.47 6.84
CA PRO A 65 -3.03 -8.45 7.22
C PRO A 65 -3.61 -9.80 7.60
N ASP A 66 -4.77 -9.78 8.24
CA ASP A 66 -5.41 -11.00 8.72
C ASP A 66 -6.19 -11.71 7.61
N CYS A 67 -7.36 -11.19 7.25
CA CYS A 67 -8.25 -11.83 6.30
C CYS A 67 -7.75 -11.72 4.86
N HIS A 68 -6.73 -10.89 4.65
CA HIS A 68 -6.12 -10.69 3.32
C HIS A 68 -7.09 -10.06 2.32
N GLN A 69 -8.26 -9.67 2.79
CA GLN A 69 -9.23 -9.03 1.94
C GLN A 69 -8.96 -7.53 1.90
N PRO A 70 -9.19 -6.89 0.74
CA PRO A 70 -8.90 -5.48 0.51
C PRO A 70 -9.52 -4.55 1.56
N LEU A 71 -8.79 -3.52 1.91
CA LEU A 71 -9.27 -2.55 2.87
C LEU A 71 -9.97 -1.41 2.15
N GLN A 72 -11.10 -0.98 2.71
CA GLN A 72 -11.84 0.12 2.15
C GLN A 72 -11.12 1.43 2.44
N VAL A 73 -10.60 2.05 1.41
CA VAL A 73 -9.83 3.28 1.54
C VAL A 73 -10.76 4.45 1.86
N LEU A 74 -10.60 5.03 3.04
CA LEU A 74 -11.43 6.14 3.48
C LEU A 74 -10.65 7.44 3.43
N LYS A 75 -10.74 8.16 2.33
CA LYS A 75 -10.09 9.46 2.24
C LYS A 75 -11.09 10.56 2.55
N ALA A 76 -10.93 11.21 3.69
CA ALA A 76 -11.82 12.27 4.10
C ALA A 76 -11.13 13.62 4.02
N CYS A 77 -11.23 14.25 2.85
CA CYS A 77 -10.62 15.55 2.58
C CYS A 77 -9.09 15.48 2.57
N GLY A 78 -8.49 15.29 3.75
CA GLY A 78 -7.05 15.26 3.84
C GLY A 78 -6.52 13.93 4.37
N ALA A 79 -7.16 13.42 5.42
CA ALA A 79 -6.73 12.17 6.04
C ALA A 79 -7.29 10.97 5.30
N VAL A 80 -6.62 9.84 5.45
CA VAL A 80 -7.06 8.61 4.81
C VAL A 80 -6.90 7.43 5.78
N ASP A 81 -7.91 6.59 5.85
CA ASP A 81 -7.87 5.40 6.69
C ASP A 81 -8.13 4.16 5.85
N TYR A 82 -7.92 3.00 6.47
CA TYR A 82 -8.16 1.73 5.80
C TYR A 82 -9.13 0.90 6.62
N PHE A 83 -10.31 0.68 6.08
CA PHE A 83 -11.40 0.06 6.84
C PHE A 83 -11.60 -1.40 6.45
N CYS A 84 -11.42 -2.29 7.41
CA CYS A 84 -11.71 -3.70 7.23
C CYS A 84 -13.10 -4.01 7.75
N GLN A 85 -14.09 -3.98 6.86
CA GLN A 85 -15.45 -4.30 7.25
C GLN A 85 -15.60 -5.81 7.34
N HIS A 86 -15.42 -6.32 8.55
CA HIS A 86 -15.43 -7.76 8.85
C HIS A 86 -15.28 -7.96 10.35
N GLY A 87 -15.75 -6.99 11.12
CA GLY A 87 -15.60 -7.05 12.55
C GLY A 87 -14.21 -6.65 13.01
N HIS A 88 -13.47 -5.97 12.13
CA HIS A 88 -12.13 -5.51 12.47
C HIS A 88 -12.13 -4.00 12.62
N GLY A 89 -12.56 -3.30 11.58
CA GLY A 89 -12.67 -1.85 11.67
C GLY A 89 -11.49 -1.14 11.05
N LEU A 90 -11.08 -0.05 11.68
CA LEU A 90 -10.00 0.77 11.16
C LEU A 90 -8.65 0.10 11.36
N ILE A 91 -7.97 -0.16 10.26
CA ILE A 91 -6.65 -0.75 10.30
C ILE A 91 -5.59 0.34 10.28
N SER A 92 -4.58 0.20 11.12
CA SER A 92 -3.48 1.16 11.17
C SER A 92 -2.75 1.22 9.83
N LYS A 93 -2.36 2.41 9.42
CA LYS A 93 -1.71 2.63 8.13
C LYS A 93 -0.35 1.92 8.08
N LYS A 94 0.19 1.61 9.25
CA LYS A 94 1.47 0.92 9.36
C LYS A 94 1.27 -0.58 9.36
N ARG A 95 0.03 -1.00 9.52
CA ARG A 95 -0.28 -2.41 9.71
C ARG A 95 -1.06 -2.96 8.52
N VAL A 96 -1.05 -2.22 7.42
CA VAL A 96 -1.72 -2.64 6.21
C VAL A 96 -0.86 -3.64 5.44
N GLU A 97 -1.50 -4.63 4.84
CA GLU A 97 -0.79 -5.59 4.01
C GLU A 97 -0.58 -5.00 2.63
N PHE A 98 0.63 -4.55 2.37
CA PHE A 98 0.94 -3.87 1.12
C PHE A 98 1.52 -4.86 0.12
N VAL A 99 0.70 -5.26 -0.83
CA VAL A 99 1.17 -6.15 -1.89
C VAL A 99 1.23 -5.39 -3.21
N LEU A 100 2.03 -5.90 -4.13
CA LEU A 100 2.16 -5.28 -5.45
C LEU A 100 0.89 -5.50 -6.26
N ALA A 101 0.58 -4.57 -7.14
CA ALA A 101 -0.58 -4.69 -8.00
C ALA A 101 -0.33 -5.72 -9.10
N MET A 31 9.46 -1.11 5.40
CA MET A 31 10.13 -2.27 4.76
C MET A 31 10.64 -1.88 3.39
N GLU A 32 11.91 -2.13 3.15
CA GLU A 32 12.56 -1.73 1.90
C GLU A 32 12.33 -2.75 0.81
N LEU A 33 11.48 -2.41 -0.13
CA LEU A 33 11.27 -3.25 -1.31
C LEU A 33 12.19 -2.77 -2.43
N HIS A 34 12.70 -3.70 -3.22
CA HIS A 34 13.67 -3.37 -4.24
C HIS A 34 13.09 -3.52 -5.65
N CYS A 35 13.70 -2.83 -6.60
CA CYS A 35 13.27 -2.91 -7.99
C CYS A 35 13.72 -4.23 -8.59
N PRO A 36 12.80 -4.99 -9.20
CA PRO A 36 13.13 -6.27 -9.84
C PRO A 36 14.10 -6.11 -11.00
N GLN A 37 14.20 -4.89 -11.52
CA GLN A 37 15.11 -4.59 -12.62
C GLN A 37 16.33 -3.83 -12.13
N CYS A 38 16.20 -2.52 -11.95
CA CYS A 38 17.30 -1.70 -11.48
C CYS A 38 17.23 -1.59 -9.96
N GLN A 39 17.55 -2.72 -9.34
CA GLN A 39 17.64 -2.84 -7.89
C GLN A 39 18.14 -1.56 -7.23
N HIS A 40 17.25 -0.96 -6.47
CA HIS A 40 17.48 0.31 -5.79
C HIS A 40 16.59 0.38 -4.57
N VAL A 41 15.34 0.78 -4.80
CA VAL A 41 14.33 0.84 -3.77
C VAL A 41 13.01 1.28 -4.40
N LEU A 42 11.90 0.73 -3.92
CA LEU A 42 10.59 1.14 -4.40
C LEU A 42 10.10 2.35 -3.63
N ASP A 43 10.32 3.53 -4.21
CA ASP A 43 9.89 4.78 -3.62
C ASP A 43 8.37 4.83 -3.59
N GLN A 44 7.79 4.64 -2.42
CA GLN A 44 6.33 4.55 -2.30
C GLN A 44 5.77 5.76 -1.55
N ASP A 45 4.69 6.29 -2.08
CA ASP A 45 4.03 7.45 -1.49
C ASP A 45 2.54 7.39 -1.76
N ASN A 46 1.74 7.89 -0.82
CA ASN A 46 0.27 7.96 -0.95
C ASN A 46 -0.38 6.59 -0.79
N GLY A 47 0.20 5.58 -1.42
CA GLY A 47 -0.35 4.23 -1.35
C GLY A 47 0.13 3.36 -2.48
N HIS A 48 0.98 3.90 -3.35
CA HIS A 48 1.54 3.14 -4.46
C HIS A 48 3.02 3.45 -4.61
N ALA A 49 3.73 2.55 -5.30
CA ALA A 49 5.17 2.69 -5.44
C ALA A 49 5.54 3.26 -6.79
N ARG A 50 6.76 3.75 -6.89
CA ARG A 50 7.29 4.26 -8.14
C ARG A 50 8.80 4.00 -8.19
N CYS A 51 9.31 3.71 -9.36
CA CYS A 51 10.74 3.63 -9.52
C CYS A 51 11.22 4.81 -10.36
N ARG A 52 11.88 5.74 -9.71
CA ARG A 52 12.29 7.00 -10.32
C ARG A 52 13.21 6.78 -11.52
N SER A 53 13.97 5.70 -11.49
CA SER A 53 14.89 5.39 -12.58
C SER A 53 14.17 4.69 -13.73
N CYS A 54 12.94 4.24 -13.48
CA CYS A 54 12.12 3.61 -14.51
C CYS A 54 11.22 4.64 -15.18
N GLY A 55 10.25 5.12 -14.41
CA GLY A 55 9.17 5.90 -14.97
C GLY A 55 7.85 5.20 -14.75
N GLU A 56 7.93 3.89 -14.51
CA GLU A 56 6.77 3.08 -14.19
C GLU A 56 6.31 3.31 -12.76
N PHE A 57 5.00 3.42 -12.59
CA PHE A 57 4.41 3.50 -11.28
C PHE A 57 3.65 2.21 -10.98
N ILE A 58 3.78 1.72 -9.76
CA ILE A 58 3.24 0.41 -9.41
C ILE A 58 2.13 0.54 -8.38
N GLU A 59 0.95 0.05 -8.72
CA GLU A 59 -0.16 0.03 -7.77
C GLU A 59 0.11 -1.03 -6.70
N MET A 60 0.11 -0.59 -5.45
CA MET A 60 0.23 -1.51 -4.33
C MET A 60 -1.09 -1.55 -3.60
N LYS A 61 -1.59 -2.73 -3.34
CA LYS A 61 -2.89 -2.88 -2.71
C LYS A 61 -2.75 -3.10 -1.22
N ALA A 62 -3.31 -2.19 -0.45
CA ALA A 62 -3.32 -2.30 1.00
C ALA A 62 -4.39 -3.27 1.45
N LEU A 63 -3.97 -4.47 1.80
CA LEU A 63 -4.90 -5.49 2.26
C LEU A 63 -4.87 -5.57 3.78
N CYS A 64 -5.88 -6.19 4.35
CA CYS A 64 -5.91 -6.44 5.78
C CYS A 64 -5.30 -7.81 6.04
N PRO A 65 -4.16 -7.89 6.74
CA PRO A 65 -3.41 -9.15 6.94
C PRO A 65 -4.28 -10.28 7.48
N ASP A 66 -5.20 -9.93 8.37
CA ASP A 66 -6.06 -10.92 9.02
C ASP A 66 -7.27 -11.27 8.14
N CYS A 67 -7.33 -10.71 6.95
CA CYS A 67 -8.42 -11.01 6.01
C CYS A 67 -7.87 -11.41 4.64
N HIS A 68 -6.76 -10.79 4.27
CA HIS A 68 -6.13 -10.95 2.96
C HIS A 68 -7.02 -10.34 1.87
N GLN A 69 -7.99 -9.55 2.31
CA GLN A 69 -8.87 -8.83 1.39
C GLN A 69 -8.56 -7.34 1.48
N PRO A 70 -8.89 -6.57 0.42
CA PRO A 70 -8.54 -5.15 0.32
C PRO A 70 -9.19 -4.29 1.40
N LEU A 71 -8.51 -3.20 1.75
CA LEU A 71 -9.03 -2.25 2.71
C LEU A 71 -9.85 -1.16 2.01
N GLN A 72 -10.73 -0.54 2.76
CA GLN A 72 -11.53 0.56 2.26
C GLN A 72 -10.79 1.87 2.45
N VAL A 73 -10.71 2.67 1.38
CA VAL A 73 -10.02 3.94 1.43
C VAL A 73 -10.89 5.00 2.09
N LEU A 74 -10.43 5.52 3.22
CA LEU A 74 -11.19 6.52 3.96
C LEU A 74 -10.72 7.92 3.63
N LYS A 75 -11.55 8.65 2.90
CA LYS A 75 -11.31 10.07 2.67
C LYS A 75 -12.23 10.88 3.57
N ALA A 76 -11.75 11.19 4.77
CA ALA A 76 -12.61 11.83 5.76
C ALA A 76 -12.20 13.28 5.93
N CYS A 77 -11.17 13.50 6.72
CA CYS A 77 -10.59 14.82 6.90
C CYS A 77 -9.56 15.04 5.79
N GLY A 78 -8.53 15.82 6.07
CA GLY A 78 -7.43 15.94 5.14
C GLY A 78 -6.47 14.77 5.24
N ALA A 79 -6.97 13.66 5.79
CA ALA A 79 -6.16 12.49 6.03
C ALA A 79 -6.82 11.26 5.42
N VAL A 80 -6.02 10.46 4.73
CA VAL A 80 -6.51 9.22 4.16
C VAL A 80 -6.26 8.08 5.12
N ASP A 81 -7.27 7.29 5.39
CA ASP A 81 -7.14 6.19 6.33
C ASP A 81 -7.64 4.89 5.71
N TYR A 82 -7.63 3.81 6.48
CA TYR A 82 -7.99 2.50 5.96
C TYR A 82 -9.00 1.80 6.87
N PHE A 83 -10.10 1.36 6.28
CA PHE A 83 -11.14 0.66 7.02
C PHE A 83 -11.20 -0.81 6.60
N CYS A 84 -11.26 -1.70 7.57
CA CYS A 84 -11.41 -3.11 7.29
C CYS A 84 -12.88 -3.44 7.14
N GLN A 85 -13.38 -3.33 5.92
CA GLN A 85 -14.77 -3.69 5.65
C GLN A 85 -14.91 -5.20 5.68
N HIS A 86 -15.29 -5.70 6.84
CA HIS A 86 -15.36 -7.13 7.11
C HIS A 86 -15.69 -7.32 8.58
N GLY A 87 -15.20 -6.40 9.40
CA GLY A 87 -15.50 -6.42 10.82
C GLY A 87 -14.28 -6.30 11.72
N HIS A 88 -13.38 -5.36 11.40
CA HIS A 88 -12.21 -5.12 12.23
C HIS A 88 -12.01 -3.65 12.55
N GLY A 89 -12.80 -2.79 11.91
CA GLY A 89 -12.66 -1.36 12.13
C GLY A 89 -11.50 -0.81 11.32
N LEU A 90 -10.93 0.29 11.79
CA LEU A 90 -9.80 0.91 11.09
C LEU A 90 -8.52 0.10 11.32
N ILE A 91 -7.72 -0.01 10.27
CA ILE A 91 -6.51 -0.83 10.33
C ILE A 91 -5.27 0.02 10.51
N SER A 92 -4.36 -0.46 11.35
CA SER A 92 -3.11 0.22 11.63
C SER A 92 -2.20 0.19 10.40
N LYS A 93 -1.41 1.24 10.21
CA LYS A 93 -0.55 1.34 9.04
C LYS A 93 0.70 0.47 9.21
N LYS A 94 0.98 0.10 10.45
CA LYS A 94 2.06 -0.84 10.73
C LYS A 94 1.53 -2.28 10.68
N ARG A 95 0.22 -2.40 10.51
CA ARG A 95 -0.44 -3.69 10.54
C ARG A 95 -1.22 -3.90 9.24
N VAL A 96 -0.68 -3.35 8.16
CA VAL A 96 -1.30 -3.48 6.85
C VAL A 96 -0.52 -4.48 5.99
N GLU A 97 -1.20 -5.15 5.09
CA GLU A 97 -0.56 -6.11 4.20
C GLU A 97 -0.45 -5.53 2.80
N PHE A 98 0.74 -5.07 2.44
CA PHE A 98 0.97 -4.49 1.13
C PHE A 98 1.34 -5.57 0.12
N VAL A 99 0.46 -5.80 -0.84
CA VAL A 99 0.75 -6.73 -1.92
C VAL A 99 1.00 -5.98 -3.21
N LEU A 100 1.90 -6.51 -4.03
CA LEU A 100 2.23 -5.90 -5.30
C LEU A 100 1.25 -6.40 -6.35
N ALA A 101 0.55 -5.48 -7.00
CA ALA A 101 -0.44 -5.83 -8.00
C ALA A 101 0.22 -6.44 -9.22
N MET A 31 16.36 1.13 5.64
CA MET A 31 15.09 0.49 5.26
C MET A 31 14.62 0.97 3.90
N GLU A 32 14.71 0.09 2.92
CA GLU A 32 14.28 0.41 1.56
C GLU A 32 13.69 -0.83 0.89
N LEU A 33 12.86 -0.61 -0.12
CA LEU A 33 12.28 -1.71 -0.87
C LEU A 33 12.84 -1.70 -2.29
N HIS A 34 13.00 -2.87 -2.88
CA HIS A 34 13.58 -2.97 -4.21
C HIS A 34 12.55 -3.45 -5.22
N CYS A 35 12.79 -3.14 -6.49
CA CYS A 35 11.90 -3.55 -7.56
C CYS A 35 12.08 -5.03 -7.85
N PRO A 36 11.00 -5.81 -7.84
CA PRO A 36 11.05 -7.26 -8.10
C PRO A 36 11.72 -7.58 -9.43
N GLN A 37 11.33 -6.86 -10.48
CA GLN A 37 11.85 -7.09 -11.82
C GLN A 37 12.96 -6.10 -12.15
N CYS A 38 12.60 -4.82 -12.11
CA CYS A 38 13.51 -3.74 -12.48
C CYS A 38 14.36 -3.32 -11.29
N GLN A 39 15.15 -4.28 -10.79
CA GLN A 39 16.02 -4.13 -9.61
C GLN A 39 16.50 -2.71 -9.39
N HIS A 40 15.86 -2.03 -8.45
CA HIS A 40 16.19 -0.67 -8.06
C HIS A 40 15.42 -0.33 -6.80
N VAL A 41 15.49 0.93 -6.36
CA VAL A 41 14.82 1.33 -5.14
C VAL A 41 13.38 1.81 -5.41
N LEU A 42 12.46 1.33 -4.58
CA LEU A 42 11.08 1.78 -4.60
C LEU A 42 10.84 2.80 -3.49
N ASP A 43 10.37 3.98 -3.87
CA ASP A 43 10.10 5.03 -2.91
C ASP A 43 8.59 5.14 -2.67
N GLN A 44 8.19 5.02 -1.42
CA GLN A 44 6.78 5.07 -1.08
C GLN A 44 6.39 6.47 -0.64
N ASP A 45 5.14 6.85 -0.88
CA ASP A 45 4.65 8.16 -0.48
C ASP A 45 3.23 8.06 0.08
N ASN A 46 2.27 7.82 -0.81
CA ASN A 46 0.88 7.72 -0.40
C ASN A 46 0.43 6.26 -0.35
N GLY A 47 0.29 5.65 -1.51
CA GLY A 47 -0.16 4.27 -1.57
C GLY A 47 0.33 3.56 -2.82
N HIS A 48 1.22 4.20 -3.56
CA HIS A 48 1.78 3.60 -4.76
C HIS A 48 3.28 3.48 -4.59
N ALA A 49 3.87 2.49 -5.24
CA ALA A 49 5.30 2.30 -5.18
C ALA A 49 5.97 3.02 -6.35
N ARG A 50 6.77 4.01 -6.02
CA ARG A 50 7.40 4.84 -7.02
C ARG A 50 8.81 4.39 -7.30
N CYS A 51 9.04 3.91 -8.51
CA CYS A 51 10.37 3.62 -8.97
C CYS A 51 11.15 4.92 -9.14
N ARG A 52 11.85 5.31 -8.09
CA ARG A 52 12.46 6.64 -8.00
C ARG A 52 13.64 6.78 -8.96
N SER A 53 14.23 5.66 -9.32
CA SER A 53 15.34 5.65 -10.25
C SER A 53 14.90 5.21 -11.64
N CYS A 54 14.34 4.00 -11.73
CA CYS A 54 13.91 3.45 -13.01
C CYS A 54 12.79 4.29 -13.63
N GLY A 55 11.81 4.70 -12.84
CA GLY A 55 10.80 5.62 -13.34
C GLY A 55 9.38 5.11 -13.24
N GLU A 56 9.16 3.86 -13.63
CA GLU A 56 7.81 3.30 -13.75
C GLU A 56 7.02 3.34 -12.45
N PHE A 57 5.70 3.18 -12.58
CA PHE A 57 4.81 3.17 -11.44
C PHE A 57 4.45 1.74 -11.08
N ILE A 58 4.37 1.45 -9.79
CA ILE A 58 3.93 0.14 -9.35
C ILE A 58 2.73 0.28 -8.42
N GLU A 59 1.57 -0.08 -8.94
CA GLU A 59 0.34 -0.08 -8.15
C GLU A 59 0.38 -1.23 -7.15
N MET A 60 0.11 -0.91 -5.90
CA MET A 60 0.12 -1.91 -4.85
C MET A 60 -1.30 -2.19 -4.37
N LYS A 61 -1.60 -3.47 -4.23
CA LYS A 61 -2.90 -3.92 -3.79
C LYS A 61 -2.96 -3.86 -2.26
N ALA A 62 -3.63 -2.83 -1.76
CA ALA A 62 -3.72 -2.58 -0.32
C ALA A 62 -4.73 -3.52 0.33
N LEU A 63 -4.22 -4.58 0.92
CA LEU A 63 -5.08 -5.59 1.54
C LEU A 63 -4.86 -5.63 3.04
N CYS A 64 -5.79 -6.26 3.73
CA CYS A 64 -5.65 -6.52 5.14
C CYS A 64 -5.05 -7.91 5.33
N PRO A 65 -3.86 -8.00 5.92
CA PRO A 65 -3.08 -9.24 5.99
C PRO A 65 -3.76 -10.35 6.80
N ASP A 66 -4.71 -9.97 7.65
CA ASP A 66 -5.38 -10.94 8.51
C ASP A 66 -6.57 -11.61 7.82
N CYS A 67 -7.03 -11.05 6.71
CA CYS A 67 -8.22 -11.60 6.04
C CYS A 67 -8.09 -11.63 4.52
N HIS A 68 -7.02 -11.05 3.98
CA HIS A 68 -6.77 -11.02 2.53
C HIS A 68 -7.74 -10.09 1.81
N GLN A 69 -8.63 -9.46 2.56
CA GLN A 69 -9.65 -8.62 1.96
C GLN A 69 -9.16 -7.17 1.88
N PRO A 70 -9.63 -6.42 0.86
CA PRO A 70 -9.21 -5.04 0.63
C PRO A 70 -9.66 -4.09 1.74
N LEU A 71 -8.91 -3.03 1.93
CA LEU A 71 -9.24 -2.03 2.93
C LEU A 71 -10.08 -0.92 2.33
N GLN A 72 -11.16 -0.57 3.02
CA GLN A 72 -12.05 0.48 2.56
C GLN A 72 -11.42 1.85 2.84
N VAL A 73 -11.38 2.68 1.81
CA VAL A 73 -10.78 4.00 1.91
C VAL A 73 -11.76 4.99 2.54
N LEU A 74 -11.46 5.42 3.75
CA LEU A 74 -12.27 6.43 4.41
C LEU A 74 -11.78 7.81 4.04
N LYS A 75 -12.54 8.50 3.22
CA LYS A 75 -12.14 9.79 2.69
C LYS A 75 -12.65 10.93 3.58
N ALA A 76 -11.77 11.87 3.88
CA ALA A 76 -12.14 13.05 4.65
C ALA A 76 -11.32 14.25 4.22
N CYS A 77 -10.67 14.11 3.05
CA CYS A 77 -9.83 15.17 2.47
C CYS A 77 -8.55 15.38 3.27
N GLY A 78 -8.66 15.99 4.44
CA GLY A 78 -7.49 16.25 5.27
C GLY A 78 -6.95 14.98 5.88
N ALA A 79 -7.85 14.05 6.18
CA ALA A 79 -7.46 12.78 6.76
C ALA A 79 -8.04 11.63 5.94
N VAL A 80 -7.30 10.53 5.89
CA VAL A 80 -7.77 9.33 5.22
C VAL A 80 -7.42 8.09 6.04
N ASP A 81 -8.35 7.15 6.12
CA ASP A 81 -8.13 5.94 6.91
C ASP A 81 -8.36 4.69 6.08
N TYR A 82 -7.76 3.59 6.52
CA TYR A 82 -7.94 2.30 5.90
C TYR A 82 -8.81 1.43 6.81
N PHE A 83 -10.06 1.26 6.45
CA PHE A 83 -11.00 0.54 7.30
C PHE A 83 -11.20 -0.89 6.81
N CYS A 84 -10.95 -1.85 7.67
CA CYS A 84 -11.21 -3.24 7.36
C CYS A 84 -12.61 -3.62 7.81
N GLN A 85 -13.57 -3.50 6.90
CA GLN A 85 -14.95 -3.84 7.21
C GLN A 85 -15.09 -5.35 7.25
N HIS A 86 -14.99 -5.87 8.47
CA HIS A 86 -14.96 -7.31 8.75
C HIS A 86 -14.65 -7.52 10.23
N GLY A 87 -14.89 -6.49 11.02
CA GLY A 87 -14.63 -6.57 12.46
C GLY A 87 -13.16 -6.42 12.81
N HIS A 88 -12.40 -5.73 11.98
CA HIS A 88 -10.97 -5.52 12.26
C HIS A 88 -10.66 -4.05 12.51
N GLY A 89 -11.59 -3.17 12.12
CA GLY A 89 -11.43 -1.76 12.41
C GLY A 89 -10.47 -1.06 11.46
N LEU A 90 -9.85 0.01 11.95
CA LEU A 90 -8.92 0.81 11.16
C LEU A 90 -7.54 0.17 11.15
N ILE A 91 -7.05 -0.12 9.96
CA ILE A 91 -5.74 -0.73 9.81
C ILE A 91 -4.68 0.35 9.67
N SER A 92 -3.65 0.26 10.49
CA SER A 92 -2.58 1.25 10.52
C SER A 92 -1.72 1.16 9.26
N LYS A 93 -1.01 2.25 8.96
CA LYS A 93 -0.21 2.39 7.74
C LYS A 93 0.69 1.17 7.49
N LYS A 94 1.49 0.81 8.48
CA LYS A 94 2.48 -0.26 8.31
C LYS A 94 1.85 -1.62 8.60
N ARG A 95 0.54 -1.65 8.78
CA ARG A 95 -0.17 -2.90 8.99
C ARG A 95 -0.92 -3.29 7.71
N VAL A 96 -0.92 -2.38 6.74
CA VAL A 96 -1.52 -2.67 5.44
C VAL A 96 -0.58 -3.58 4.64
N GLU A 97 -1.15 -4.62 4.05
CA GLU A 97 -0.35 -5.52 3.25
C GLU A 97 -0.35 -5.04 1.80
N PHE A 98 0.78 -4.52 1.36
CA PHE A 98 0.92 -4.02 0.01
C PHE A 98 1.55 -5.07 -0.88
N VAL A 99 0.74 -5.70 -1.72
CA VAL A 99 1.24 -6.68 -2.66
C VAL A 99 1.15 -6.13 -4.09
N LEU A 100 1.64 -6.88 -5.05
CA LEU A 100 1.56 -6.46 -6.45
C LEU A 100 0.12 -6.51 -6.94
N ALA A 101 -0.38 -5.38 -7.43
CA ALA A 101 -1.73 -5.30 -7.96
C ALA A 101 -1.73 -5.67 -9.44
N MET A 31 19.50 -3.33 1.58
CA MET A 31 18.50 -3.16 2.66
C MET A 31 17.22 -2.55 2.10
N GLU A 32 17.40 -1.55 1.27
CA GLU A 32 16.29 -0.93 0.56
C GLU A 32 15.93 -1.76 -0.66
N LEU A 33 14.67 -1.68 -1.06
CA LEU A 33 14.15 -2.56 -2.10
C LEU A 33 14.65 -2.16 -3.48
N HIS A 34 14.94 -3.17 -4.28
CA HIS A 34 15.30 -2.97 -5.68
C HIS A 34 14.25 -3.65 -6.55
N CYS A 35 14.19 -3.27 -7.82
CA CYS A 35 13.19 -3.84 -8.72
C CYS A 35 13.52 -5.28 -9.09
N PRO A 36 12.61 -6.23 -8.81
CA PRO A 36 12.78 -7.63 -9.19
C PRO A 36 12.32 -7.88 -10.62
N GLN A 37 12.43 -6.85 -11.44
CA GLN A 37 11.98 -6.88 -12.82
C GLN A 37 12.76 -5.85 -13.62
N CYS A 38 12.43 -4.58 -13.38
CA CYS A 38 13.13 -3.48 -14.01
C CYS A 38 14.24 -3.00 -13.06
N GLN A 39 15.18 -3.91 -12.83
CA GLN A 39 16.27 -3.76 -11.85
C GLN A 39 16.78 -2.32 -11.72
N HIS A 40 16.34 -1.67 -10.64
CA HIS A 40 16.72 -0.31 -10.28
C HIS A 40 16.23 -0.06 -8.86
N VAL A 41 16.25 1.20 -8.42
CA VAL A 41 15.83 1.53 -7.06
C VAL A 41 14.30 1.66 -6.96
N LEU A 42 13.76 1.30 -5.80
CA LEU A 42 12.34 1.42 -5.54
C LEU A 42 12.09 2.34 -4.34
N ASP A 43 11.37 3.43 -4.59
CA ASP A 43 11.05 4.38 -3.53
C ASP A 43 9.57 4.37 -3.21
N GLN A 44 9.16 3.37 -2.43
CA GLN A 44 7.80 3.31 -1.93
C GLN A 44 7.68 4.14 -0.65
N ASP A 45 6.69 5.02 -0.61
CA ASP A 45 6.53 5.91 0.53
C ASP A 45 5.45 5.40 1.46
N ASN A 46 4.37 4.88 0.91
CA ASN A 46 3.30 4.29 1.71
C ASN A 46 2.44 3.35 0.88
N GLY A 47 1.62 3.92 -0.01
CA GLY A 47 0.70 3.11 -0.79
C GLY A 47 1.12 2.96 -2.23
N HIS A 48 2.16 3.68 -2.64
CA HIS A 48 2.65 3.60 -4.01
C HIS A 48 4.17 3.54 -4.03
N ALA A 49 4.71 2.82 -5.00
CA ALA A 49 6.15 2.72 -5.16
C ALA A 49 6.61 3.58 -6.33
N ARG A 50 7.57 4.44 -6.06
CA ARG A 50 8.14 5.31 -7.09
C ARG A 50 9.32 4.62 -7.74
N CYS A 51 9.20 4.30 -9.02
CA CYS A 51 10.22 3.56 -9.71
C CYS A 51 11.18 4.52 -10.42
N ARG A 52 12.24 4.93 -9.73
CA ARG A 52 13.20 5.88 -10.30
C ARG A 52 14.02 5.22 -11.40
N SER A 53 14.49 6.05 -12.33
CA SER A 53 15.21 5.60 -13.52
C SER A 53 14.28 4.86 -14.49
N CYS A 54 13.48 3.95 -13.95
CA CYS A 54 12.51 3.22 -14.74
C CYS A 54 11.43 4.17 -15.25
N GLY A 55 11.01 5.09 -14.40
CA GLY A 55 10.06 6.13 -14.81
C GLY A 55 8.62 5.71 -14.61
N GLU A 56 8.41 4.49 -14.15
CA GLU A 56 7.08 3.97 -13.95
C GLU A 56 6.66 4.11 -12.49
N PHE A 57 5.42 3.75 -12.21
CA PHE A 57 4.90 3.75 -10.86
C PHE A 57 4.25 2.41 -10.56
N ILE A 58 4.50 1.88 -9.38
CA ILE A 58 3.92 0.60 -8.99
C ILE A 58 2.95 0.80 -7.84
N GLU A 59 1.66 0.66 -8.13
CA GLU A 59 0.63 0.77 -7.12
C GLU A 59 0.65 -0.45 -6.22
N MET A 60 0.15 -0.29 -5.01
CA MET A 60 0.05 -1.39 -4.07
C MET A 60 -1.39 -1.57 -3.61
N LYS A 61 -1.78 -2.81 -3.41
CA LYS A 61 -3.09 -3.14 -2.89
C LYS A 61 -3.07 -3.14 -1.38
N ALA A 62 -4.02 -2.44 -0.78
CA ALA A 62 -4.10 -2.34 0.67
C ALA A 62 -5.03 -3.42 1.21
N LEU A 63 -4.44 -4.47 1.77
CA LEU A 63 -5.20 -5.58 2.31
C LEU A 63 -5.09 -5.61 3.83
N CYS A 64 -6.10 -6.18 4.47
CA CYS A 64 -6.08 -6.38 5.91
C CYS A 64 -5.56 -7.78 6.21
N PRO A 65 -4.35 -7.89 6.77
CA PRO A 65 -3.63 -9.17 6.90
C PRO A 65 -4.39 -10.23 7.70
N ASP A 66 -5.27 -9.80 8.59
CA ASP A 66 -6.00 -10.75 9.43
C ASP A 66 -7.12 -11.45 8.66
N CYS A 67 -7.46 -10.94 7.49
CA CYS A 67 -8.51 -11.55 6.68
C CYS A 67 -8.13 -11.63 5.20
N HIS A 68 -7.01 -11.00 4.83
CA HIS A 68 -6.54 -10.95 3.43
C HIS A 68 -7.63 -10.34 2.53
N GLN A 69 -8.49 -9.52 3.14
CA GLN A 69 -9.54 -8.83 2.43
C GLN A 69 -9.16 -7.36 2.26
N PRO A 70 -9.62 -6.72 1.17
CA PRO A 70 -9.25 -5.33 0.85
C PRO A 70 -9.73 -4.33 1.89
N LEU A 71 -8.93 -3.29 2.08
CA LEU A 71 -9.28 -2.22 3.00
C LEU A 71 -10.13 -1.17 2.29
N GLN A 72 -11.10 -0.64 3.01
CA GLN A 72 -11.95 0.40 2.49
C GLN A 72 -11.33 1.75 2.80
N VAL A 73 -10.82 2.42 1.77
CA VAL A 73 -10.16 3.70 1.94
C VAL A 73 -11.18 4.80 2.17
N LEU A 74 -11.38 5.18 3.42
CA LEU A 74 -12.26 6.27 3.77
C LEU A 74 -11.54 7.59 3.56
N LYS A 75 -11.77 8.19 2.40
CA LYS A 75 -11.01 9.38 2.01
C LYS A 75 -11.90 10.62 2.05
N ALA A 76 -11.74 11.40 3.10
CA ALA A 76 -12.47 12.65 3.23
C ALA A 76 -11.48 13.81 3.26
N CYS A 77 -11.97 15.01 3.48
CA CYS A 77 -11.10 16.18 3.59
C CYS A 77 -10.33 16.13 4.90
N GLY A 78 -9.04 15.84 4.82
CA GLY A 78 -8.20 15.77 6.00
C GLY A 78 -8.13 14.37 6.59
N ALA A 79 -9.29 13.71 6.69
CA ALA A 79 -9.37 12.41 7.34
C ALA A 79 -9.36 11.27 6.33
N VAL A 80 -8.35 10.43 6.41
CA VAL A 80 -8.24 9.25 5.56
C VAL A 80 -8.07 8.01 6.43
N ASP A 81 -9.03 7.10 6.38
CA ASP A 81 -9.00 5.93 7.24
C ASP A 81 -8.97 4.64 6.44
N TYR A 82 -8.06 3.75 6.80
CA TYR A 82 -8.04 2.41 6.23
C TYR A 82 -8.93 1.49 7.05
N PHE A 83 -10.13 1.27 6.57
CA PHE A 83 -11.12 0.50 7.32
C PHE A 83 -11.22 -0.93 6.79
N CYS A 84 -11.22 -1.89 7.71
CA CYS A 84 -11.37 -3.29 7.32
C CYS A 84 -12.82 -3.58 6.96
N GLN A 85 -13.11 -3.49 5.68
CA GLN A 85 -14.45 -3.76 5.19
C GLN A 85 -14.73 -5.26 5.24
N HIS A 86 -15.35 -5.67 6.35
CA HIS A 86 -15.67 -7.07 6.61
C HIS A 86 -16.14 -7.19 8.06
N GLY A 87 -15.47 -6.45 8.93
CA GLY A 87 -15.84 -6.44 10.33
C GLY A 87 -14.67 -6.69 11.26
N HIS A 88 -13.76 -5.71 11.32
CA HIS A 88 -12.63 -5.77 12.25
C HIS A 88 -12.43 -4.40 12.90
N GLY A 89 -12.31 -3.38 12.07
CA GLY A 89 -12.09 -2.05 12.57
C GLY A 89 -11.17 -1.27 11.65
N LEU A 90 -10.49 -0.28 12.21
CA LEU A 90 -9.56 0.52 11.42
C LEU A 90 -8.16 -0.08 11.50
N ILE A 91 -7.45 -0.03 10.38
CA ILE A 91 -6.11 -0.59 10.30
C ILE A 91 -5.08 0.51 10.14
N SER A 92 -4.10 0.55 11.03
CA SER A 92 -3.00 1.48 10.93
C SER A 92 -2.16 1.15 9.70
N LYS A 93 -1.68 2.18 9.01
CA LYS A 93 -0.99 2.01 7.74
C LYS A 93 0.25 1.11 7.83
N LYS A 94 0.89 1.05 9.00
CA LYS A 94 2.02 0.15 9.19
C LYS A 94 1.59 -1.30 9.24
N ARG A 95 0.31 -1.54 9.52
CA ARG A 95 -0.20 -2.89 9.69
C ARG A 95 -0.87 -3.36 8.41
N VAL A 96 -0.88 -2.52 7.39
CA VAL A 96 -1.52 -2.85 6.13
C VAL A 96 -0.68 -3.85 5.34
N GLU A 97 -1.36 -4.85 4.78
CA GLU A 97 -0.70 -5.82 3.93
C GLU A 97 -0.63 -5.27 2.52
N PHE A 98 0.55 -4.79 2.14
CA PHE A 98 0.74 -4.18 0.83
C PHE A 98 1.30 -5.20 -0.16
N VAL A 99 0.52 -5.49 -1.18
CA VAL A 99 0.99 -6.34 -2.27
C VAL A 99 1.05 -5.55 -3.56
N LEU A 100 1.90 -5.96 -4.48
CA LEU A 100 2.05 -5.24 -5.73
C LEU A 100 0.80 -5.37 -6.59
N ALA A 101 0.50 -4.30 -7.34
CA ALA A 101 -0.66 -4.26 -8.21
C ALA A 101 -0.64 -5.40 -9.22
N MET A 31 16.23 1.88 5.69
CA MET A 31 16.57 1.60 4.27
C MET A 31 15.44 2.06 3.37
N GLU A 32 15.77 2.31 2.11
CA GLU A 32 14.76 2.62 1.11
C GLU A 32 14.41 1.37 0.32
N LEU A 33 13.21 1.33 -0.23
CA LEU A 33 12.72 0.12 -0.88
C LEU A 33 13.39 -0.10 -2.23
N HIS A 34 13.60 -1.37 -2.57
CA HIS A 34 14.19 -1.73 -3.85
C HIS A 34 13.16 -2.46 -4.70
N CYS A 35 13.36 -2.42 -6.01
CA CYS A 35 12.37 -2.97 -6.95
C CYS A 35 12.45 -4.49 -7.00
N PRO A 36 11.34 -5.14 -7.37
CA PRO A 36 11.31 -6.58 -7.61
C PRO A 36 12.10 -6.95 -8.87
N GLN A 37 11.80 -6.28 -9.98
CA GLN A 37 12.43 -6.59 -11.25
C GLN A 37 13.58 -5.62 -11.55
N CYS A 38 13.24 -4.36 -11.82
CA CYS A 38 14.25 -3.35 -12.15
C CYS A 38 14.80 -2.74 -10.87
N GLN A 39 15.43 -3.61 -10.10
CA GLN A 39 16.00 -3.27 -8.79
C GLN A 39 16.80 -1.97 -8.82
N HIS A 40 16.32 -0.98 -8.07
CA HIS A 40 17.06 0.25 -7.84
C HIS A 40 16.47 0.97 -6.63
N VAL A 41 15.43 1.77 -6.86
CA VAL A 41 14.78 2.52 -5.79
C VAL A 41 13.27 2.58 -6.01
N LEU A 42 12.52 2.25 -4.95
CA LEU A 42 11.06 2.37 -4.98
C LEU A 42 10.61 3.46 -4.00
N ASP A 43 10.06 4.54 -4.55
CA ASP A 43 9.54 5.61 -3.72
C ASP A 43 8.07 5.37 -3.43
N GLN A 44 7.79 4.95 -2.21
CA GLN A 44 6.43 4.65 -1.81
C GLN A 44 5.98 5.59 -0.70
N ASP A 45 4.87 6.26 -0.93
CA ASP A 45 4.31 7.18 0.06
C ASP A 45 2.86 6.84 0.35
N ASN A 46 2.01 7.08 -0.63
CA ASN A 46 0.58 6.81 -0.49
C ASN A 46 0.24 5.46 -1.12
N GLY A 47 0.84 4.41 -0.58
CA GLY A 47 0.59 3.06 -1.08
C GLY A 47 1.32 2.76 -2.38
N HIS A 48 1.33 3.72 -3.28
CA HIS A 48 1.95 3.56 -4.59
C HIS A 48 3.45 3.75 -4.50
N ALA A 49 4.18 2.92 -5.24
CA ALA A 49 5.62 3.05 -5.33
C ALA A 49 6.03 3.36 -6.77
N ARG A 50 6.81 4.41 -6.94
CA ARG A 50 7.30 4.76 -8.25
C ARG A 50 8.82 4.78 -8.26
N CYS A 51 9.38 4.23 -9.31
CA CYS A 51 10.82 4.24 -9.49
C CYS A 51 11.31 5.58 -10.01
N ARG A 52 11.88 6.36 -9.10
CA ARG A 52 12.45 7.66 -9.45
C ARG A 52 13.81 7.49 -10.14
N SER A 53 13.86 6.55 -11.08
CA SER A 53 15.10 6.21 -11.78
C SER A 53 14.82 5.20 -12.90
N CYS A 54 14.27 4.05 -12.54
CA CYS A 54 14.08 2.96 -13.49
C CYS A 54 12.71 3.02 -14.19
N GLY A 55 11.93 4.06 -13.94
CA GLY A 55 10.70 4.28 -14.69
C GLY A 55 9.51 3.50 -14.18
N GLU A 56 9.75 2.25 -13.79
CA GLU A 56 8.73 1.35 -13.26
C GLU A 56 7.80 2.06 -12.25
N PHE A 57 6.50 1.93 -12.47
CA PHE A 57 5.52 2.51 -11.58
C PHE A 57 4.55 1.42 -11.11
N ILE A 58 4.56 1.16 -9.82
CA ILE A 58 3.83 0.03 -9.28
C ILE A 58 2.52 0.45 -8.61
N GLU A 59 1.44 -0.19 -9.01
CA GLU A 59 0.17 -0.05 -8.34
C GLU A 59 0.06 -1.10 -7.25
N MET A 60 0.29 -0.67 -6.01
CA MET A 60 0.23 -1.58 -4.89
C MET A 60 -1.10 -1.40 -4.16
N LYS A 61 -1.85 -2.48 -4.04
CA LYS A 61 -3.20 -2.42 -3.52
C LYS A 61 -3.21 -2.65 -2.02
N ALA A 62 -3.91 -1.77 -1.31
CA ALA A 62 -4.01 -1.87 0.14
C ALA A 62 -5.08 -2.87 0.55
N LEU A 63 -4.64 -4.02 1.03
CA LEU A 63 -5.54 -5.05 1.51
C LEU A 63 -5.32 -5.27 2.99
N CYS A 64 -6.22 -6.01 3.62
CA CYS A 64 -6.08 -6.33 5.03
C CYS A 64 -5.09 -7.48 5.21
N PRO A 65 -4.13 -7.35 6.14
CA PRO A 65 -3.10 -8.36 6.38
C PRO A 65 -3.69 -9.72 6.78
N ASP A 66 -4.74 -9.67 7.58
CA ASP A 66 -5.37 -10.89 8.09
C ASP A 66 -6.28 -11.56 7.05
N CYS A 67 -7.48 -11.03 6.89
CA CYS A 67 -8.49 -11.63 6.01
C CYS A 67 -8.14 -11.45 4.53
N HIS A 68 -7.22 -10.53 4.25
CA HIS A 68 -6.77 -10.26 2.87
C HIS A 68 -7.91 -9.74 2.00
N GLN A 69 -8.99 -9.31 2.63
CA GLN A 69 -10.10 -8.68 1.91
C GLN A 69 -9.80 -7.19 1.74
N PRO A 70 -10.30 -6.59 0.66
CA PRO A 70 -10.09 -5.16 0.38
C PRO A 70 -10.55 -4.26 1.51
N LEU A 71 -9.72 -3.30 1.87
CA LEU A 71 -10.04 -2.36 2.93
C LEU A 71 -10.86 -1.21 2.39
N GLN A 72 -11.69 -0.62 3.24
CA GLN A 72 -12.45 0.55 2.86
C GLN A 72 -11.56 1.79 3.04
N VAL A 73 -11.20 2.41 1.94
CA VAL A 73 -10.33 3.59 1.98
C VAL A 73 -11.12 4.80 2.44
N LEU A 74 -10.83 5.25 3.65
CA LEU A 74 -11.51 6.40 4.22
C LEU A 74 -10.74 7.67 3.94
N LYS A 75 -10.97 8.27 2.79
CA LYS A 75 -10.28 9.51 2.47
C LYS A 75 -11.21 10.69 2.70
N ALA A 76 -10.89 11.46 3.73
CA ALA A 76 -11.64 12.66 4.05
C ALA A 76 -10.86 13.87 3.57
N CYS A 77 -11.27 15.05 4.01
CA CYS A 77 -10.58 16.27 3.65
C CYS A 77 -9.26 16.38 4.42
N GLY A 78 -8.19 15.94 3.78
CA GLY A 78 -6.88 16.03 4.39
C GLY A 78 -6.29 14.66 4.70
N ALA A 79 -6.99 13.90 5.52
CA ALA A 79 -6.45 12.62 6.00
C ALA A 79 -7.15 11.44 5.35
N VAL A 80 -6.46 10.31 5.32
CA VAL A 80 -6.98 9.08 4.75
C VAL A 80 -6.71 7.90 5.69
N ASP A 81 -7.69 7.03 5.85
CA ASP A 81 -7.54 5.88 6.75
C ASP A 81 -7.93 4.59 6.05
N TYR A 82 -7.75 3.48 6.73
CA TYR A 82 -8.06 2.17 6.16
C TYR A 82 -8.93 1.37 7.12
N PHE A 83 -10.14 1.05 6.69
CA PHE A 83 -11.11 0.40 7.55
C PHE A 83 -11.43 -1.01 7.06
N CYS A 84 -11.24 -2.00 7.93
CA CYS A 84 -11.60 -3.37 7.62
C CYS A 84 -13.01 -3.66 8.09
N GLN A 85 -13.98 -3.41 7.23
CA GLN A 85 -15.36 -3.69 7.56
C GLN A 85 -15.63 -5.17 7.40
N HIS A 86 -15.49 -5.88 8.51
CA HIS A 86 -15.59 -7.34 8.57
C HIS A 86 -15.47 -7.75 10.03
N GLY A 87 -14.65 -7.00 10.76
CA GLY A 87 -14.49 -7.25 12.17
C GLY A 87 -13.06 -7.03 12.64
N HIS A 88 -12.43 -5.96 12.16
CA HIS A 88 -11.06 -5.63 12.57
C HIS A 88 -10.91 -4.13 12.85
N GLY A 89 -11.87 -3.35 12.34
CA GLY A 89 -11.82 -1.92 12.54
C GLY A 89 -10.76 -1.26 11.68
N LEU A 90 -10.16 -0.21 12.20
CA LEU A 90 -9.10 0.49 11.48
C LEU A 90 -7.83 -0.33 11.50
N ILE A 91 -7.21 -0.49 10.35
CA ILE A 91 -6.02 -1.32 10.23
C ILE A 91 -4.76 -0.48 10.38
N SER A 92 -3.87 -0.93 11.26
CA SER A 92 -2.60 -0.27 11.47
C SER A 92 -1.84 -0.19 10.15
N LYS A 93 -1.46 1.02 9.76
CA LYS A 93 -0.89 1.27 8.44
C LYS A 93 0.54 0.77 8.33
N LYS A 94 1.04 0.14 9.38
CA LYS A 94 2.34 -0.52 9.32
C LYS A 94 2.16 -2.02 9.11
N ARG A 95 0.91 -2.47 9.18
CA ARG A 95 0.60 -3.89 9.04
C ARG A 95 -0.18 -4.15 7.76
N VAL A 96 -0.64 -3.08 7.11
CA VAL A 96 -1.46 -3.19 5.90
C VAL A 96 -0.77 -4.04 4.82
N GLU A 97 -1.55 -4.81 4.10
CA GLU A 97 -1.03 -5.72 3.10
C GLU A 97 -1.01 -5.06 1.73
N PHE A 98 0.16 -4.60 1.30
CA PHE A 98 0.29 -4.03 -0.03
C PHE A 98 0.70 -5.08 -1.04
N VAL A 99 -0.22 -5.46 -1.89
CA VAL A 99 0.03 -6.44 -2.93
C VAL A 99 0.27 -5.76 -4.27
N LEU A 100 0.86 -6.48 -5.21
CA LEU A 100 1.16 -5.91 -6.52
C LEU A 100 0.00 -6.16 -7.47
N ALA A 101 -0.48 -5.08 -8.09
CA ALA A 101 -1.55 -5.19 -9.08
C ALA A 101 -1.00 -5.56 -10.44
N MET A 31 15.61 1.69 4.80
CA MET A 31 14.36 0.92 4.94
C MET A 31 13.58 0.91 3.63
N GLU A 32 14.27 1.24 2.55
CA GLU A 32 13.64 1.35 1.24
C GLU A 32 13.37 -0.04 0.68
N LEU A 33 12.14 -0.28 0.26
CA LEU A 33 11.77 -1.56 -0.32
C LEU A 33 12.35 -1.67 -1.72
N HIS A 34 12.74 -2.88 -2.10
CA HIS A 34 13.37 -3.09 -3.39
C HIS A 34 12.36 -3.67 -4.37
N CYS A 35 12.50 -3.30 -5.63
CA CYS A 35 11.55 -3.71 -6.66
C CYS A 35 11.86 -5.13 -7.12
N PRO A 36 10.82 -5.95 -7.37
CA PRO A 36 10.98 -7.31 -7.89
C PRO A 36 11.39 -7.33 -9.36
N GLN A 37 11.54 -6.14 -9.93
CA GLN A 37 11.94 -6.00 -11.34
C GLN A 37 13.08 -5.00 -11.46
N CYS A 38 12.74 -3.72 -11.37
CA CYS A 38 13.72 -2.64 -11.43
C CYS A 38 14.32 -2.42 -10.04
N GLN A 39 14.98 -3.44 -9.55
CA GLN A 39 15.62 -3.45 -8.23
C GLN A 39 16.41 -2.15 -7.97
N HIS A 40 15.85 -1.31 -7.10
CA HIS A 40 16.52 -0.10 -6.66
C HIS A 40 15.73 0.56 -5.52
N VAL A 41 14.65 1.25 -5.88
CA VAL A 41 13.87 1.98 -4.88
C VAL A 41 12.36 1.84 -5.12
N LEU A 42 11.64 1.53 -4.05
CA LEU A 42 10.18 1.63 -4.05
C LEU A 42 9.77 2.74 -3.09
N ASP A 43 9.37 3.87 -3.66
CA ASP A 43 9.00 5.03 -2.85
C ASP A 43 7.49 5.13 -2.76
N GLN A 44 6.96 4.97 -1.55
CA GLN A 44 5.51 4.91 -1.35
C GLN A 44 4.90 6.30 -1.27
N ASP A 45 4.03 6.59 -2.23
CA ASP A 45 3.25 7.83 -2.22
C ASP A 45 2.34 7.84 -0.99
N ASN A 46 1.47 6.83 -0.94
CA ASN A 46 0.61 6.60 0.21
C ASN A 46 0.22 5.13 0.21
N GLY A 47 -0.16 4.65 -0.97
CA GLY A 47 -0.41 3.24 -1.18
C GLY A 47 0.09 2.83 -2.54
N HIS A 48 0.03 3.76 -3.48
CA HIS A 48 0.61 3.60 -4.80
C HIS A 48 2.12 3.80 -4.73
N ALA A 49 2.87 2.94 -5.39
CA ALA A 49 4.32 3.00 -5.35
C ALA A 49 4.88 3.74 -6.56
N ARG A 50 5.81 4.63 -6.31
CA ARG A 50 6.50 5.33 -7.38
C ARG A 50 7.98 4.97 -7.33
N CYS A 51 8.48 4.37 -8.39
CA CYS A 51 9.86 3.94 -8.44
C CYS A 51 10.80 5.09 -8.72
N ARG A 52 11.26 5.70 -7.64
CA ARG A 52 12.26 6.75 -7.71
C ARG A 52 13.52 6.26 -8.41
N SER A 53 13.85 6.93 -9.52
CA SER A 53 15.06 6.65 -10.31
C SER A 53 14.93 5.37 -11.16
N CYS A 54 14.30 4.33 -10.62
CA CYS A 54 14.18 3.08 -11.37
C CYS A 54 12.96 3.07 -12.29
N GLY A 55 12.19 4.14 -12.28
CA GLY A 55 11.21 4.38 -13.32
C GLY A 55 9.87 3.68 -13.12
N GLU A 56 9.88 2.35 -13.22
CA GLU A 56 8.64 1.54 -13.29
C GLU A 56 7.57 1.99 -12.31
N PHE A 57 6.45 2.43 -12.83
CA PHE A 57 5.31 2.80 -12.00
C PHE A 57 4.53 1.55 -11.62
N ILE A 58 4.34 1.35 -10.33
CA ILE A 58 3.70 0.14 -9.84
C ILE A 58 2.49 0.46 -8.97
N GLU A 59 1.34 -0.04 -9.38
CA GLU A 59 0.13 0.09 -8.59
C GLU A 59 0.10 -1.00 -7.54
N MET A 60 -0.39 -0.68 -6.35
CA MET A 60 -0.39 -1.64 -5.26
C MET A 60 -1.75 -1.69 -4.57
N LYS A 61 -2.15 -2.89 -4.20
CA LYS A 61 -3.42 -3.10 -3.51
C LYS A 61 -3.20 -3.16 -2.01
N ALA A 62 -3.88 -2.29 -1.28
CA ALA A 62 -3.82 -2.27 0.16
C ALA A 62 -4.70 -3.37 0.74
N LEU A 63 -4.10 -4.50 1.02
CA LEU A 63 -4.84 -5.64 1.55
C LEU A 63 -4.68 -5.74 3.05
N CYS A 64 -5.74 -6.18 3.72
CA CYS A 64 -5.65 -6.52 5.14
C CYS A 64 -5.06 -7.91 5.25
N PRO A 65 -3.87 -8.04 5.86
CA PRO A 65 -3.11 -9.30 5.88
C PRO A 65 -3.88 -10.43 6.55
N ASP A 66 -4.73 -10.07 7.48
CA ASP A 66 -5.50 -11.03 8.24
C ASP A 66 -6.85 -11.34 7.58
N CYS A 67 -7.09 -10.75 6.41
CA CYS A 67 -8.35 -10.97 5.69
C CYS A 67 -8.11 -11.35 4.23
N HIS A 68 -6.98 -10.90 3.68
CA HIS A 68 -6.65 -11.07 2.25
C HIS A 68 -7.59 -10.22 1.40
N GLN A 69 -8.37 -9.38 2.07
CA GLN A 69 -9.33 -8.50 1.41
C GLN A 69 -8.82 -7.07 1.46
N PRO A 70 -9.04 -6.28 0.39
CA PRO A 70 -8.65 -4.87 0.36
C PRO A 70 -9.25 -4.05 1.50
N LEU A 71 -8.56 -2.99 1.88
CA LEU A 71 -9.01 -2.10 2.93
C LEU A 71 -9.88 -0.98 2.36
N GLN A 72 -10.80 -0.49 3.16
CA GLN A 72 -11.63 0.63 2.77
C GLN A 72 -10.89 1.93 3.01
N VAL A 73 -10.59 2.65 1.93
CA VAL A 73 -9.95 3.94 2.05
C VAL A 73 -10.94 4.99 2.54
N LEU A 74 -10.76 5.44 3.76
CA LEU A 74 -11.61 6.47 4.33
C LEU A 74 -11.18 7.82 3.80
N LYS A 75 -11.95 8.34 2.86
CA LYS A 75 -11.62 9.59 2.20
C LYS A 75 -12.49 10.72 2.74
N ALA A 76 -11.88 11.64 3.47
CA ALA A 76 -12.58 12.79 4.02
C ALA A 76 -11.99 14.08 3.49
N CYS A 77 -12.33 15.20 4.11
CA CYS A 77 -11.87 16.52 3.67
C CYS A 77 -10.35 16.57 3.64
N GLY A 78 -9.73 16.24 4.76
CA GLY A 78 -8.28 16.23 4.84
C GLY A 78 -7.78 15.01 5.60
N ALA A 79 -8.59 13.97 5.60
CA ALA A 79 -8.26 12.76 6.32
C ALA A 79 -8.36 11.55 5.40
N VAL A 80 -7.32 10.74 5.40
CA VAL A 80 -7.30 9.49 4.66
C VAL A 80 -6.91 8.36 5.60
N ASP A 81 -7.76 7.35 5.71
CA ASP A 81 -7.49 6.26 6.64
C ASP A 81 -7.81 4.91 6.01
N TYR A 82 -7.56 3.84 6.75
CA TYR A 82 -7.72 2.48 6.24
C TYR A 82 -8.60 1.65 7.18
N PHE A 83 -9.82 1.37 6.76
CA PHE A 83 -10.76 0.64 7.57
C PHE A 83 -10.89 -0.81 7.11
N CYS A 84 -10.89 -1.74 8.05
CA CYS A 84 -11.03 -3.14 7.73
C CYS A 84 -12.49 -3.58 7.82
N GLN A 85 -13.18 -3.57 6.69
CA GLN A 85 -14.54 -4.07 6.62
C GLN A 85 -14.55 -5.57 6.77
N HIS A 86 -14.74 -6.02 8.00
CA HIS A 86 -14.74 -7.43 8.36
C HIS A 86 -14.78 -7.53 9.88
N GLY A 87 -14.23 -6.53 10.55
CA GLY A 87 -14.24 -6.50 11.99
C GLY A 87 -12.86 -6.48 12.61
N HIS A 88 -12.00 -5.60 12.10
CA HIS A 88 -10.66 -5.43 12.69
C HIS A 88 -10.38 -3.98 12.98
N GLY A 89 -11.33 -3.11 12.63
CA GLY A 89 -11.17 -1.70 12.88
C GLY A 89 -10.24 -1.04 11.89
N LEU A 90 -9.47 -0.07 12.37
CA LEU A 90 -8.53 0.65 11.52
C LEU A 90 -7.18 -0.06 11.48
N ILE A 91 -6.61 -0.17 10.30
CA ILE A 91 -5.33 -0.85 10.12
C ILE A 91 -4.20 0.15 10.03
N SER A 92 -3.14 -0.08 10.81
CA SER A 92 -1.94 0.74 10.77
C SER A 92 -1.34 0.70 9.36
N LYS A 93 -0.71 1.81 8.97
CA LYS A 93 -0.15 1.94 7.63
C LYS A 93 1.01 0.96 7.42
N LYS A 94 1.55 0.45 8.53
CA LYS A 94 2.61 -0.55 8.48
C LYS A 94 2.01 -1.96 8.44
N ARG A 95 0.75 -2.08 8.83
CA ARG A 95 0.08 -3.38 8.88
C ARG A 95 -0.67 -3.64 7.58
N VAL A 96 -0.38 -2.85 6.56
CA VAL A 96 -1.03 -3.00 5.28
C VAL A 96 -0.20 -3.88 4.36
N GLU A 97 -0.83 -4.91 3.80
CA GLU A 97 -0.16 -5.79 2.86
C GLU A 97 -0.25 -5.19 1.45
N PHE A 98 0.87 -4.69 0.96
CA PHE A 98 0.92 -4.10 -0.38
C PHE A 98 1.30 -5.15 -1.41
N VAL A 99 0.33 -5.54 -2.23
CA VAL A 99 0.59 -6.45 -3.32
C VAL A 99 0.60 -5.70 -4.65
N LEU A 100 1.39 -6.19 -5.60
CA LEU A 100 1.50 -5.55 -6.90
C LEU A 100 0.25 -5.78 -7.72
N ALA A 101 -0.23 -4.75 -8.38
CA ALA A 101 -1.40 -4.83 -9.22
C ALA A 101 -0.98 -5.04 -10.68
#